data_3JBQ
#
_entry.id   3JBQ
#
_cell.length_a   1
_cell.length_b   1
_cell.length_c   1
_cell.angle_alpha   90
_cell.angle_beta   90
_cell.angle_gamma   90
#
_symmetry.space_group_name_H-M   'P 1'
#
loop_
_entity.id
_entity.type
_entity.pdbx_description
1 polymer 'IgG1-kappa 2E8 light chain'
2 polymer 'IgG1-kappa 2E8 heavy chain'
3 polymer 'phosphodiesterase 5/6 chimera catalytic domain'
4 polymer 'phosphodiesterase 6 gamma subunit inhibitory peptide'
5 polymer 'GafB domain of phosphodiesterase 2A'
6 polymer 'GafA domain of cone phosphodiesterase 6C'
#
loop_
_entity_poly.entity_id
_entity_poly.type
_entity_poly.pdbx_seq_one_letter_code
_entity_poly.pdbx_strand_id
1 'polypeptide(L)'
;DIVMTQSQKFMSTSVGDRVSITCKASQNVGTAVAWYQQKPGQSPKLMIYSASNRYTGVPDRFTGSGSGTDFTLTISNMQS
EDLADYFCQQYSSYPLTFGAGTKLELKRADAAPTVSIFPPSSEQLTSGGASVVCFLNNFYPKDINVKWKIDGSERQNGVL
NSATDQDSKDSTYSMSSTLTLTKDEYERHNSYTCEATHKTSTSPIVKSFNRNEC
;
L,l
2 'polypeptide(L)'
;EVQLQQSGAEVVRSGASVKLSCTASGFNIKDYYIHWVKQRPEKGLEWIGWIDEIGDTEYVPKFQGKATMTADTSSNTAYL
QLSSLTSEDTAVYYCNAGHDYDRGRFPYWGQGTLVTVSAAKTTPPSVYPLAPGSAAQTNSMVTLGCLVKGYFPEPVTVTW
NSGSLSSGVHTFPAVLQSDLYTLSSSVTVPSSTWPSETVTCNVAHPASSTKVDKKIVPRD
;
H,h
3 'polypeptide(L)'
;GSHMEETRELQSLAAAVVPSAQTLKITDFSFSDFELSDLETALCTIRMFTDLNLVQNFQMKHEVLCRWILSVKKNYRKNV
AYHNWRHAFNTAQCMFAALKAGKIQNKLTDLEILALLIAALSHDLDHRGVNNSYIQRSEHPLAQLYCHSIMEHHHFDQCL
MILNSPGNQILSGLSIEEYKTTLKIIKQAILATDLALYIKRRGEFFELIRKNQFNLEDPHQKELFLAMLMTACDLSAITK
PWPIQQRIAELVATEFWEQGDLERTVLQQQPIPMMDRNKRDELPKLQVGFIDFVCTQLYEALTHVSEDCFPLLDGCRKNR
QKWQALAEQQ
;
B,F
4 'polypeptide(L)' WEAFNHLELHELAQYGII D,X
5 'polypeptide(L)'
;QKLKCECQALLQVAKNLFTHLDDVSVLLQEIITEARNLSNAEICSVFLLDQNELVAKVFDGGVVDDESYEIRIPADQGIA
GHVATTGQILNIPDAYAHPLFYRGVDDSTGFRTRNILCFPIKNENQEVIGVAELVNKINGPWFSKFDEDLATAFSIYCGI
SIAHSLLYKKVNEAQYRSHLANEMM
;
C,G
6 'polypeptide(L)'
;MRLEECNILFELLTEIQDEAGSMEKIVHKTLQRLSQLLAADRCSMFICRSRNGIPEVATRLLNVTPTSKFEDNLVNPDKE
TVFPLDIGIAGWVAHTKKFFNIPDVKKNNHFSDYLDKKTGYTTVNMMAIPITQGKEVLAVVMALNKLNASEFSKEDEEVF
KKYLNFISLVLRLEHHHHHHHHHHHH
;
1,2
#
# COMPACT_ATOMS: atom_id res chain seq x y z
N ASP A 1 25.73 -28.25 -30.91
CA ASP A 1 26.82 -28.29 -29.94
C ASP A 1 27.44 -26.91 -29.76
N ILE A 2 28.46 -26.81 -28.92
CA ILE A 2 29.04 -25.50 -28.60
C ILE A 2 30.57 -25.53 -28.61
N VAL A 3 31.16 -25.25 -29.78
CA VAL A 3 32.63 -25.24 -29.92
C VAL A 3 33.29 -24.10 -29.13
N MET A 4 34.42 -24.41 -28.51
CA MET A 4 35.17 -23.43 -27.72
C MET A 4 36.38 -22.90 -28.49
N THR A 5 36.11 -22.19 -29.58
CA THR A 5 37.18 -21.68 -30.44
C THR A 5 38.07 -20.65 -29.73
N GLN A 6 39.38 -20.73 -29.97
CA GLN A 6 40.32 -19.71 -29.51
C GLN A 6 41.15 -19.16 -30.65
N SER A 7 40.90 -17.90 -31.00
CA SER A 7 41.71 -17.20 -31.99
C SER A 7 43.14 -17.01 -31.50
N GLN A 8 43.27 -16.88 -30.18
CA GLN A 8 44.60 -16.74 -29.56
C GLN A 8 45.40 -18.02 -29.68
N LYS A 9 46.68 -17.88 -30.04
CA LYS A 9 47.58 -19.02 -30.19
C LYS A 9 48.99 -18.74 -29.66
N PHE A 10 49.72 -17.88 -30.37
CA PHE A 10 51.14 -17.67 -30.07
C PHE A 10 51.52 -16.19 -30.01
N MET A 11 50.84 -15.42 -29.17
CA MET A 11 51.18 -14.01 -29.02
C MET A 11 52.55 -13.81 -28.42
N SER A 12 53.29 -12.85 -28.94
CA SER A 12 54.59 -12.49 -28.39
C SER A 12 54.50 -11.22 -27.55
N THR A 13 54.32 -11.38 -26.25
CA THR A 13 54.21 -10.23 -25.34
C THR A 13 55.18 -10.35 -24.17
N SER A 14 55.66 -9.20 -23.69
CA SER A 14 56.66 -9.16 -22.63
C SER A 14 56.11 -9.63 -21.28
N VAL A 15 56.98 -10.17 -20.45
CA VAL A 15 56.62 -10.62 -19.11
C VAL A 15 56.08 -9.45 -18.28
N GLY A 16 54.99 -9.70 -17.55
CA GLY A 16 54.38 -8.71 -16.70
C GLY A 16 53.33 -7.90 -17.41
N ASP A 17 53.26 -8.03 -18.72
CA ASP A 17 52.20 -7.38 -19.49
C ASP A 17 50.88 -8.10 -19.32
N ARG A 18 49.78 -7.35 -19.35
CA ARG A 18 48.45 -7.93 -19.34
C ARG A 18 48.20 -8.55 -20.71
N VAL A 19 47.48 -9.68 -20.73
CA VAL A 19 47.22 -10.33 -22.02
C VAL A 19 45.88 -11.06 -21.95
N SER A 20 45.20 -11.16 -23.09
CA SER A 20 43.85 -11.73 -23.11
C SER A 20 43.75 -12.95 -24.02
N ILE A 21 43.39 -14.09 -23.43
CA ILE A 21 43.19 -15.32 -24.19
C ILE A 21 41.71 -15.45 -24.56
N THR A 22 41.35 -14.97 -25.74
CA THR A 22 39.96 -14.95 -26.17
C THR A 22 39.41 -16.34 -26.46
N CYS A 23 38.11 -16.50 -26.23
CA CYS A 23 37.38 -17.71 -26.55
C CYS A 23 35.92 -17.34 -26.76
N LYS A 24 35.15 -18.19 -27.43
CA LYS A 24 33.77 -17.84 -27.71
C LYS A 24 32.85 -19.05 -27.88
N ALA A 25 31.90 -19.19 -26.97
CA ALA A 25 30.86 -20.21 -27.09
C ALA A 25 29.92 -19.89 -28.25
N SER A 26 29.51 -20.93 -28.98
CA SER A 26 28.57 -20.74 -30.09
C SER A 26 27.14 -20.61 -29.58
N GLN A 27 26.92 -20.96 -28.32
CA GLN A 27 25.59 -20.96 -27.72
C GLN A 27 25.69 -20.60 -26.24
N ASN A 28 24.54 -20.34 -25.62
CA ASN A 28 24.49 -20.00 -24.20
C ASN A 28 24.98 -21.15 -23.33
N VAL A 29 25.71 -20.82 -22.28
CA VAL A 29 26.25 -21.82 -21.38
C VAL A 29 26.04 -21.45 -19.91
N GLY A 30 25.51 -20.24 -19.70
CA GLY A 30 25.38 -19.72 -18.36
C GLY A 30 26.74 -19.37 -17.78
N THR A 31 26.84 -19.32 -16.46
CA THR A 31 28.10 -19.03 -15.80
C THR A 31 29.01 -20.25 -15.77
N ALA A 32 28.46 -21.40 -16.17
CA ALA A 32 29.22 -22.65 -16.15
C ALA A 32 30.33 -22.63 -17.19
N VAL A 33 31.49 -22.10 -16.79
CA VAL A 33 32.64 -21.93 -17.68
C VAL A 33 33.91 -22.39 -16.96
N ALA A 34 34.84 -23.00 -17.69
CA ALA A 34 36.05 -23.51 -17.07
C ALA A 34 37.31 -23.28 -17.90
N TRP A 35 38.11 -22.30 -17.51
CA TRP A 35 39.42 -22.06 -18.13
C TRP A 35 40.51 -23.01 -17.64
N TYR A 36 41.47 -23.31 -18.51
CA TYR A 36 42.52 -24.30 -18.22
C TYR A 36 43.93 -23.94 -18.67
N GLN A 37 44.91 -24.42 -17.91
CA GLN A 37 46.33 -24.16 -18.12
C GLN A 37 47.06 -25.33 -18.81
N GLN A 38 46.90 -25.43 -20.12
CA GLN A 38 47.45 -26.54 -20.89
C GLN A 38 48.97 -26.49 -21.12
N LYS A 39 49.59 -27.66 -21.23
CA LYS A 39 50.95 -27.75 -21.76
C LYS A 39 51.03 -28.88 -22.78
N PRO A 40 51.84 -28.70 -23.84
CA PRO A 40 52.12 -29.83 -24.72
C PRO A 40 52.87 -30.94 -23.97
N GLY A 41 52.51 -32.19 -24.22
CA GLY A 41 53.27 -33.33 -23.73
C GLY A 41 53.24 -33.47 -22.22
N GLN A 42 52.42 -32.65 -21.56
CA GLN A 42 52.43 -32.51 -20.11
C GLN A 42 51.07 -32.08 -19.59
N SER A 43 50.85 -32.26 -18.29
CA SER A 43 49.52 -32.11 -17.70
C SER A 43 49.04 -30.66 -17.63
N PRO A 44 47.88 -30.39 -18.25
CA PRO A 44 47.11 -29.16 -18.09
C PRO A 44 46.59 -28.96 -16.67
N LYS A 45 46.50 -27.70 -16.22
CA LYS A 45 45.81 -27.39 -14.98
C LYS A 45 44.54 -26.61 -15.26
N LEU A 46 43.60 -26.66 -14.33
CA LEU A 46 42.43 -25.79 -14.40
C LEU A 46 42.88 -24.35 -14.14
N MET A 47 42.14 -23.39 -14.68
CA MET A 47 42.36 -22.00 -14.36
C MET A 47 41.16 -21.44 -13.62
N ILE A 48 40.01 -21.50 -14.26
CA ILE A 48 38.80 -20.89 -13.73
C ILE A 48 37.64 -21.88 -13.79
N TYR A 49 36.71 -21.80 -12.83
CA TYR A 49 35.46 -22.54 -12.96
C TYR A 49 34.31 -21.61 -12.57
N SER A 50 33.11 -21.91 -13.04
CA SER A 50 31.94 -21.08 -12.80
C SER A 50 32.20 -19.63 -13.22
N ALA A 51 32.78 -19.48 -14.41
CA ALA A 51 33.07 -18.18 -15.02
C ALA A 51 34.10 -17.35 -14.26
N SER A 52 33.98 -17.30 -12.94
CA SER A 52 34.85 -16.47 -12.13
C SER A 52 35.72 -17.25 -11.16
N ASN A 53 35.15 -18.24 -10.50
CA ASN A 53 35.85 -18.96 -9.44
C ASN A 53 37.12 -19.65 -9.95
N ARG A 54 38.20 -19.50 -9.20
CA ARG A 54 39.53 -19.90 -9.64
C ARG A 54 39.94 -21.31 -9.16
N TYR A 55 40.78 -21.96 -9.96
CA TYR A 55 41.33 -23.28 -9.65
C TYR A 55 42.21 -23.31 -8.41
N THR A 56 42.17 -24.44 -7.70
CA THR A 56 42.96 -24.60 -6.48
C THR A 56 44.43 -24.85 -6.82
N GLY A 57 45.29 -23.96 -6.35
CA GLY A 57 46.72 -24.10 -6.54
C GLY A 57 47.32 -23.25 -7.65
N VAL A 58 46.48 -22.77 -8.57
CA VAL A 58 46.94 -21.80 -9.56
C VAL A 58 47.03 -20.43 -8.89
N PRO A 59 48.03 -19.62 -9.27
CA PRO A 59 48.17 -18.27 -8.72
C PRO A 59 46.99 -17.35 -9.05
N ASP A 60 46.70 -16.44 -8.13
CA ASP A 60 45.56 -15.53 -8.27
C ASP A 60 45.86 -14.36 -9.18
N ARG A 61 47.12 -14.20 -9.58
CA ARG A 61 47.51 -13.08 -10.42
C ARG A 61 46.79 -13.12 -11.76
N PHE A 62 46.41 -14.32 -12.18
CA PHE A 62 45.63 -14.53 -13.41
C PHE A 62 44.22 -13.99 -13.24
N THR A 63 43.62 -13.54 -14.33
CA THR A 63 42.18 -13.29 -14.35
C THR A 63 41.56 -14.11 -15.47
N GLY A 64 40.34 -14.57 -15.26
CA GLY A 64 39.68 -15.40 -16.25
C GLY A 64 38.18 -15.37 -16.14
N SER A 65 37.53 -14.83 -17.16
CA SER A 65 36.08 -14.66 -17.12
C SER A 65 35.43 -14.77 -18.49
N GLY A 66 34.28 -14.13 -18.62
CA GLY A 66 33.44 -14.28 -19.79
C GLY A 66 32.33 -15.25 -19.46
N SER A 67 31.18 -15.09 -20.12
CA SER A 67 30.01 -15.90 -19.78
C SER A 67 29.01 -15.95 -20.92
N GLY A 68 28.16 -16.98 -20.90
CA GLY A 68 27.16 -17.16 -21.94
C GLY A 68 27.81 -17.54 -23.26
N THR A 69 28.39 -16.54 -23.93
CA THR A 69 29.07 -16.77 -25.20
C THR A 69 30.51 -16.28 -25.16
N ASP A 70 30.68 -14.96 -25.13
CA ASP A 70 32.01 -14.37 -25.15
C ASP A 70 32.80 -14.73 -23.89
N PHE A 71 34.06 -15.11 -24.10
CA PHE A 71 34.94 -15.63 -23.06
C PHE A 71 36.33 -15.01 -23.19
N THR A 72 36.99 -14.80 -22.06
CA THR A 72 38.38 -14.31 -22.11
C THR A 72 39.17 -14.64 -20.84
N LEU A 73 40.27 -15.36 -21.01
CA LEU A 73 41.22 -15.60 -19.94
C LEU A 73 42.29 -14.52 -19.94
N THR A 74 42.03 -13.43 -19.24
CA THR A 74 42.98 -12.34 -19.20
C THR A 74 44.05 -12.59 -18.14
N ILE A 75 45.15 -13.20 -18.57
CA ILE A 75 46.29 -13.37 -17.69
C ILE A 75 46.90 -12.00 -17.34
N SER A 76 47.20 -11.83 -16.07
CA SER A 76 47.83 -10.61 -15.56
C SER A 76 49.02 -11.01 -14.69
N ASN A 77 49.99 -10.11 -14.58
CA ASN A 77 51.26 -10.41 -13.92
C ASN A 77 51.89 -11.64 -14.57
N MET A 78 51.79 -11.70 -15.90
CA MET A 78 52.16 -12.88 -16.67
C MET A 78 53.63 -13.25 -16.44
N GLN A 79 53.89 -14.55 -16.39
CA GLN A 79 55.23 -15.04 -16.15
C GLN A 79 55.67 -15.95 -17.29
N SER A 80 56.93 -16.39 -17.26
CA SER A 80 57.41 -17.32 -18.27
C SER A 80 56.70 -18.68 -18.16
N GLU A 81 56.29 -19.04 -16.96
CA GLU A 81 55.50 -20.25 -16.77
C GLU A 81 54.11 -20.07 -17.36
N ASP A 82 53.72 -18.80 -17.50
CA ASP A 82 52.42 -18.46 -18.04
C ASP A 82 52.50 -18.52 -19.56
N LEU A 83 53.71 -18.70 -20.07
CA LEU A 83 53.94 -18.74 -21.51
C LEU A 83 53.73 -20.13 -22.09
N ALA A 84 52.73 -20.83 -21.58
CA ALA A 84 52.36 -22.15 -22.07
C ALA A 84 50.94 -22.13 -22.60
N ASP A 85 50.43 -23.29 -23.02
CA ASP A 85 49.10 -23.37 -23.61
C ASP A 85 48.00 -23.05 -22.60
N TYR A 86 46.86 -22.60 -23.10
CA TYR A 86 45.66 -22.43 -22.29
C TYR A 86 44.44 -22.75 -23.15
N PHE A 87 43.43 -23.37 -22.55
CA PHE A 87 42.22 -23.65 -23.32
C PHE A 87 40.96 -23.48 -22.50
N CYS A 88 39.96 -22.89 -23.14
CA CYS A 88 38.64 -22.76 -22.56
C CYS A 88 37.88 -24.07 -22.66
N GLN A 89 36.98 -24.29 -21.71
CA GLN A 89 36.10 -25.46 -21.71
C GLN A 89 34.72 -25.09 -21.19
N GLN A 90 33.69 -25.67 -21.78
CA GLN A 90 32.40 -25.69 -21.12
C GLN A 90 32.25 -27.02 -20.39
N TYR A 91 31.79 -26.95 -19.15
CA TYR A 91 31.29 -28.12 -18.47
C TYR A 91 29.77 -27.96 -18.42
N SER A 92 29.32 -26.88 -19.05
CA SER A 92 27.91 -26.51 -19.10
C SER A 92 27.02 -27.46 -19.88
N SER A 93 27.54 -28.07 -20.95
CA SER A 93 26.68 -28.86 -21.82
C SER A 93 27.41 -29.94 -22.62
N TYR A 94 26.78 -31.10 -22.70
CA TYR A 94 27.30 -32.22 -23.49
C TYR A 94 27.06 -32.03 -24.99
N PRO A 95 28.00 -32.50 -25.83
CA PRO A 95 29.37 -32.88 -25.48
C PRO A 95 30.19 -31.67 -25.02
N LEU A 96 31.10 -31.87 -24.07
CA LEU A 96 31.97 -30.78 -23.64
C LEU A 96 32.97 -30.46 -24.75
N THR A 97 33.26 -29.17 -24.95
CA THR A 97 34.19 -28.77 -26.00
C THR A 97 35.31 -27.91 -25.42
N PHE A 98 36.37 -27.72 -26.21
CA PHE A 98 37.65 -27.27 -25.68
C PHE A 98 38.36 -26.24 -26.55
N GLY A 99 39.21 -25.43 -25.92
CA GLY A 99 39.91 -24.36 -26.62
C GLY A 99 40.97 -24.88 -27.55
N ALA A 100 41.33 -24.06 -28.53
CA ALA A 100 42.34 -24.42 -29.53
C ALA A 100 43.73 -24.50 -28.88
N GLY A 101 43.84 -23.92 -27.69
CA GLY A 101 45.12 -23.83 -27.02
C GLY A 101 45.75 -22.51 -27.37
N THR A 102 46.66 -22.02 -26.53
CA THR A 102 47.31 -20.75 -26.78
C THR A 102 48.67 -20.69 -26.08
N LYS A 103 49.73 -20.89 -26.85
CA LYS A 103 51.08 -20.93 -26.27
C LYS A 103 51.69 -19.53 -26.25
N LEU A 104 51.54 -18.86 -25.12
CA LEU A 104 51.97 -17.48 -24.95
C LEU A 104 53.49 -17.36 -25.12
N GLU A 105 53.95 -16.23 -25.66
CA GLU A 105 55.38 -16.06 -25.94
C GLU A 105 55.92 -14.75 -25.40
N LEU A 106 57.08 -14.80 -24.76
CA LEU A 106 57.75 -13.58 -24.33
C LEU A 106 58.21 -12.77 -25.54
N LYS A 107 57.99 -11.46 -25.47
CA LYS A 107 58.37 -10.54 -26.53
C LYS A 107 59.88 -10.32 -26.53
N ARG A 108 60.44 -10.02 -27.69
CA ARG A 108 61.87 -9.75 -27.80
C ARG A 108 62.14 -8.91 -29.04
N ALA A 109 63.34 -8.33 -29.12
CA ALA A 109 63.70 -7.50 -30.27
C ALA A 109 63.89 -8.34 -31.52
N ASP A 110 63.64 -7.75 -32.68
CA ASP A 110 63.86 -8.42 -33.95
C ASP A 110 65.33 -8.75 -34.12
N ALA A 111 65.60 -9.98 -34.53
CA ALA A 111 66.97 -10.45 -34.69
C ALA A 111 67.10 -11.28 -35.96
N ALA A 112 68.09 -10.93 -36.79
CA ALA A 112 68.26 -11.61 -38.05
C ALA A 112 68.74 -13.04 -37.85
N PRO A 113 68.01 -14.01 -38.41
CA PRO A 113 68.40 -15.42 -38.41
C PRO A 113 69.70 -15.66 -39.19
N THR A 114 70.50 -16.62 -38.75
CA THR A 114 71.70 -16.99 -39.48
C THR A 114 71.28 -17.95 -40.59
N VAL A 115 70.98 -17.38 -41.75
CA VAL A 115 70.62 -18.13 -42.95
C VAL A 115 71.85 -18.78 -43.59
N SER A 116 71.68 -19.95 -44.20
CA SER A 116 72.71 -20.57 -45.04
C SER A 116 72.19 -21.76 -45.83
N ILE A 117 71.99 -21.57 -47.14
CA ILE A 117 71.68 -22.67 -48.04
C ILE A 117 72.91 -23.57 -48.26
N PHE A 118 72.69 -24.89 -48.26
CA PHE A 118 73.75 -25.85 -48.53
C PHE A 118 73.32 -26.84 -49.62
N PRO A 119 74.29 -27.27 -50.44
CA PRO A 119 74.19 -28.32 -51.46
C PRO A 119 73.90 -29.70 -50.87
N PRO A 120 73.12 -30.51 -51.58
CA PRO A 120 73.21 -31.96 -51.33
C PRO A 120 74.62 -32.43 -51.65
N SER A 121 75.13 -33.39 -50.90
CA SER A 121 76.47 -33.91 -51.15
C SER A 121 76.50 -34.78 -52.40
N SER A 122 77.66 -34.90 -53.04
CA SER A 122 77.80 -35.83 -54.15
C SER A 122 77.59 -37.25 -53.64
N GLU A 123 77.96 -37.47 -52.39
CA GLU A 123 77.71 -38.73 -51.72
C GLU A 123 76.20 -38.97 -51.61
N GLN A 124 75.46 -37.88 -51.42
CA GLN A 124 74.00 -37.91 -51.51
C GLN A 124 73.53 -38.14 -52.94
N LEU A 125 74.28 -37.61 -53.90
CA LEU A 125 73.94 -37.78 -55.31
C LEU A 125 74.07 -39.23 -55.73
N THR A 126 74.93 -39.97 -55.03
CA THR A 126 75.07 -41.40 -55.27
C THR A 126 73.79 -42.15 -54.91
N SER A 127 73.04 -41.59 -53.97
CA SER A 127 71.78 -42.20 -53.53
C SER A 127 70.69 -42.06 -54.59
N GLY A 128 70.90 -41.16 -55.54
CA GLY A 128 69.90 -40.90 -56.56
C GLY A 128 68.88 -39.87 -56.13
N GLY A 129 69.04 -39.34 -54.92
CA GLY A 129 68.15 -38.31 -54.42
C GLY A 129 68.91 -37.10 -53.93
N ALA A 130 68.25 -35.95 -53.86
CA ALA A 130 68.93 -34.73 -53.43
C ALA A 130 67.97 -33.71 -52.81
N SER A 131 68.14 -33.46 -51.52
CA SER A 131 67.39 -32.42 -50.83
C SER A 131 68.26 -31.18 -50.60
N VAL A 132 68.06 -30.15 -51.43
CA VAL A 132 68.79 -28.91 -51.24
C VAL A 132 68.35 -28.32 -49.92
N VAL A 133 69.26 -27.76 -49.13
CA VAL A 133 68.88 -27.41 -47.78
C VAL A 133 69.18 -25.94 -47.49
N CYS A 134 68.63 -25.40 -46.41
CA CYS A 134 69.01 -24.09 -45.91
C CYS A 134 68.73 -24.04 -44.41
N PHE A 135 69.58 -23.34 -43.66
CA PHE A 135 69.40 -23.28 -42.21
C PHE A 135 69.28 -21.85 -41.72
N LEU A 136 68.21 -21.57 -41.00
CA LEU A 136 67.99 -20.21 -40.52
C LEU A 136 68.03 -20.23 -39.00
N ASN A 137 69.00 -19.52 -38.43
CA ASN A 137 69.28 -19.68 -37.00
C ASN A 137 68.89 -18.51 -36.11
N ASN A 138 67.89 -18.73 -35.27
CA ASN A 138 67.50 -17.80 -34.20
C ASN A 138 66.97 -16.45 -34.70
N PHE A 139 65.67 -16.23 -34.54
CA PHE A 139 64.99 -15.05 -35.05
C PHE A 139 63.68 -14.74 -34.33
N TYR A 140 63.24 -13.49 -34.38
CA TYR A 140 61.92 -13.09 -33.90
C TYR A 140 61.22 -12.20 -34.91
N PRO A 141 59.90 -12.41 -35.10
CA PRO A 141 59.08 -13.45 -34.49
C PRO A 141 59.02 -14.74 -35.30
N LYS A 142 57.94 -15.49 -35.11
CA LYS A 142 57.74 -16.76 -35.79
C LYS A 142 56.99 -16.55 -37.11
N ASP A 143 56.86 -15.28 -37.50
CA ASP A 143 56.18 -14.93 -38.75
C ASP A 143 57.17 -14.88 -39.90
N ILE A 144 58.23 -15.68 -39.78
CA ILE A 144 59.31 -15.72 -40.76
C ILE A 144 58.84 -16.16 -42.14
N ASN A 145 59.40 -15.54 -43.18
CA ASN A 145 59.09 -15.97 -44.54
C ASN A 145 60.33 -16.46 -45.29
N VAL A 146 60.51 -17.78 -45.29
CA VAL A 146 61.57 -18.43 -46.04
C VAL A 146 61.31 -18.29 -47.54
N LYS A 147 62.38 -18.12 -48.32
CA LYS A 147 62.23 -17.87 -49.75
C LYS A 147 63.26 -18.65 -50.58
N TRP A 148 62.87 -19.83 -51.03
CA TRP A 148 63.71 -20.67 -51.87
C TRP A 148 63.84 -20.16 -53.31
N LYS A 149 64.96 -20.51 -53.93
CA LYS A 149 65.18 -20.21 -55.34
C LYS A 149 65.95 -21.30 -56.07
N ILE A 150 65.22 -22.24 -56.67
CA ILE A 150 65.83 -23.14 -57.64
C ILE A 150 65.99 -22.38 -58.96
N ASP A 151 67.24 -22.25 -59.40
CA ASP A 151 67.57 -21.46 -60.58
C ASP A 151 66.99 -20.05 -60.47
N GLY A 152 66.89 -19.56 -59.25
CA GLY A 152 66.31 -18.26 -58.97
C GLY A 152 64.79 -18.31 -58.83
N SER A 153 64.20 -19.47 -59.02
CA SER A 153 62.75 -19.60 -59.00
C SER A 153 62.20 -20.09 -57.65
N GLU A 154 61.11 -19.48 -57.20
CA GLU A 154 60.50 -19.81 -55.92
C GLU A 154 59.94 -21.24 -55.91
N ARG A 155 60.07 -21.89 -54.77
CA ARG A 155 59.57 -23.26 -54.59
C ARG A 155 58.74 -23.39 -53.32
N GLN A 156 57.44 -23.68 -53.48
CA GLN A 156 56.58 -23.89 -52.33
C GLN A 156 56.15 -25.36 -52.22
N ASN A 157 56.34 -26.10 -53.30
CA ASN A 157 56.11 -27.54 -53.29
C ASN A 157 57.41 -28.31 -53.51
N GLY A 158 57.57 -29.42 -52.79
CA GLY A 158 58.80 -30.18 -52.83
C GLY A 158 59.71 -29.72 -51.71
N VAL A 159 59.45 -28.52 -51.19
CA VAL A 159 60.12 -28.04 -49.99
C VAL A 159 59.50 -28.65 -48.76
N LEU A 160 60.30 -28.74 -47.70
CA LEU A 160 59.81 -29.17 -46.39
C LEU A 160 60.45 -28.31 -45.32
N ASN A 161 60.00 -28.45 -44.08
CA ASN A 161 60.50 -27.61 -43.00
C ASN A 161 60.83 -28.41 -41.75
N SER A 162 61.78 -27.91 -40.97
CA SER A 162 62.18 -28.52 -39.71
C SER A 162 62.62 -27.42 -38.76
N ALA A 163 61.78 -27.09 -37.80
CA ALA A 163 62.02 -25.89 -37.00
C ALA A 163 61.65 -26.02 -35.53
N THR A 164 62.52 -25.50 -34.67
CA THR A 164 62.22 -25.33 -33.26
C THR A 164 61.28 -24.15 -33.07
N ASP A 165 60.51 -24.16 -31.99
CA ASP A 165 59.60 -23.05 -31.70
C ASP A 165 60.00 -22.27 -30.45
N GLN A 166 59.02 -22.04 -29.58
CA GLN A 166 59.20 -21.18 -28.42
C GLN A 166 60.19 -21.68 -27.36
N ASP A 167 61.03 -20.76 -26.89
CA ASP A 167 61.79 -20.96 -25.66
C ASP A 167 60.93 -20.48 -24.50
N SER A 168 61.03 -21.16 -23.35
CA SER A 168 60.19 -20.84 -22.21
C SER A 168 60.47 -19.43 -21.69
N LYS A 169 61.68 -18.95 -21.91
CA LYS A 169 62.05 -17.60 -21.51
C LYS A 169 61.85 -16.65 -22.68
N ASP A 170 62.96 -16.25 -23.32
CA ASP A 170 62.95 -15.22 -24.34
C ASP A 170 62.18 -15.61 -25.60
N SER A 171 61.97 -16.91 -25.77
CA SER A 171 61.25 -17.46 -26.93
C SER A 171 61.95 -17.12 -28.24
N THR A 172 63.21 -17.51 -28.35
CA THR A 172 63.92 -17.43 -29.63
C THR A 172 63.34 -18.47 -30.59
N TYR A 173 63.32 -18.13 -31.88
CA TYR A 173 62.72 -19.00 -32.88
C TYR A 173 63.78 -19.40 -33.90
N SER A 174 63.85 -20.68 -34.24
CA SER A 174 64.82 -21.14 -35.24
C SER A 174 64.12 -21.99 -36.28
N MET A 175 64.65 -21.99 -37.51
CA MET A 175 64.00 -22.72 -38.59
C MET A 175 64.94 -23.20 -39.67
N SER A 176 65.18 -24.51 -39.70
CA SER A 176 65.76 -25.13 -40.87
C SER A 176 64.69 -25.41 -41.92
N SER A 177 65.09 -25.39 -43.18
CA SER A 177 64.18 -25.66 -44.28
C SER A 177 64.91 -26.52 -45.31
N THR A 178 64.16 -27.34 -46.04
CA THR A 178 64.75 -28.22 -47.03
C THR A 178 63.93 -28.29 -48.30
N LEU A 179 64.42 -29.09 -49.23
CA LEU A 179 63.91 -29.11 -50.61
C LEU A 179 64.20 -30.46 -51.25
N THR A 180 63.34 -31.44 -50.96
CA THR A 180 63.48 -32.77 -51.54
C THR A 180 63.32 -32.70 -53.05
N LEU A 181 64.24 -33.36 -53.76
CA LEU A 181 64.27 -33.32 -55.22
C LEU A 181 64.85 -34.62 -55.75
N THR A 182 64.38 -35.06 -56.91
CA THR A 182 65.01 -36.16 -57.61
C THR A 182 66.34 -35.67 -58.16
N LYS A 183 67.28 -36.60 -58.39
CA LYS A 183 68.63 -36.21 -58.78
C LYS A 183 68.62 -35.44 -60.11
N ASP A 184 67.63 -35.72 -60.96
CA ASP A 184 67.39 -34.90 -62.13
C ASP A 184 66.90 -33.51 -61.71
N GLU A 185 66.02 -33.48 -60.71
CA GLU A 185 65.36 -32.24 -60.30
C GLU A 185 66.34 -31.38 -59.49
N TYR A 186 67.47 -31.97 -59.15
CA TYR A 186 68.57 -31.20 -58.59
C TYR A 186 69.59 -30.82 -59.67
N GLU A 187 70.24 -31.82 -60.24
CA GLU A 187 71.37 -31.60 -61.15
C GLU A 187 71.02 -30.85 -62.42
N ARG A 188 69.80 -31.04 -62.94
CA ARG A 188 69.41 -30.29 -64.13
C ARG A 188 69.38 -28.80 -63.83
N HIS A 189 68.98 -28.47 -62.60
CA HIS A 189 69.05 -27.11 -62.10
C HIS A 189 70.46 -26.78 -61.63
N ASN A 190 70.82 -25.50 -61.66
CA ASN A 190 72.17 -25.09 -61.27
C ASN A 190 72.19 -24.07 -60.13
N SER A 191 71.60 -22.90 -60.35
CA SER A 191 71.56 -21.89 -59.31
C SER A 191 70.66 -22.29 -58.14
N TYR A 192 71.10 -22.00 -56.92
CA TYR A 192 70.29 -22.21 -55.74
C TYR A 192 70.48 -21.07 -54.75
N THR A 193 69.39 -20.38 -54.42
CA THR A 193 69.45 -19.20 -53.58
C THR A 193 68.45 -19.24 -52.43
N CYS A 194 68.97 -19.20 -51.20
CA CYS A 194 68.13 -19.09 -50.02
C CYS A 194 68.01 -17.63 -49.59
N GLU A 195 66.94 -16.99 -50.03
CA GLU A 195 66.54 -15.71 -49.47
C GLU A 195 65.58 -15.97 -48.31
N ALA A 196 65.39 -14.97 -47.47
CA ALA A 196 64.49 -15.11 -46.33
C ALA A 196 63.97 -13.76 -45.88
N THR A 197 62.82 -13.35 -46.39
CA THR A 197 62.22 -12.09 -45.94
C THR A 197 61.59 -12.26 -44.57
N HIS A 198 61.65 -11.18 -43.78
CA HIS A 198 61.33 -11.22 -42.38
C HIS A 198 61.13 -9.78 -41.94
N LYS A 199 60.54 -9.53 -40.78
CA LYS A 199 60.40 -8.15 -40.33
C LYS A 199 61.68 -7.62 -39.67
N THR A 200 62.65 -8.49 -39.43
CA THR A 200 63.93 -8.08 -38.87
C THR A 200 64.68 -7.13 -39.80
N SER A 201 64.46 -7.30 -41.09
CA SER A 201 64.96 -6.37 -42.11
C SER A 201 64.09 -6.50 -43.35
N THR A 202 63.75 -5.37 -43.97
CA THR A 202 62.82 -5.38 -45.09
C THR A 202 63.38 -6.16 -46.28
N SER A 203 64.69 -6.10 -46.46
CA SER A 203 65.37 -6.92 -47.45
C SER A 203 65.58 -8.32 -46.89
N PRO A 204 65.19 -9.35 -47.67
CA PRO A 204 65.37 -10.73 -47.21
C PRO A 204 66.84 -11.06 -47.01
N ILE A 205 67.17 -11.85 -45.98
CA ILE A 205 68.55 -12.27 -45.80
C ILE A 205 68.92 -13.22 -46.94
N VAL A 206 70.11 -13.05 -47.50
CA VAL A 206 70.47 -13.77 -48.71
C VAL A 206 71.75 -14.59 -48.58
N LYS A 207 71.62 -15.90 -48.75
CA LYS A 207 72.79 -16.78 -48.87
C LYS A 207 72.57 -17.66 -50.08
N SER A 208 73.59 -17.86 -50.90
CA SER A 208 73.38 -18.55 -52.17
C SER A 208 74.62 -19.19 -52.78
N PHE A 209 74.39 -20.16 -53.66
CA PHE A 209 75.45 -20.79 -54.43
C PHE A 209 74.90 -21.35 -55.73
N ASN A 210 75.69 -21.28 -56.79
CA ASN A 210 75.41 -22.05 -58.00
C ASN A 210 75.82 -23.49 -57.76
N ARG A 211 75.24 -24.43 -58.50
CA ARG A 211 75.59 -25.84 -58.32
C ARG A 211 77.05 -26.07 -58.68
N ASN A 212 77.59 -25.21 -59.54
CA ASN A 212 79.01 -25.25 -59.89
C ASN A 212 79.93 -24.89 -58.73
N GLU A 213 79.41 -24.11 -57.77
CA GLU A 213 80.19 -23.68 -56.62
C GLU A 213 80.65 -24.85 -55.75
N CYS A 214 79.88 -25.93 -55.76
CA CYS A 214 80.22 -27.12 -54.99
C CYS A 214 80.77 -28.23 -55.89
N GLU B 1 50.12 -31.74 -5.82
CA GLU B 1 48.89 -31.26 -6.43
C GLU B 1 48.07 -32.38 -7.05
N VAL B 2 46.75 -32.27 -6.94
CA VAL B 2 45.82 -33.23 -7.51
C VAL B 2 46.00 -33.32 -9.02
N GLN B 3 46.04 -34.54 -9.56
CA GLN B 3 46.44 -34.71 -10.96
C GLN B 3 46.03 -36.05 -11.59
N LEU B 4 45.72 -36.00 -12.88
CA LEU B 4 45.54 -37.22 -13.68
C LEU B 4 46.88 -37.59 -14.31
N GLN B 5 47.05 -38.86 -14.70
CA GLN B 5 48.29 -39.27 -15.33
C GLN B 5 48.05 -40.40 -16.33
N GLN B 6 48.94 -40.49 -17.32
CA GLN B 6 48.78 -41.39 -18.46
C GLN B 6 50.14 -41.87 -18.95
N SER B 7 50.15 -42.85 -19.84
CA SER B 7 51.40 -43.31 -20.46
C SER B 7 52.00 -42.19 -21.28
N GLY B 8 53.33 -42.18 -21.40
CA GLY B 8 54.02 -41.13 -22.11
C GLY B 8 54.03 -41.36 -23.62
N ALA B 9 54.98 -40.75 -24.30
CA ALA B 9 55.08 -40.85 -25.75
C ALA B 9 55.28 -42.30 -26.20
N GLU B 10 54.58 -42.68 -27.26
CA GLU B 10 54.60 -44.06 -27.75
C GLU B 10 54.62 -44.08 -29.27
N VAL B 11 55.21 -45.12 -29.85
CA VAL B 11 55.30 -45.23 -31.31
C VAL B 11 54.77 -46.57 -31.81
N VAL B 12 53.44 -46.69 -31.88
CA VAL B 12 52.80 -47.88 -32.41
C VAL B 12 52.83 -47.96 -33.95
N ARG B 13 52.84 -49.20 -34.45
CA ARG B 13 52.78 -49.44 -35.89
C ARG B 13 51.37 -49.17 -36.41
N SER B 14 51.26 -48.82 -37.70
CA SER B 14 49.96 -48.60 -38.31
C SER B 14 49.12 -49.87 -38.31
N GLY B 15 47.83 -49.70 -38.02
CA GLY B 15 46.89 -50.81 -38.01
C GLY B 15 46.91 -51.53 -36.67
N ALA B 16 47.79 -51.09 -35.79
CA ALA B 16 47.89 -51.68 -34.47
C ALA B 16 47.16 -50.82 -33.44
N SER B 17 46.21 -51.44 -32.75
CA SER B 17 45.47 -50.74 -31.71
C SER B 17 46.39 -50.37 -30.55
N VAL B 18 46.17 -49.18 -29.99
CA VAL B 18 46.94 -48.73 -28.83
C VAL B 18 46.04 -48.47 -27.62
N LYS B 19 46.30 -49.16 -26.53
CA LYS B 19 45.44 -49.10 -25.35
C LYS B 19 45.81 -47.93 -24.45
N LEU B 20 45.12 -46.81 -24.64
CA LEU B 20 45.34 -45.60 -23.85
C LEU B 20 44.81 -45.72 -22.43
N SER B 21 45.27 -44.82 -21.56
CA SER B 21 44.83 -44.83 -20.17
C SER B 21 44.51 -43.42 -19.68
N CYS B 22 43.79 -43.33 -18.56
CA CYS B 22 43.45 -42.06 -17.92
C CYS B 22 43.32 -42.27 -16.42
N THR B 23 44.46 -42.33 -15.74
CA THR B 23 44.48 -42.61 -14.32
C THR B 23 44.32 -41.34 -13.50
N ALA B 24 43.09 -41.02 -13.13
CA ALA B 24 42.83 -39.88 -12.27
C ALA B 24 43.38 -40.09 -10.87
N SER B 25 43.90 -39.02 -10.26
CA SER B 25 44.41 -39.10 -8.89
C SER B 25 44.27 -37.77 -8.18
N GLY B 26 44.20 -37.83 -6.85
CA GLY B 26 43.97 -36.66 -6.03
C GLY B 26 42.48 -36.40 -5.84
N PHE B 27 41.66 -37.20 -6.50
CA PHE B 27 40.21 -37.19 -6.27
C PHE B 27 39.59 -38.49 -6.76
N ASN B 28 38.57 -38.95 -6.05
CA ASN B 28 37.76 -40.05 -6.54
C ASN B 28 36.95 -39.59 -7.73
N ILE B 29 36.86 -40.41 -8.77
CA ILE B 29 35.96 -40.12 -9.86
C ILE B 29 34.67 -40.88 -9.58
N LYS B 30 34.63 -41.48 -8.39
CA LYS B 30 33.53 -42.31 -7.96
C LYS B 30 32.23 -41.51 -7.93
N ASP B 31 32.34 -40.20 -7.77
CA ASP B 31 31.19 -39.31 -7.87
C ASP B 31 31.31 -38.37 -9.08
N TYR B 32 32.26 -38.62 -9.98
CA TYR B 32 32.51 -37.66 -11.05
C TYR B 32 32.39 -38.21 -12.48
N TYR B 33 31.96 -37.32 -13.38
CA TYR B 33 32.01 -37.54 -14.82
C TYR B 33 33.47 -37.53 -15.25
N ILE B 34 33.83 -38.36 -16.24
CA ILE B 34 35.18 -38.32 -16.81
C ILE B 34 35.12 -38.17 -18.32
N HIS B 35 35.91 -37.26 -18.86
CA HIS B 35 35.77 -36.88 -20.27
C HIS B 35 37.06 -37.01 -21.07
N TRP B 36 37.17 -38.07 -21.86
CA TRP B 36 38.25 -38.18 -22.84
C TRP B 36 38.18 -37.19 -23.99
N VAL B 37 39.34 -36.70 -24.39
CA VAL B 37 39.49 -35.79 -25.53
C VAL B 37 40.81 -36.00 -26.26
N LYS B 38 40.80 -35.66 -27.55
CA LYS B 38 41.98 -35.77 -28.39
C LYS B 38 42.61 -34.41 -28.66
N GLN B 39 43.94 -34.35 -28.73
CA GLN B 39 44.58 -33.18 -29.31
C GLN B 39 45.47 -33.52 -30.48
N ARG B 40 44.95 -33.26 -31.68
CA ARG B 40 45.82 -33.06 -32.83
C ARG B 40 46.52 -31.73 -32.56
N PRO B 41 47.83 -31.67 -32.87
CA PRO B 41 48.70 -30.68 -32.21
C PRO B 41 48.30 -29.23 -32.40
N GLU B 42 48.45 -28.45 -31.33
CA GLU B 42 48.14 -27.02 -31.29
C GLU B 42 46.74 -26.70 -31.83
N LYS B 43 45.75 -27.51 -31.44
CA LYS B 43 44.37 -27.28 -31.82
C LYS B 43 43.42 -27.57 -30.66
N GLY B 44 42.12 -27.49 -30.95
CA GLY B 44 41.11 -27.75 -29.95
C GLY B 44 41.20 -29.17 -29.43
N LEU B 45 41.02 -29.33 -28.13
CA LEU B 45 41.08 -30.65 -27.54
C LEU B 45 39.79 -31.38 -27.92
N GLU B 46 39.76 -31.87 -29.16
CA GLU B 46 38.57 -32.47 -29.73
C GLU B 46 38.11 -33.69 -28.93
N TRP B 47 36.80 -33.75 -28.71
CA TRP B 47 36.18 -34.63 -27.72
C TRP B 47 36.15 -36.09 -28.18
N ILE B 48 36.26 -37.02 -27.22
CA ILE B 48 36.27 -38.45 -27.51
C ILE B 48 35.04 -39.17 -26.95
N GLY B 49 34.62 -38.79 -25.75
CA GLY B 49 33.50 -39.43 -25.10
C GLY B 49 33.65 -39.33 -23.59
N TRP B 50 32.68 -39.85 -22.86
CA TRP B 50 32.70 -39.69 -21.41
C TRP B 50 32.06 -40.86 -20.68
N ILE B 51 32.26 -40.90 -19.37
CA ILE B 51 31.63 -41.92 -18.54
C ILE B 51 31.19 -41.33 -17.19
N ASP B 52 30.04 -41.80 -16.70
CA ASP B 52 29.45 -41.28 -15.48
C ASP B 52 29.66 -42.27 -14.34
N GLU B 53 29.16 -41.91 -13.16
CA GLU B 53 29.18 -42.76 -11.98
C GLU B 53 28.34 -44.02 -12.22
N ILE B 54 27.46 -43.94 -13.21
CA ILE B 54 26.66 -45.08 -13.63
C ILE B 54 27.54 -46.22 -14.13
N GLY B 55 28.73 -45.89 -14.59
CA GLY B 55 29.70 -46.87 -15.04
C GLY B 55 29.53 -47.28 -16.49
N ASP B 56 28.53 -46.70 -17.16
CA ASP B 56 28.32 -46.98 -18.58
C ASP B 56 29.15 -46.05 -19.46
N THR B 57 29.81 -46.63 -20.45
CA THR B 57 30.66 -45.89 -21.38
C THR B 57 29.85 -45.06 -22.38
N GLU B 58 30.44 -43.98 -22.86
CA GLU B 58 29.81 -43.20 -23.93
C GLU B 58 30.88 -42.58 -24.82
N TYR B 59 30.56 -42.42 -26.10
CA TYR B 59 31.54 -42.08 -27.12
C TYR B 59 31.10 -40.93 -28.02
N VAL B 60 32.07 -40.22 -28.58
CA VAL B 60 31.81 -39.34 -29.71
C VAL B 60 31.67 -40.26 -30.93
N PRO B 61 30.86 -39.85 -31.92
CA PRO B 61 30.77 -40.66 -33.15
C PRO B 61 32.11 -40.88 -33.84
N LYS B 62 33.02 -39.90 -33.72
CA LYS B 62 34.36 -40.04 -34.29
C LYS B 62 35.13 -41.21 -33.71
N PHE B 63 34.92 -41.48 -32.43
CA PHE B 63 35.57 -42.59 -31.75
C PHE B 63 34.62 -43.76 -31.50
N GLN B 64 33.32 -43.52 -31.64
CA GLN B 64 32.36 -44.62 -31.57
C GLN B 64 32.56 -45.52 -32.77
N GLY B 65 32.55 -46.83 -32.54
CA GLY B 65 32.76 -47.80 -33.60
C GLY B 65 34.24 -47.93 -33.91
N LYS B 66 35.05 -47.22 -33.14
CA LYS B 66 36.49 -47.17 -33.34
C LYS B 66 37.21 -47.32 -32.02
N ALA B 67 37.07 -46.32 -31.16
CA ALA B 67 37.63 -46.36 -29.82
C ALA B 67 36.86 -47.35 -28.94
N THR B 68 37.56 -47.91 -27.97
CA THR B 68 36.93 -48.85 -27.04
C THR B 68 37.33 -48.51 -25.60
N MET B 69 36.53 -47.65 -24.98
CA MET B 69 36.76 -47.30 -23.58
C MET B 69 36.53 -48.46 -22.63
N THR B 70 37.37 -48.54 -21.60
CA THR B 70 37.10 -49.40 -20.44
C THR B 70 37.46 -48.63 -19.19
N ALA B 71 36.46 -48.13 -18.48
CA ALA B 71 36.68 -47.23 -17.37
C ALA B 71 35.99 -47.69 -16.09
N ASP B 72 36.58 -47.36 -14.95
CA ASP B 72 35.99 -47.69 -13.66
C ASP B 72 36.13 -46.53 -12.67
N THR B 73 35.07 -46.28 -11.91
CA THR B 73 34.98 -45.14 -11.02
C THR B 73 35.76 -45.32 -9.73
N SER B 74 35.61 -46.48 -9.10
CA SER B 74 36.32 -46.75 -7.85
C SER B 74 37.83 -46.84 -8.08
N SER B 75 38.22 -47.25 -9.29
CA SER B 75 39.63 -47.31 -9.65
C SER B 75 40.13 -45.94 -10.11
N ASN B 76 39.20 -45.00 -10.27
CA ASN B 76 39.50 -43.66 -10.78
C ASN B 76 40.26 -43.70 -12.10
N THR B 77 39.83 -44.57 -13.01
CA THR B 77 40.61 -44.81 -14.23
C THR B 77 39.72 -44.88 -15.47
N ALA B 78 40.25 -44.44 -16.61
CA ALA B 78 39.55 -44.60 -17.88
C ALA B 78 40.50 -45.01 -19.01
N TYR B 79 40.49 -46.30 -19.34
CA TYR B 79 41.23 -46.77 -20.51
C TYR B 79 40.51 -46.40 -21.80
N LEU B 80 41.28 -46.19 -22.85
CA LEU B 80 40.75 -45.87 -24.18
C LEU B 80 41.48 -46.67 -25.24
N GLN B 81 40.98 -47.85 -25.57
CA GLN B 81 41.59 -48.63 -26.64
C GLN B 81 41.42 -47.88 -27.97
N LEU B 82 42.46 -47.92 -28.79
CA LEU B 82 42.45 -47.24 -30.08
C LEU B 82 43.08 -48.11 -31.15
N THR B 86 46.46 -42.64 -37.77
CA THR B 86 46.83 -41.67 -38.80
C THR B 86 47.79 -40.62 -38.26
N SER B 87 48.27 -39.75 -39.12
CA SER B 87 49.20 -38.70 -38.73
C SER B 87 48.55 -37.72 -37.77
N GLU B 88 47.23 -37.57 -37.87
CA GLU B 88 46.50 -36.75 -36.92
C GLU B 88 46.19 -37.53 -35.66
N ASP B 89 45.94 -38.83 -35.81
CA ASP B 89 45.77 -39.71 -34.66
C ASP B 89 47.07 -39.78 -33.88
N THR B 90 48.18 -39.55 -34.59
CA THR B 90 49.45 -39.33 -33.93
C THR B 90 49.30 -38.05 -33.12
N ALA B 91 48.89 -38.19 -31.86
CA ALA B 91 48.34 -37.05 -31.15
C ALA B 91 48.48 -37.14 -29.64
N VAL B 92 48.20 -36.03 -28.96
CA VAL B 92 48.29 -35.96 -27.51
C VAL B 92 46.88 -36.06 -26.91
N TYR B 93 46.55 -37.23 -26.36
CA TYR B 93 45.20 -37.48 -25.83
C TYR B 93 45.04 -37.11 -24.36
N TYR B 94 44.20 -36.12 -24.10
CA TYR B 94 43.91 -35.66 -22.75
C TYR B 94 42.59 -36.22 -22.20
N CYS B 95 42.36 -36.04 -20.90
CA CYS B 95 41.09 -36.43 -20.28
C CYS B 95 40.84 -35.66 -18.98
N ASN B 96 39.59 -35.31 -18.69
CA ASN B 96 39.28 -34.56 -17.46
C ASN B 96 38.10 -35.11 -16.66
N ALA B 97 37.49 -34.24 -15.85
CA ALA B 97 36.48 -34.65 -14.88
C ALA B 97 35.40 -33.58 -14.65
N GLY B 98 34.36 -33.96 -13.90
CA GLY B 98 33.34 -33.00 -13.49
C GLY B 98 32.47 -33.51 -12.35
N HIS B 99 31.99 -32.62 -11.50
CA HIS B 99 31.11 -33.01 -10.40
C HIS B 99 29.78 -33.53 -10.94
N ASP B 100 29.23 -34.57 -10.29
CA ASP B 100 27.98 -35.16 -10.78
C ASP B 100 26.78 -34.23 -10.62
N TYR B 101 26.73 -33.52 -9.49
CA TYR B 101 25.69 -32.51 -9.30
C TYR B 101 25.93 -31.35 -10.24
N ASP B 102 27.19 -31.14 -10.60
CA ASP B 102 27.57 -30.12 -11.56
C ASP B 102 27.17 -30.54 -12.95
N ARG B 103 26.95 -29.56 -13.82
CA ARG B 103 26.48 -29.81 -15.19
C ARG B 103 27.51 -30.61 -15.99
N PRO B 107 38.76 -30.51 -14.21
CA PRO B 107 39.56 -29.54 -13.45
C PRO B 107 40.99 -30.04 -13.22
N TYR B 108 41.30 -31.22 -13.75
CA TYR B 108 42.64 -31.80 -13.62
C TYR B 108 42.91 -32.65 -14.86
N TRP B 109 44.19 -32.91 -15.15
CA TRP B 109 44.55 -33.53 -16.41
C TRP B 109 45.79 -34.42 -16.35
N GLY B 110 45.85 -35.40 -17.25
CA GLY B 110 47.05 -36.19 -17.45
C GLY B 110 47.97 -35.43 -18.40
N GLN B 111 49.17 -35.98 -18.65
CA GLN B 111 50.12 -35.30 -19.50
C GLN B 111 49.61 -35.25 -20.94
N GLY B 112 48.71 -36.19 -21.25
CA GLY B 112 48.22 -36.34 -22.60
C GLY B 112 49.05 -37.37 -23.36
N THR B 113 48.47 -38.54 -23.59
CA THR B 113 49.22 -39.63 -24.21
C THR B 113 49.64 -39.28 -25.63
N LEU B 114 50.94 -39.27 -25.87
CA LEU B 114 51.46 -38.91 -27.18
C LEU B 114 51.59 -40.15 -28.07
N VAL B 115 50.46 -40.55 -28.64
CA VAL B 115 50.43 -41.68 -29.56
C VAL B 115 51.10 -41.33 -30.88
N THR B 116 51.81 -42.29 -31.47
CA THR B 116 52.42 -42.12 -32.78
C THR B 116 52.19 -43.36 -33.67
N VAL B 117 51.26 -43.26 -34.60
CA VAL B 117 50.90 -44.39 -35.45
C VAL B 117 51.61 -44.35 -36.81
N SER B 118 52.51 -45.30 -37.05
CA SER B 118 53.12 -45.42 -38.37
C SER B 118 53.69 -46.83 -38.62
N ALA B 119 53.49 -47.34 -39.83
CA ALA B 119 53.78 -48.73 -40.18
C ALA B 119 55.27 -49.07 -40.19
N ALA B 120 56.11 -48.06 -40.36
CA ALA B 120 57.53 -48.28 -40.60
C ALA B 120 58.25 -48.87 -39.39
N LYS B 121 59.35 -49.57 -39.64
CA LYS B 121 60.19 -50.11 -38.58
C LYS B 121 61.66 -49.80 -38.80
N THR B 122 62.37 -50.74 -39.41
CA THR B 122 63.81 -50.61 -39.62
C THR B 122 64.15 -49.87 -40.91
N THR B 123 64.01 -48.55 -40.88
CA THR B 123 64.45 -47.75 -42.02
C THR B 123 65.67 -46.92 -41.63
N PRO B 124 66.84 -47.31 -42.14
CA PRO B 124 68.10 -46.64 -41.78
C PRO B 124 68.14 -45.17 -42.18
N PRO B 125 68.77 -44.34 -41.33
CA PRO B 125 68.95 -42.91 -41.57
C PRO B 125 69.81 -42.63 -42.79
N SER B 126 69.50 -41.56 -43.51
CA SER B 126 70.34 -41.05 -44.59
C SER B 126 70.93 -39.72 -44.15
N VAL B 127 72.02 -39.79 -43.39
CA VAL B 127 72.65 -38.60 -42.86
C VAL B 127 73.53 -37.96 -43.92
N TYR B 128 73.02 -36.90 -44.53
CA TYR B 128 73.74 -36.25 -45.61
C TYR B 128 74.61 -35.12 -45.08
N PRO B 129 75.94 -35.24 -45.29
CA PRO B 129 76.85 -34.12 -45.00
C PRO B 129 76.52 -32.93 -45.88
N LEU B 130 76.64 -31.72 -45.32
CA LEU B 130 76.10 -30.53 -45.96
C LEU B 130 76.94 -29.29 -45.71
N ALA B 131 77.78 -28.91 -46.66
CA ALA B 131 78.54 -27.67 -46.57
C ALA B 131 78.33 -26.84 -47.83
N PRO B 132 78.31 -25.51 -47.69
CA PRO B 132 78.02 -24.63 -48.83
C PRO B 132 79.08 -24.68 -49.93
N GLY B 133 78.65 -24.54 -51.17
CA GLY B 133 79.57 -24.10 -52.20
C GLY B 133 79.92 -22.71 -51.77
N SER B 134 81.21 -22.36 -51.76
CA SER B 134 81.64 -21.09 -51.17
C SER B 134 81.00 -19.91 -51.89
N ALA B 135 80.49 -18.98 -51.10
CA ALA B 135 79.79 -17.81 -51.63
C ALA B 135 80.75 -16.79 -52.22
N ALA B 136 80.25 -16.04 -53.19
CA ALA B 136 80.96 -14.85 -53.66
C ALA B 136 80.78 -13.76 -52.61
N GLN B 137 79.85 -13.99 -51.70
CA GLN B 137 79.56 -13.07 -50.60
C GLN B 137 80.76 -12.93 -49.67
N THR B 138 81.61 -13.95 -49.65
CA THR B 138 82.78 -14.01 -48.78
C THR B 138 82.40 -13.90 -47.30
N ASN B 139 82.29 -15.05 -46.65
CA ASN B 139 81.84 -15.13 -45.26
C ASN B 139 82.93 -15.63 -44.32
N SER B 140 82.93 -15.12 -43.08
CA SER B 140 83.85 -15.59 -42.07
C SER B 140 83.17 -16.62 -41.17
N MET B 141 82.09 -16.23 -40.51
CA MET B 141 81.39 -17.14 -39.63
C MET B 141 80.49 -18.07 -40.46
N VAL B 142 81.11 -18.88 -41.32
CA VAL B 142 80.37 -19.76 -42.21
C VAL B 142 79.59 -20.84 -41.47
N THR B 143 78.35 -21.03 -41.89
CA THR B 143 77.52 -22.09 -41.33
C THR B 143 77.85 -23.42 -42.00
N LEU B 144 77.70 -24.53 -41.27
CA LEU B 144 77.87 -25.87 -41.80
C LEU B 144 76.75 -26.74 -41.24
N GLY B 145 76.36 -27.80 -41.95
CA GLY B 145 75.21 -28.58 -41.53
C GLY B 145 75.10 -30.02 -42.02
N CYS B 146 74.02 -30.67 -41.61
CA CYS B 146 73.71 -32.03 -42.04
C CYS B 146 72.21 -32.24 -42.13
N LEU B 147 71.80 -33.18 -42.97
CA LEU B 147 70.39 -33.50 -43.12
C LEU B 147 70.20 -35.00 -43.04
N VAL B 148 69.86 -35.49 -41.86
CA VAL B 148 69.50 -36.89 -41.69
C VAL B 148 68.14 -37.06 -42.35
N LYS B 149 67.92 -38.17 -43.08
CA LYS B 149 66.77 -38.24 -43.95
C LYS B 149 66.17 -39.64 -44.13
N GLY B 150 64.84 -39.71 -44.23
CA GLY B 150 64.16 -40.95 -44.56
C GLY B 150 64.45 -42.08 -43.60
N TYR B 151 63.93 -41.97 -42.39
CA TYR B 151 64.21 -42.94 -41.34
C TYR B 151 63.05 -42.99 -40.36
N PHE B 152 62.82 -44.14 -39.74
CA PHE B 152 61.76 -44.24 -38.74
C PHE B 152 62.23 -45.07 -37.54
N PRO B 153 61.78 -44.72 -36.33
CA PRO B 153 61.00 -43.52 -36.02
C PRO B 153 61.86 -42.38 -35.52
N GLU B 154 61.22 -41.39 -34.88
CA GLU B 154 61.93 -40.33 -34.21
C GLU B 154 62.65 -40.86 -32.97
N PRO B 155 63.85 -40.34 -32.71
CA PRO B 155 64.56 -39.50 -33.67
C PRO B 155 65.83 -40.19 -34.13
N VAL B 156 66.86 -39.39 -34.35
CA VAL B 156 68.21 -39.88 -34.48
C VAL B 156 69.09 -39.03 -33.58
N THR B 157 69.95 -39.65 -32.80
CA THR B 157 70.90 -38.88 -32.01
C THR B 157 71.84 -38.18 -32.97
N VAL B 158 72.15 -36.92 -32.70
CA VAL B 158 73.05 -36.16 -33.56
C VAL B 158 73.88 -35.17 -32.74
N THR B 159 75.17 -35.10 -33.06
CA THR B 159 76.10 -34.23 -32.35
C THR B 159 77.17 -33.69 -33.30
N TRP B 160 77.64 -32.48 -33.05
CA TRP B 160 78.72 -31.91 -33.86
C TRP B 160 80.08 -32.12 -33.21
N ASN B 161 80.93 -32.90 -33.88
CA ASN B 161 82.22 -33.32 -33.34
C ASN B 161 82.08 -33.95 -31.97
N SER B 162 81.08 -34.82 -31.84
CA SER B 162 80.72 -35.41 -30.56
C SER B 162 80.46 -34.33 -29.51
N GLY B 163 79.84 -33.24 -29.95
CA GLY B 163 79.37 -32.20 -29.05
C GLY B 163 80.26 -30.99 -28.75
N SER B 164 81.50 -30.99 -29.24
CA SER B 164 82.36 -29.83 -29.01
C SER B 164 81.81 -28.59 -29.71
N LEU B 165 81.16 -28.80 -30.86
CA LEU B 165 80.51 -27.70 -31.57
C LEU B 165 79.02 -27.67 -31.29
N SER B 166 78.58 -28.43 -30.30
CA SER B 166 77.16 -28.52 -29.98
C SER B 166 76.69 -27.30 -29.20
N SER B 167 77.62 -26.42 -28.83
CA SER B 167 77.21 -25.16 -28.24
C SER B 167 76.37 -24.42 -29.27
N GLY B 168 75.22 -23.91 -28.85
CA GLY B 168 74.31 -23.23 -29.75
C GLY B 168 73.83 -24.13 -30.87
N VAL B 169 73.75 -25.43 -30.61
CA VAL B 169 73.43 -26.43 -31.64
C VAL B 169 72.04 -26.23 -32.20
N HIS B 170 71.89 -26.48 -33.51
CA HIS B 170 70.58 -26.38 -34.13
C HIS B 170 70.06 -27.75 -34.54
N THR B 171 69.61 -28.52 -33.56
CA THR B 171 69.02 -29.84 -33.79
C THR B 171 67.53 -29.70 -34.04
N PHE B 172 67.17 -29.43 -35.29
CA PHE B 172 65.78 -29.24 -35.66
C PHE B 172 65.02 -30.57 -35.72
N PRO B 173 63.71 -30.52 -35.42
CA PRO B 173 62.85 -31.72 -35.36
C PRO B 173 62.72 -32.45 -36.70
N ALA B 174 62.63 -33.77 -36.63
CA ALA B 174 62.40 -34.60 -37.81
C ALA B 174 60.99 -34.43 -38.36
N VAL B 175 60.85 -34.53 -39.67
CA VAL B 175 59.53 -34.46 -40.30
C VAL B 175 59.32 -35.57 -41.33
N LEU B 176 58.07 -36.00 -41.47
CA LEU B 176 57.73 -37.18 -42.26
C LEU B 176 58.06 -37.07 -43.76
N GLN B 177 58.53 -38.19 -44.30
CA GLN B 177 58.77 -38.37 -45.73
C GLN B 177 58.43 -39.81 -46.08
N SER B 178 57.23 -40.03 -46.61
CA SER B 178 56.71 -41.38 -46.85
C SER B 178 56.81 -42.21 -45.57
N ASP B 179 56.25 -41.64 -44.50
CA ASP B 179 56.31 -42.11 -43.11
C ASP B 179 57.72 -42.40 -42.61
N LEU B 180 58.69 -41.64 -43.14
CA LEU B 180 60.08 -41.78 -42.71
C LEU B 180 60.65 -40.40 -42.36
N TYR B 181 61.01 -40.22 -41.09
CA TYR B 181 61.35 -38.90 -40.59
C TYR B 181 62.65 -38.35 -41.19
N THR B 182 62.81 -37.04 -41.11
CA THR B 182 63.93 -36.34 -41.71
C THR B 182 64.19 -35.01 -41.03
N LEU B 183 65.37 -34.89 -40.43
CA LEU B 183 65.73 -33.66 -39.74
C LEU B 183 66.95 -32.99 -40.35
N SER B 184 67.03 -31.68 -40.17
CA SER B 184 68.11 -30.89 -40.73
C SER B 184 68.89 -30.18 -39.63
N SER B 185 69.89 -30.86 -39.08
CA SER B 185 70.74 -30.29 -38.04
C SER B 185 71.75 -29.29 -38.58
N SER B 186 72.15 -28.31 -37.77
CA SER B 186 73.16 -27.35 -38.21
C SER B 186 74.00 -26.72 -37.09
N VAL B 187 75.15 -26.17 -37.50
CA VAL B 187 76.18 -25.62 -36.64
C VAL B 187 76.88 -24.50 -37.43
N THR B 188 77.75 -23.71 -36.78
CA THR B 188 78.48 -22.66 -37.49
C THR B 188 79.90 -22.49 -36.95
N VAL B 189 80.86 -22.27 -37.86
CA VAL B 189 82.25 -22.03 -37.47
C VAL B 189 82.84 -20.84 -38.22
N PRO B 190 83.80 -20.14 -37.60
CA PRO B 190 84.56 -19.08 -38.29
C PRO B 190 85.36 -19.64 -39.46
N SER B 191 85.45 -18.89 -40.55
CA SER B 191 86.30 -19.28 -41.67
C SER B 191 87.77 -19.18 -41.28
N SER B 192 88.06 -18.31 -40.32
CA SER B 192 89.42 -18.16 -39.81
C SER B 192 89.86 -19.45 -39.14
N THR B 193 88.90 -20.20 -38.61
CA THR B 193 89.17 -21.47 -37.97
C THR B 193 88.67 -22.64 -38.82
N TRP B 194 88.38 -22.38 -40.10
CA TRP B 194 87.89 -23.42 -40.98
C TRP B 194 88.72 -23.46 -42.27
N PRO B 195 88.94 -24.66 -42.83
CA PRO B 195 88.54 -25.96 -42.29
C PRO B 195 89.53 -26.53 -41.25
N SER B 196 90.25 -25.66 -40.55
CA SER B 196 91.21 -26.12 -39.55
C SER B 196 90.51 -26.82 -38.39
N GLU B 197 89.28 -26.41 -38.10
CA GLU B 197 88.47 -27.11 -37.12
C GLU B 197 87.67 -28.22 -37.79
N THR B 198 87.69 -29.40 -37.20
CA THR B 198 86.86 -30.51 -37.68
C THR B 198 85.39 -30.15 -37.50
N VAL B 199 84.57 -30.51 -38.48
CA VAL B 199 83.12 -30.41 -38.33
C VAL B 199 82.50 -31.74 -38.74
N THR B 200 81.73 -32.33 -37.84
CA THR B 200 81.23 -33.69 -38.05
C THR B 200 79.89 -33.92 -37.37
N CYS B 201 78.89 -34.35 -38.13
CA CYS B 201 77.63 -34.78 -37.53
C CYS B 201 77.64 -36.28 -37.27
N ASN B 202 77.90 -36.63 -36.01
CA ASN B 202 77.75 -38.01 -35.56
C ASN B 202 76.28 -38.29 -35.33
N VAL B 203 75.77 -39.34 -35.96
CA VAL B 203 74.35 -39.65 -35.86
C VAL B 203 74.13 -41.13 -35.60
N ALA B 204 73.12 -41.45 -34.81
CA ALA B 204 72.75 -42.85 -34.59
C ALA B 204 71.24 -43.03 -34.59
N HIS B 205 70.78 -44.04 -35.32
CA HIS B 205 69.35 -44.35 -35.37
C HIS B 205 69.08 -45.78 -34.93
N PRO B 206 68.37 -45.93 -33.80
CA PRO B 206 68.15 -47.22 -33.11
C PRO B 206 67.25 -48.25 -33.82
N ALA B 207 65.97 -47.95 -33.96
CA ALA B 207 65.01 -48.95 -34.45
C ALA B 207 65.34 -49.40 -35.85
N SER B 208 65.96 -48.49 -36.61
CA SER B 208 66.49 -48.81 -37.92
C SER B 208 67.68 -49.74 -37.81
N SER B 209 68.29 -49.74 -36.62
CA SER B 209 69.54 -50.46 -36.38
C SER B 209 70.64 -49.95 -37.29
N THR B 210 70.79 -48.64 -37.34
CA THR B 210 71.78 -48.03 -38.22
C THR B 210 72.34 -46.71 -37.68
N LYS B 211 73.61 -46.75 -37.28
CA LYS B 211 74.37 -45.52 -37.07
C LYS B 211 74.88 -44.97 -38.40
N VAL B 212 75.01 -43.65 -38.47
CA VAL B 212 75.71 -42.99 -39.57
C VAL B 212 76.47 -41.79 -39.02
N ASP B 213 77.79 -41.77 -39.23
CA ASP B 213 78.61 -40.67 -38.74
C ASP B 213 79.32 -39.98 -39.89
N LYS B 214 78.96 -38.72 -40.14
CA LYS B 214 79.49 -38.01 -41.32
C LYS B 214 80.24 -36.72 -41.00
N LYS B 215 81.55 -36.74 -41.23
CA LYS B 215 82.34 -35.51 -41.16
C LYS B 215 81.94 -34.55 -42.27
N ILE B 216 81.92 -33.26 -41.96
CA ILE B 216 81.68 -32.27 -43.00
C ILE B 216 83.00 -31.93 -43.68
N VAL B 217 83.31 -32.67 -44.73
CA VAL B 217 84.44 -32.35 -45.58
C VAL B 217 84.13 -31.05 -46.30
N PRO B 218 85.17 -30.27 -46.63
CA PRO B 218 84.98 -28.95 -47.24
C PRO B 218 84.28 -29.02 -48.58
N ARG B 219 83.49 -28.00 -48.89
CA ARG B 219 82.75 -27.83 -50.15
C ARG B 219 81.42 -28.58 -50.14
N ASP B 220 81.44 -29.83 -49.71
CA ASP B 220 80.22 -30.62 -49.56
C ASP B 220 80.11 -31.26 -48.18
N SER C 2 -35.18 13.71 -17.80
CA SER C 2 -35.10 12.28 -17.51
C SER C 2 -33.77 11.69 -17.96
N HIS C 3 -33.59 11.61 -19.27
CA HIS C 3 -32.37 11.04 -19.84
C HIS C 3 -31.14 11.87 -19.52
N MET C 4 -31.34 13.16 -19.27
CA MET C 4 -30.22 14.07 -18.99
C MET C 4 -29.49 13.66 -17.71
N GLU C 5 -30.23 13.15 -16.74
CA GLU C 5 -29.65 12.71 -15.50
C GLU C 5 -28.98 11.35 -15.65
N GLU C 6 -29.60 10.46 -16.42
CA GLU C 6 -29.05 9.14 -16.68
C GLU C 6 -27.74 9.25 -17.47
N THR C 7 -27.67 10.25 -18.35
CA THR C 7 -26.45 10.46 -19.11
C THR C 7 -25.46 11.24 -18.26
N ARG C 8 -25.94 11.95 -17.24
CA ARG C 8 -25.01 12.47 -16.23
C ARG C 8 -24.37 11.30 -15.48
N GLU C 9 -25.12 10.24 -15.29
CA GLU C 9 -24.57 9.00 -14.79
C GLU C 9 -23.63 8.42 -15.83
N LEU C 10 -23.89 8.68 -17.10
CA LEU C 10 -22.96 8.25 -18.13
C LEU C 10 -21.61 8.98 -17.99
N GLN C 11 -21.64 10.26 -17.59
CA GLN C 11 -20.37 10.89 -17.24
C GLN C 11 -19.82 10.36 -15.93
N SER C 12 -20.67 9.81 -15.06
CA SER C 12 -20.14 9.15 -13.88
C SER C 12 -19.34 7.93 -14.31
N LEU C 13 -19.77 7.30 -15.40
CA LEU C 13 -18.95 6.25 -16.02
C LEU C 13 -17.68 6.90 -16.58
N ALA C 14 -17.84 8.09 -17.13
CA ALA C 14 -16.74 8.77 -17.79
C ALA C 14 -15.84 9.57 -16.84
N ALA C 15 -16.24 9.68 -15.58
CA ALA C 15 -15.49 10.50 -14.64
C ALA C 15 -15.66 10.06 -13.19
N ALA C 16 -15.20 8.85 -12.88
CA ALA C 16 -15.19 8.36 -11.51
C ALA C 16 -14.13 7.29 -11.34
N VAL C 17 -13.67 7.11 -10.11
CA VAL C 17 -12.71 6.08 -9.79
C VAL C 17 -13.32 4.70 -10.05
N VAL C 18 -12.54 3.79 -10.63
CA VAL C 18 -13.01 2.44 -10.89
C VAL C 18 -12.17 1.43 -10.12
N PRO C 19 -12.69 0.98 -8.97
CA PRO C 19 -11.99 -0.05 -8.20
C PRO C 19 -11.86 -1.34 -8.99
N SER C 20 -10.74 -2.04 -8.84
CA SER C 20 -10.50 -3.25 -9.61
C SER C 20 -11.38 -4.39 -9.10
N ALA C 21 -11.72 -5.30 -9.99
CA ALA C 21 -12.56 -6.45 -9.64
C ALA C 21 -11.87 -7.34 -8.62
N GLN C 22 -10.54 -7.39 -8.68
CA GLN C 22 -9.74 -8.13 -7.72
C GLN C 22 -9.73 -7.43 -6.37
N THR C 23 -9.98 -6.13 -6.38
CA THR C 23 -10.16 -5.36 -5.16
C THR C 23 -11.59 -5.50 -4.66
N LEU C 24 -12.51 -5.65 -5.61
CA LEU C 24 -13.94 -5.66 -5.33
C LEU C 24 -14.52 -7.05 -5.11
N LYS C 25 -13.69 -8.01 -4.71
CA LYS C 25 -14.17 -9.25 -4.12
C LYS C 25 -15.20 -10.04 -4.94
N ILE C 26 -15.46 -9.65 -6.18
CA ILE C 26 -16.51 -10.31 -6.94
C ILE C 26 -16.14 -11.74 -7.29
N THR C 27 -14.84 -12.02 -7.35
CA THR C 27 -14.37 -13.37 -7.61
C THR C 27 -14.75 -14.25 -6.43
N ASP C 28 -14.81 -13.66 -5.25
CA ASP C 28 -15.38 -14.33 -4.08
C ASP C 28 -16.87 -14.52 -4.33
N PHE C 29 -17.42 -15.64 -3.88
CA PHE C 29 -18.81 -15.97 -4.20
C PHE C 29 -19.76 -15.35 -3.19
N SER C 30 -19.31 -15.26 -1.94
CA SER C 30 -20.04 -14.57 -0.89
C SER C 30 -19.59 -13.12 -0.88
N PHE C 31 -19.69 -12.48 -2.03
CA PHE C 31 -19.26 -11.11 -2.22
C PHE C 31 -20.14 -10.03 -1.60
N SER C 32 -19.49 -8.97 -1.14
CA SER C 32 -20.16 -7.81 -0.57
C SER C 32 -20.62 -6.81 -1.62
N ASP C 33 -21.84 -6.97 -2.11
CA ASP C 33 -22.41 -6.04 -3.09
C ASP C 33 -23.14 -4.87 -2.42
N PHE C 34 -22.96 -4.76 -1.11
CA PHE C 34 -23.60 -3.70 -0.33
C PHE C 34 -23.13 -2.30 -0.71
N GLU C 35 -21.88 -2.18 -1.15
CA GLU C 35 -21.29 -0.87 -1.40
C GLU C 35 -21.28 -0.48 -2.89
N LEU C 36 -21.37 -1.46 -3.78
CA LEU C 36 -21.33 -1.15 -5.21
C LEU C 36 -22.57 -0.37 -5.65
N SER C 37 -22.35 0.59 -6.54
CA SER C 37 -23.43 1.29 -7.21
C SER C 37 -23.80 0.53 -8.47
N ASP C 38 -24.88 0.95 -9.13
CA ASP C 38 -25.29 0.30 -10.37
C ASP C 38 -24.20 0.45 -11.42
N LEU C 39 -23.47 1.56 -11.34
CA LEU C 39 -22.34 1.80 -12.22
C LEU C 39 -21.20 0.82 -11.97
N GLU C 40 -20.82 0.67 -10.70
CA GLU C 40 -19.72 -0.23 -10.34
C GLU C 40 -20.08 -1.69 -10.61
N THR C 41 -21.34 -2.04 -10.39
CA THR C 41 -21.81 -3.38 -10.74
C THR C 41 -21.80 -3.58 -12.25
N ALA C 42 -22.06 -2.50 -12.98
CA ALA C 42 -21.94 -2.53 -14.44
C ALA C 42 -20.48 -2.74 -14.85
N LEU C 43 -19.57 -2.19 -14.06
CA LEU C 43 -18.14 -2.33 -14.32
C LEU C 43 -17.69 -3.77 -14.07
N CYS C 44 -18.24 -4.36 -13.01
CA CYS C 44 -17.99 -5.76 -12.74
C CYS C 44 -18.56 -6.60 -13.87
N THR C 45 -19.67 -6.13 -14.45
CA THR C 45 -20.24 -6.79 -15.62
C THR C 45 -19.30 -6.68 -16.83
N ILE C 46 -18.56 -5.56 -16.90
CA ILE C 46 -17.53 -5.42 -17.93
C ILE C 46 -16.45 -6.46 -17.69
N ARG C 47 -16.15 -6.73 -16.42
CA ARG C 47 -15.22 -7.81 -16.09
C ARG C 47 -15.77 -9.17 -16.54
N MET C 48 -17.08 -9.32 -16.40
CA MET C 48 -17.76 -10.56 -16.72
C MET C 48 -17.70 -10.85 -18.21
N PHE C 49 -17.82 -9.80 -19.03
CA PHE C 49 -17.52 -9.97 -20.45
C PHE C 49 -16.02 -10.09 -20.71
N THR C 50 -15.20 -9.62 -19.76
CA THR C 50 -13.77 -9.49 -20.00
C THR C 50 -13.01 -10.81 -19.89
N ASP C 51 -12.99 -11.40 -18.69
CA ASP C 51 -12.04 -12.49 -18.43
C ASP C 51 -12.47 -13.84 -19.00
N LEU C 52 -13.69 -13.94 -19.52
CA LEU C 52 -14.19 -15.22 -20.00
C LEU C 52 -13.62 -15.56 -21.38
N ASN C 53 -12.66 -14.75 -21.82
CA ASN C 53 -11.98 -14.92 -23.11
C ASN C 53 -12.96 -14.94 -24.28
N LEU C 54 -14.10 -14.28 -24.09
CA LEU C 54 -15.14 -14.28 -25.10
C LEU C 54 -14.96 -13.15 -26.11
N VAL C 55 -14.35 -12.06 -25.66
CA VAL C 55 -14.12 -10.92 -26.53
C VAL C 55 -13.11 -11.28 -27.63
N GLN C 56 -12.04 -11.96 -27.24
CA GLN C 56 -11.03 -12.39 -28.20
C GLN C 56 -11.57 -13.48 -29.13
N ASN C 57 -12.41 -14.36 -28.59
CA ASN C 57 -12.91 -15.51 -29.33
C ASN C 57 -14.12 -15.18 -30.20
N PHE C 58 -14.69 -14.00 -30.02
CA PHE C 58 -15.93 -13.66 -30.70
C PHE C 58 -15.97 -12.22 -31.19
N GLN C 59 -14.85 -11.52 -31.03
CA GLN C 59 -14.66 -10.20 -31.64
C GLN C 59 -15.70 -9.16 -31.23
N MET C 60 -16.02 -9.10 -29.94
CA MET C 60 -16.96 -8.10 -29.44
C MET C 60 -16.41 -6.68 -29.60
N LYS C 61 -17.29 -5.75 -29.92
CA LYS C 61 -16.93 -4.33 -29.93
C LYS C 61 -16.75 -3.83 -28.50
N HIS C 62 -15.93 -2.80 -28.33
CA HIS C 62 -15.60 -2.28 -27.00
C HIS C 62 -16.76 -1.55 -26.32
N GLU C 63 -16.92 -0.27 -26.67
CA GLU C 63 -17.89 0.59 -26.01
C GLU C 63 -19.32 0.14 -26.32
N VAL C 64 -19.49 -0.57 -27.44
CA VAL C 64 -20.78 -1.18 -27.76
C VAL C 64 -21.13 -2.21 -26.70
N LEU C 65 -20.11 -2.85 -26.14
CA LEU C 65 -20.28 -3.81 -25.05
C LEU C 65 -20.46 -3.11 -23.71
N CYS C 66 -19.65 -2.08 -23.46
CA CYS C 66 -19.72 -1.36 -22.20
C CYS C 66 -21.09 -0.68 -22.04
N ARG C 67 -21.63 -0.22 -23.16
CA ARG C 67 -22.93 0.41 -23.15
C ARG C 67 -24.01 -0.60 -23.52
N TRP C 68 -23.60 -1.82 -23.86
CA TRP C 68 -24.55 -2.93 -23.80
C TRP C 68 -24.92 -2.99 -22.34
N ILE C 69 -23.88 -2.98 -21.53
CA ILE C 69 -23.99 -3.11 -20.09
C ILE C 69 -24.73 -1.95 -19.44
N LEU C 70 -24.37 -0.72 -19.80
CA LEU C 70 -25.11 0.44 -19.30
C LEU C 70 -26.53 0.59 -19.86
N SER C 71 -26.75 0.16 -21.10
CA SER C 71 -28.10 0.25 -21.67
C SER C 71 -29.02 -0.73 -20.98
N VAL C 72 -28.52 -1.93 -20.70
CA VAL C 72 -29.31 -2.88 -19.92
C VAL C 72 -29.45 -2.32 -18.51
N LYS C 73 -28.46 -1.54 -18.07
CA LYS C 73 -28.54 -0.92 -16.75
C LYS C 73 -29.67 0.10 -16.67
N LYS C 74 -29.96 0.80 -17.77
CA LYS C 74 -31.02 1.80 -17.73
C LYS C 74 -32.39 1.27 -18.13
N ASN C 75 -32.44 0.22 -18.94
CA ASN C 75 -33.72 -0.29 -19.44
C ASN C 75 -34.64 -0.85 -18.36
N TYR C 76 -34.07 -1.36 -17.26
CA TYR C 76 -34.90 -1.84 -16.17
C TYR C 76 -35.74 -0.70 -15.60
N ARG C 77 -37.02 -0.96 -15.38
CA ARG C 77 -37.87 0.02 -14.73
C ARG C 77 -37.42 0.19 -13.28
N LYS C 78 -37.39 1.43 -12.81
CA LYS C 78 -36.78 1.76 -11.54
C LYS C 78 -37.69 1.50 -10.33
N ASN C 79 -38.96 1.18 -10.58
CA ASN C 79 -39.88 0.83 -9.50
C ASN C 79 -39.49 -0.50 -8.83
N VAL C 80 -38.78 -1.33 -9.59
CA VAL C 80 -38.37 -2.65 -9.12
C VAL C 80 -37.42 -2.55 -7.93
N ALA C 81 -37.60 -3.43 -6.95
CA ALA C 81 -36.80 -3.40 -5.72
C ALA C 81 -35.45 -4.10 -5.86
N TYR C 82 -35.40 -5.24 -6.53
CA TYR C 82 -34.12 -5.92 -6.75
C TYR C 82 -33.97 -6.52 -8.14
N HIS C 83 -35.01 -7.11 -8.70
CA HIS C 83 -34.91 -7.74 -10.02
C HIS C 83 -34.63 -6.72 -11.11
N ASN C 84 -33.53 -6.00 -10.94
CA ASN C 84 -33.08 -5.00 -11.88
C ASN C 84 -31.65 -5.30 -12.30
N TRP C 85 -30.85 -4.26 -12.48
CA TRP C 85 -29.48 -4.45 -12.92
C TRP C 85 -28.63 -5.22 -11.89
N ARG C 86 -28.93 -5.03 -10.60
CA ARG C 86 -28.19 -5.71 -9.54
C ARG C 86 -28.43 -7.23 -9.58
N HIS C 87 -29.62 -7.63 -9.99
CA HIS C 87 -29.96 -9.04 -10.13
C HIS C 87 -29.12 -9.68 -11.24
N ALA C 88 -28.98 -8.96 -12.34
CA ALA C 88 -28.12 -9.39 -13.43
C ALA C 88 -26.66 -9.40 -12.96
N PHE C 89 -26.34 -8.48 -12.06
CA PHE C 89 -24.99 -8.41 -11.50
C PHE C 89 -24.64 -9.65 -10.70
N ASN C 90 -25.53 -10.07 -9.80
CA ASN C 90 -25.26 -11.27 -9.04
C ASN C 90 -25.31 -12.54 -9.89
N THR C 91 -26.24 -12.56 -10.86
CA THR C 91 -26.38 -13.74 -11.72
C THR C 91 -25.14 -13.98 -12.57
N ALA C 92 -24.69 -12.93 -13.25
CA ALA C 92 -23.51 -13.05 -14.09
C ALA C 92 -22.25 -12.96 -13.25
N GLN C 93 -22.40 -12.58 -11.98
CA GLN C 93 -21.30 -12.72 -11.04
C GLN C 93 -21.07 -14.19 -10.80
N CYS C 94 -22.17 -14.92 -10.61
CA CYS C 94 -22.10 -16.36 -10.43
C CYS C 94 -21.59 -17.01 -11.72
N MET C 95 -21.95 -16.42 -12.86
CA MET C 95 -21.51 -16.99 -14.13
C MET C 95 -20.02 -16.78 -14.40
N PHE C 96 -19.58 -15.54 -14.24
CA PHE C 96 -18.19 -15.17 -14.41
C PHE C 96 -17.29 -15.92 -13.43
N ALA C 97 -17.75 -16.01 -12.19
CA ALA C 97 -17.00 -16.70 -11.16
C ALA C 97 -16.94 -18.19 -11.43
N ALA C 98 -18.07 -18.75 -11.89
CA ALA C 98 -18.11 -20.17 -12.20
C ALA C 98 -17.19 -20.52 -13.36
N LEU C 99 -17.09 -19.61 -14.32
CA LEU C 99 -16.27 -19.89 -15.50
C LEU C 99 -14.81 -19.45 -15.37
N LYS C 100 -14.48 -18.72 -14.30
CA LYS C 100 -13.09 -18.35 -14.05
C LYS C 100 -12.55 -18.96 -12.77
N ALA C 101 -13.15 -18.61 -11.63
CA ALA C 101 -12.72 -19.16 -10.36
C ALA C 101 -12.93 -20.67 -10.34
N GLY C 102 -13.96 -21.14 -11.03
CA GLY C 102 -14.26 -22.55 -11.12
C GLY C 102 -13.40 -23.26 -12.15
N LYS C 103 -12.73 -22.47 -12.99
CA LYS C 103 -11.78 -22.98 -13.98
C LYS C 103 -12.39 -24.05 -14.89
N ILE C 104 -13.64 -23.87 -15.28
CA ILE C 104 -14.35 -24.88 -16.06
C ILE C 104 -13.91 -24.84 -17.54
N GLN C 105 -13.20 -23.77 -17.91
CA GLN C 105 -12.80 -23.59 -19.31
C GLN C 105 -11.90 -24.71 -19.81
N ASN C 106 -11.15 -25.34 -18.90
CA ASN C 106 -10.34 -26.49 -19.25
C ASN C 106 -11.21 -27.63 -19.73
N LYS C 107 -12.43 -27.65 -19.21
CA LYS C 107 -13.43 -28.63 -19.61
C LYS C 107 -14.21 -28.15 -20.82
N LEU C 108 -15.24 -27.35 -20.58
CA LEU C 108 -16.17 -26.95 -21.65
C LEU C 108 -15.62 -25.87 -22.58
N THR C 109 -16.14 -25.86 -23.80
CA THR C 109 -15.67 -24.97 -24.87
C THR C 109 -16.03 -23.50 -24.65
N ASP C 110 -15.25 -22.61 -25.24
CA ASP C 110 -15.46 -21.17 -25.11
C ASP C 110 -16.77 -20.72 -25.74
N LEU C 111 -17.25 -21.47 -26.73
CA LEU C 111 -18.57 -21.22 -27.30
C LEU C 111 -19.60 -21.28 -26.19
N GLU C 112 -19.48 -22.33 -25.40
CA GLU C 112 -20.38 -22.56 -24.30
C GLU C 112 -20.21 -21.51 -23.20
N ILE C 113 -18.99 -21.00 -23.04
CA ILE C 113 -18.77 -19.92 -22.09
C ILE C 113 -19.52 -18.68 -22.54
N LEU C 114 -19.57 -18.50 -23.87
CA LEU C 114 -20.29 -17.36 -24.43
C LEU C 114 -21.77 -17.50 -24.19
N ALA C 115 -22.30 -18.69 -24.45
CA ALA C 115 -23.72 -18.93 -24.28
C ALA C 115 -24.11 -18.77 -22.82
N LEU C 116 -23.23 -19.24 -21.92
CA LEU C 116 -23.44 -19.11 -20.50
C LEU C 116 -23.49 -17.67 -20.05
N LEU C 117 -22.55 -16.86 -20.54
CA LEU C 117 -22.47 -15.48 -20.09
C LEU C 117 -23.62 -14.63 -20.62
N ILE C 118 -23.85 -14.68 -21.93
CA ILE C 118 -24.90 -13.86 -22.51
C ILE C 118 -26.27 -14.29 -22.01
N ALA C 119 -26.48 -15.60 -21.85
CA ALA C 119 -27.74 -16.05 -21.30
C ALA C 119 -27.85 -15.69 -19.81
N ALA C 120 -26.71 -15.57 -19.14
CA ALA C 120 -26.69 -15.21 -17.72
C ALA C 120 -27.12 -13.76 -17.53
N LEU C 121 -26.64 -12.89 -18.41
CA LEU C 121 -27.04 -11.49 -18.35
C LEU C 121 -28.40 -11.27 -18.98
N SER C 122 -28.87 -12.28 -19.70
CA SER C 122 -30.20 -12.23 -20.28
C SER C 122 -31.09 -13.28 -19.64
N HIS C 123 -30.76 -13.65 -18.40
CA HIS C 123 -31.63 -14.51 -17.62
C HIS C 123 -32.93 -13.77 -17.30
N ASP C 124 -32.80 -12.45 -17.12
CA ASP C 124 -33.91 -11.59 -16.69
C ASP C 124 -33.80 -10.17 -17.25
N LEU C 125 -33.72 -10.03 -18.58
CA LEU C 125 -33.67 -8.71 -19.21
C LEU C 125 -34.92 -7.88 -18.98
N ASP C 126 -34.72 -6.59 -18.69
CA ASP C 126 -35.80 -5.63 -18.55
C ASP C 126 -36.89 -6.16 -17.61
N HIS C 127 -36.46 -6.83 -16.55
CA HIS C 127 -37.41 -7.43 -15.62
C HIS C 127 -38.20 -6.33 -14.94
N ARG C 128 -39.51 -6.51 -14.85
CA ARG C 128 -40.40 -5.44 -14.41
C ARG C 128 -40.88 -5.64 -12.97
N GLY C 129 -40.15 -6.47 -12.23
CA GLY C 129 -40.60 -6.88 -10.92
C GLY C 129 -41.66 -7.94 -11.11
N VAL C 130 -41.72 -8.45 -12.33
CA VAL C 130 -42.75 -9.39 -12.73
C VAL C 130 -42.18 -10.75 -13.15
N ASN C 131 -42.66 -11.82 -12.54
CA ASN C 131 -42.30 -13.16 -12.93
C ASN C 131 -43.25 -13.69 -14.00
N ASN C 132 -43.10 -14.96 -14.37
CA ASN C 132 -43.95 -15.57 -15.37
C ASN C 132 -45.43 -15.55 -14.96
N SER C 133 -45.68 -15.92 -13.71
CA SER C 133 -47.04 -16.12 -13.26
C SER C 133 -47.86 -14.84 -13.29
N TYR C 134 -47.26 -13.72 -12.93
CA TYR C 134 -48.02 -12.47 -12.80
C TYR C 134 -48.56 -12.05 -14.15
N ILE C 135 -47.71 -11.97 -15.16
CA ILE C 135 -48.19 -11.67 -16.50
C ILE C 135 -49.13 -12.77 -17.00
N GLN C 136 -48.91 -14.00 -16.59
CA GLN C 136 -49.83 -15.07 -16.98
C GLN C 136 -51.22 -14.85 -16.41
N ARG C 137 -51.32 -14.09 -15.32
CA ARG C 137 -52.61 -13.81 -14.70
C ARG C 137 -53.00 -12.33 -14.70
N SER C 138 -52.01 -11.44 -14.71
CA SER C 138 -52.31 -10.01 -14.88
C SER C 138 -52.53 -9.70 -16.36
N GLU C 139 -52.18 -10.65 -17.21
CA GLU C 139 -52.37 -10.55 -18.65
C GLU C 139 -51.76 -9.31 -19.31
N HIS C 140 -50.48 -9.07 -19.05
CA HIS C 140 -49.71 -8.15 -19.88
C HIS C 140 -49.60 -8.79 -21.26
N PRO C 141 -49.56 -7.97 -22.32
CA PRO C 141 -49.57 -8.50 -23.69
C PRO C 141 -48.43 -9.48 -23.97
N LEU C 142 -47.30 -9.26 -23.31
CA LEU C 142 -46.18 -10.18 -23.42
C LEU C 142 -46.57 -11.60 -23.03
N ALA C 143 -47.51 -11.72 -22.10
CA ALA C 143 -47.98 -13.03 -21.66
C ALA C 143 -48.68 -13.78 -22.79
N GLN C 144 -49.57 -13.08 -23.50
CA GLN C 144 -50.25 -13.69 -24.64
C GLN C 144 -49.28 -13.90 -25.79
N LEU C 145 -48.20 -13.14 -25.78
CA LEU C 145 -47.17 -13.28 -26.80
C LEU C 145 -46.47 -14.64 -26.71
N TYR C 146 -46.48 -15.24 -25.52
CA TYR C 146 -45.90 -16.58 -25.33
C TYR C 146 -46.77 -17.49 -24.46
N CYS C 147 -46.15 -18.51 -23.87
CA CYS C 147 -46.86 -19.50 -23.07
C CYS C 147 -46.04 -20.01 -21.88
N HIS C 148 -45.14 -20.96 -22.12
CA HIS C 148 -44.19 -21.38 -21.10
C HIS C 148 -43.20 -20.27 -20.83
N SER C 149 -42.78 -20.13 -19.57
CA SER C 149 -41.65 -19.28 -19.17
C SER C 149 -41.61 -17.95 -19.91
N ILE C 150 -42.74 -17.26 -19.93
CA ILE C 150 -42.96 -16.15 -20.85
C ILE C 150 -41.96 -15.02 -20.65
N MET C 151 -41.57 -14.77 -19.40
CA MET C 151 -40.55 -13.77 -19.16
C MET C 151 -39.24 -14.21 -19.79
N GLU C 152 -38.92 -15.49 -19.71
CA GLU C 152 -37.67 -16.00 -20.25
C GLU C 152 -37.71 -16.29 -21.74
N HIS C 153 -38.86 -16.69 -22.28
CA HIS C 153 -39.00 -16.71 -23.73
C HIS C 153 -38.86 -15.28 -24.25
N HIS C 154 -39.27 -14.32 -23.45
CA HIS C 154 -39.04 -12.92 -23.75
C HIS C 154 -37.58 -12.51 -23.52
N HIS C 155 -36.85 -13.26 -22.70
CA HIS C 155 -35.46 -12.91 -22.45
C HIS C 155 -34.58 -13.46 -23.55
N PHE C 156 -34.98 -14.58 -24.14
CA PHE C 156 -34.36 -15.02 -25.39
C PHE C 156 -34.79 -14.14 -26.54
N ASP C 157 -36.06 -13.72 -26.52
CA ASP C 157 -36.57 -12.86 -27.58
C ASP C 157 -35.79 -11.55 -27.59
N GLN C 158 -35.53 -11.02 -26.39
CA GLN C 158 -34.76 -9.79 -26.27
C GLN C 158 -33.27 -10.06 -26.28
N CYS C 159 -32.88 -11.33 -26.21
CA CYS C 159 -31.48 -11.68 -26.43
C CYS C 159 -31.19 -11.47 -27.90
N LEU C 160 -31.90 -12.25 -28.72
CA LEU C 160 -31.74 -12.22 -30.16
C LEU C 160 -32.12 -10.84 -30.73
N MET C 161 -33.03 -10.15 -30.06
CA MET C 161 -33.44 -8.82 -30.52
C MET C 161 -32.45 -7.74 -30.11
N ILE C 162 -32.26 -7.57 -28.80
CA ILE C 162 -31.42 -6.48 -28.32
C ILE C 162 -29.96 -6.64 -28.75
N LEU C 163 -29.44 -7.86 -28.76
CA LEU C 163 -28.07 -8.04 -29.24
C LEU C 163 -27.95 -7.67 -30.71
N ASN C 164 -29.04 -7.85 -31.45
CA ASN C 164 -29.11 -7.35 -32.81
C ASN C 164 -29.56 -5.89 -32.87
N SER C 165 -30.07 -5.38 -31.75
CA SER C 165 -30.45 -3.98 -31.65
C SER C 165 -29.21 -3.11 -31.46
N PRO C 166 -29.28 -1.83 -31.88
CA PRO C 166 -28.11 -0.94 -31.81
C PRO C 166 -27.59 -0.71 -30.40
N GLY C 167 -26.27 -0.58 -30.28
CA GLY C 167 -25.62 -0.38 -29.00
C GLY C 167 -25.40 -1.68 -28.25
N ASN C 168 -25.66 -2.80 -28.92
CA ASN C 168 -25.57 -4.09 -28.26
C ASN C 168 -25.03 -5.21 -29.14
N GLN C 169 -24.49 -4.85 -30.31
CA GLN C 169 -24.04 -5.85 -31.27
C GLN C 169 -22.69 -6.48 -30.92
N ILE C 170 -22.66 -7.27 -29.86
CA ILE C 170 -21.48 -8.06 -29.56
C ILE C 170 -21.50 -9.37 -30.34
N LEU C 171 -22.64 -9.67 -30.96
CA LEU C 171 -22.78 -10.84 -31.79
C LEU C 171 -22.16 -10.61 -33.17
N SER C 172 -21.82 -9.35 -33.43
CA SER C 172 -21.34 -8.93 -34.74
C SER C 172 -20.02 -9.60 -35.15
N GLY C 173 -19.17 -9.88 -34.18
CA GLY C 173 -17.89 -10.50 -34.47
C GLY C 173 -17.96 -12.01 -34.60
N LEU C 174 -19.11 -12.57 -34.24
CA LEU C 174 -19.30 -14.03 -34.28
C LEU C 174 -19.34 -14.60 -35.69
N SER C 175 -18.71 -15.75 -35.88
CA SER C 175 -18.86 -16.51 -37.11
C SER C 175 -20.21 -17.22 -37.09
N ILE C 176 -20.72 -17.57 -38.26
CA ILE C 176 -22.08 -18.10 -38.39
C ILE C 176 -22.28 -19.37 -37.58
N GLU C 177 -21.23 -20.19 -37.46
CA GLU C 177 -21.30 -21.39 -36.63
C GLU C 177 -21.29 -21.01 -35.15
N GLU C 178 -20.37 -20.13 -34.79
CA GLU C 178 -20.29 -19.67 -33.41
C GLU C 178 -21.56 -18.94 -33.04
N TYR C 179 -22.12 -18.24 -34.01
CA TYR C 179 -23.34 -17.46 -33.82
C TYR C 179 -24.53 -18.40 -33.64
N LYS C 180 -24.52 -19.50 -34.40
CA LYS C 180 -25.58 -20.49 -34.36
C LYS C 180 -25.60 -21.23 -33.03
N THR C 181 -24.43 -21.69 -32.62
CA THR C 181 -24.30 -22.36 -31.34
C THR C 181 -24.66 -21.39 -30.24
N THR C 182 -24.32 -20.13 -30.47
CA THR C 182 -24.55 -19.07 -29.51
C THR C 182 -26.04 -18.90 -29.25
N LEU C 183 -26.78 -18.37 -30.22
CA LEU C 183 -28.19 -18.07 -29.97
C LEU C 183 -29.06 -19.31 -29.71
N LYS C 184 -28.66 -20.47 -30.21
CA LYS C 184 -29.42 -21.70 -29.95
C LYS C 184 -29.21 -22.24 -28.54
N ILE C 185 -27.96 -22.37 -28.14
CA ILE C 185 -27.66 -22.85 -26.80
C ILE C 185 -28.16 -21.83 -25.78
N ILE C 186 -28.07 -20.55 -26.15
CA ILE C 186 -28.66 -19.49 -25.34
C ILE C 186 -30.17 -19.59 -25.33
N LYS C 187 -30.76 -20.10 -26.40
CA LYS C 187 -32.21 -20.26 -26.41
C LYS C 187 -32.61 -21.26 -25.35
N GLN C 188 -32.02 -22.44 -25.42
CA GLN C 188 -32.35 -23.50 -24.47
C GLN C 188 -31.97 -23.11 -23.04
N ALA C 189 -30.90 -22.34 -22.92
CA ALA C 189 -30.38 -21.95 -21.61
C ALA C 189 -31.22 -20.87 -20.96
N ILE C 190 -31.66 -19.89 -21.73
CA ILE C 190 -32.57 -18.86 -21.22
C ILE C 190 -33.90 -19.50 -20.89
N LEU C 191 -34.27 -20.53 -21.64
CA LEU C 191 -35.45 -21.28 -21.25
C LEU C 191 -35.16 -21.91 -19.90
N ALA C 192 -33.92 -22.33 -19.70
CA ALA C 192 -33.50 -22.90 -18.43
C ALA C 192 -33.01 -21.86 -17.41
N THR C 193 -32.84 -20.60 -17.83
CA THR C 193 -32.55 -19.55 -16.85
C THR C 193 -33.74 -19.43 -15.93
N ASP C 194 -34.91 -19.71 -16.48
CA ASP C 194 -36.10 -19.87 -15.66
C ASP C 194 -35.85 -21.08 -14.78
N LEU C 195 -36.19 -20.94 -13.51
CA LEU C 195 -35.97 -22.00 -12.54
C LEU C 195 -36.85 -23.20 -12.92
N ALA C 196 -37.96 -22.90 -13.58
CA ALA C 196 -38.95 -23.91 -13.94
C ALA C 196 -38.44 -24.89 -15.00
N LEU C 197 -38.13 -24.39 -16.21
CA LEU C 197 -37.71 -25.28 -17.28
C LEU C 197 -36.36 -25.91 -16.91
N TYR C 198 -35.67 -25.29 -15.97
CA TYR C 198 -34.62 -25.98 -15.24
C TYR C 198 -35.13 -27.22 -14.53
N ILE C 199 -36.22 -27.09 -13.79
CA ILE C 199 -36.76 -28.24 -13.08
C ILE C 199 -37.14 -29.31 -14.10
N LYS C 200 -37.55 -28.85 -15.28
CA LYS C 200 -37.84 -29.77 -16.38
C LYS C 200 -36.61 -30.53 -16.86
N ARG C 201 -35.54 -29.81 -17.17
CA ARG C 201 -34.37 -30.41 -17.80
C ARG C 201 -33.39 -31.09 -16.84
N ARG C 202 -33.50 -30.81 -15.55
CA ARG C 202 -32.44 -31.15 -14.59
C ARG C 202 -32.22 -32.65 -14.34
N GLY C 203 -33.29 -33.44 -14.47
CA GLY C 203 -33.22 -34.83 -14.05
C GLY C 203 -32.26 -35.67 -14.87
N GLU C 204 -32.23 -35.42 -16.17
CA GLU C 204 -31.27 -36.10 -17.05
C GLU C 204 -29.87 -35.74 -16.61
N PHE C 205 -29.71 -34.49 -16.18
CA PHE C 205 -28.41 -34.01 -15.77
C PHE C 205 -27.96 -34.75 -14.53
N PHE C 206 -28.78 -34.77 -13.49
CA PHE C 206 -28.38 -35.41 -12.24
C PHE C 206 -28.15 -36.90 -12.43
N GLU C 207 -28.94 -37.52 -13.30
CA GLU C 207 -28.73 -38.93 -13.62
C GLU C 207 -27.40 -39.13 -14.31
N LEU C 208 -26.97 -38.12 -15.07
CA LEU C 208 -25.70 -38.18 -15.77
C LEU C 208 -24.52 -37.64 -14.94
N ILE C 209 -24.80 -37.15 -13.74
CA ILE C 209 -23.77 -36.55 -12.90
C ILE C 209 -23.42 -37.41 -11.69
N ARG C 210 -24.42 -37.97 -11.04
CA ARG C 210 -24.20 -38.63 -9.74
C ARG C 210 -23.23 -39.81 -9.85
N LYS C 211 -23.20 -40.46 -11.02
CA LYS C 211 -22.37 -41.63 -11.21
C LYS C 211 -20.97 -41.30 -11.74
N ASN C 212 -20.67 -40.01 -11.87
CA ASN C 212 -19.37 -39.54 -12.36
C ASN C 212 -19.14 -40.09 -13.77
N GLN C 213 -20.21 -40.18 -14.54
CA GLN C 213 -20.14 -40.68 -15.91
C GLN C 213 -20.30 -39.56 -16.93
N PHE C 214 -20.35 -38.32 -16.47
CA PHE C 214 -20.56 -37.17 -17.36
C PHE C 214 -19.38 -36.99 -18.32
N ASN C 215 -19.67 -36.65 -19.56
CA ASN C 215 -18.64 -36.51 -20.58
C ASN C 215 -18.90 -35.33 -21.51
N LEU C 216 -17.85 -34.57 -21.81
CA LEU C 216 -18.00 -33.35 -22.58
C LEU C 216 -17.80 -33.60 -24.07
N GLU C 217 -17.40 -34.82 -24.41
CA GLU C 217 -17.37 -35.25 -25.80
C GLU C 217 -18.71 -35.89 -26.16
N ASP C 218 -19.69 -35.64 -25.30
CA ASP C 218 -21.08 -36.01 -25.55
C ASP C 218 -21.89 -34.74 -25.33
N PRO C 219 -21.91 -33.86 -26.35
CA PRO C 219 -22.21 -32.43 -26.27
C PRO C 219 -23.58 -32.04 -25.68
N HIS C 220 -24.63 -32.83 -25.91
CA HIS C 220 -25.93 -32.45 -25.38
C HIS C 220 -25.95 -32.46 -23.85
N GLN C 221 -25.21 -33.39 -23.26
CA GLN C 221 -25.06 -33.47 -21.81
C GLN C 221 -24.36 -32.23 -21.30
N LYS C 222 -23.44 -31.75 -22.13
CA LYS C 222 -22.57 -30.62 -21.82
C LYS C 222 -23.37 -29.33 -21.84
N GLU C 223 -24.20 -29.18 -22.87
CA GLU C 223 -25.11 -28.05 -22.98
C GLU C 223 -26.15 -28.09 -21.85
N LEU C 224 -26.54 -29.30 -21.47
CA LEU C 224 -27.47 -29.46 -20.36
C LEU C 224 -26.79 -28.97 -19.08
N PHE C 225 -25.49 -29.23 -18.96
CA PHE C 225 -24.71 -28.69 -17.86
C PHE C 225 -24.66 -27.18 -17.92
N LEU C 226 -24.66 -26.66 -19.13
CA LEU C 226 -24.65 -25.22 -19.30
C LEU C 226 -25.91 -24.66 -18.69
N ALA C 227 -27.04 -25.29 -19.01
CA ALA C 227 -28.33 -24.85 -18.50
C ALA C 227 -28.39 -24.97 -16.98
N MET C 228 -27.75 -26.00 -16.45
CA MET C 228 -27.71 -26.21 -15.01
C MET C 228 -26.94 -25.10 -14.33
N LEU C 229 -25.84 -24.68 -14.95
CA LEU C 229 -25.10 -23.55 -14.42
C LEU C 229 -25.93 -22.27 -14.57
N MET C 230 -26.78 -22.23 -15.59
CA MET C 230 -27.60 -21.05 -15.83
C MET C 230 -28.54 -20.83 -14.67
N THR C 231 -29.26 -21.89 -14.33
CA THR C 231 -30.20 -21.84 -13.22
C THR C 231 -29.47 -21.69 -11.90
N ALA C 232 -28.24 -22.20 -11.85
CA ALA C 232 -27.40 -22.00 -10.67
C ALA C 232 -27.09 -20.53 -10.49
N CYS C 233 -27.05 -19.80 -11.60
CA CYS C 233 -26.74 -18.38 -11.57
C CYS C 233 -27.98 -17.48 -11.40
N ASP C 234 -29.14 -17.94 -11.86
CA ASP C 234 -30.34 -17.10 -11.83
C ASP C 234 -30.76 -16.69 -10.42
N LEU C 235 -30.41 -17.50 -9.43
CA LEU C 235 -30.78 -17.24 -8.04
C LEU C 235 -29.59 -16.97 -7.11
N SER C 236 -28.51 -16.45 -7.67
CA SER C 236 -27.24 -16.39 -6.95
C SER C 236 -27.17 -15.32 -5.87
N ALA C 237 -28.17 -14.45 -5.81
CA ALA C 237 -28.19 -13.37 -4.83
C ALA C 237 -28.18 -13.91 -3.40
N ILE C 238 -28.70 -15.13 -3.24
CA ILE C 238 -28.76 -15.77 -1.93
C ILE C 238 -27.37 -16.15 -1.42
N THR C 239 -26.39 -16.18 -2.33
CA THR C 239 -25.02 -16.55 -1.95
C THR C 239 -24.32 -15.46 -1.11
N LYS C 240 -24.89 -14.26 -1.12
CA LYS C 240 -24.27 -13.09 -0.49
C LYS C 240 -24.33 -13.07 1.05
N PRO C 241 -23.40 -12.34 1.70
CA PRO C 241 -23.25 -12.28 3.16
C PRO C 241 -24.44 -11.71 3.92
N TRP C 242 -24.66 -12.23 5.12
CA TRP C 242 -25.83 -11.95 5.95
C TRP C 242 -26.15 -10.49 6.25
N PRO C 243 -25.15 -9.66 6.64
CA PRO C 243 -25.52 -8.26 6.87
C PRO C 243 -26.11 -7.63 5.62
N ILE C 244 -25.62 -8.10 4.48
CA ILE C 244 -26.05 -7.64 3.16
C ILE C 244 -27.23 -8.47 2.65
N GLN C 245 -27.18 -9.76 2.95
CA GLN C 245 -28.20 -10.70 2.51
C GLN C 245 -29.52 -10.31 3.15
N GLN C 246 -29.42 -9.70 4.32
CA GLN C 246 -30.57 -9.14 5.01
C GLN C 246 -31.30 -8.24 4.03
N ARG C 247 -30.55 -7.31 3.45
CA ARG C 247 -31.07 -6.42 2.44
C ARG C 247 -31.60 -7.19 1.25
N ILE C 248 -30.82 -8.18 0.78
CA ILE C 248 -31.13 -8.84 -0.48
C ILE C 248 -32.42 -9.69 -0.44
N ALA C 249 -32.54 -10.55 0.55
CA ALA C 249 -33.70 -11.44 0.66
C ALA C 249 -34.85 -10.85 1.48
N GLU C 250 -34.62 -9.78 2.24
CA GLU C 250 -35.76 -9.01 2.74
C GLU C 250 -36.26 -8.04 1.68
N LEU C 251 -35.46 -7.84 0.63
CA LEU C 251 -36.01 -7.26 -0.59
C LEU C 251 -36.60 -8.32 -1.48
N VAL C 252 -36.20 -9.59 -1.31
CA VAL C 252 -36.97 -10.64 -1.95
C VAL C 252 -38.33 -10.66 -1.27
N ALA C 253 -38.30 -10.45 0.04
CA ALA C 253 -39.51 -10.39 0.84
C ALA C 253 -40.37 -9.24 0.37
N THR C 254 -39.88 -8.00 0.55
CA THR C 254 -40.67 -6.82 0.22
C THR C 254 -41.01 -6.66 -1.27
N GLU C 255 -40.17 -7.18 -2.16
CA GLU C 255 -40.46 -7.08 -3.59
C GLU C 255 -41.48 -8.11 -4.05
N PHE C 256 -41.47 -9.29 -3.44
CA PHE C 256 -42.56 -10.23 -3.68
C PHE C 256 -43.77 -9.85 -2.84
N TRP C 257 -43.58 -8.87 -1.95
CA TRP C 257 -44.68 -8.26 -1.24
C TRP C 257 -45.25 -7.06 -2.01
N GLU C 258 -44.50 -6.56 -2.98
CA GLU C 258 -45.00 -5.51 -3.87
C GLU C 258 -45.66 -6.14 -5.08
N GLN C 259 -44.95 -7.12 -5.65
CA GLN C 259 -45.54 -7.96 -6.68
C GLN C 259 -46.70 -8.71 -6.05
N GLY C 260 -46.57 -8.98 -4.75
CA GLY C 260 -47.63 -9.62 -4.00
C GLY C 260 -48.74 -8.65 -3.66
N ASP C 261 -48.40 -7.37 -3.54
CA ASP C 261 -49.43 -6.34 -3.44
C ASP C 261 -50.23 -6.32 -4.72
N LEU C 262 -49.54 -6.55 -5.82
CA LEU C 262 -50.21 -6.71 -7.10
C LEU C 262 -50.99 -8.02 -7.11
N GLU C 263 -50.54 -8.98 -6.32
CA GLU C 263 -51.25 -10.26 -6.21
C GLU C 263 -52.51 -10.13 -5.36
N ARG C 264 -52.58 -9.06 -4.58
CA ARG C 264 -53.75 -8.82 -3.75
C ARG C 264 -54.35 -7.44 -3.99
N THR C 265 -54.17 -6.96 -5.22
CA THR C 265 -54.88 -5.78 -5.72
C THR C 265 -55.39 -6.04 -7.13
N VAL C 266 -54.46 -6.13 -8.08
CA VAL C 266 -54.83 -6.37 -9.46
C VAL C 266 -55.06 -7.86 -9.69
N LEU C 267 -54.86 -8.67 -8.64
CA LEU C 267 -55.07 -10.10 -8.74
C LEU C 267 -56.03 -10.64 -7.66
N GLN C 268 -55.90 -10.13 -6.44
CA GLN C 268 -56.82 -10.45 -5.35
C GLN C 268 -57.01 -11.94 -5.05
N GLN C 269 -55.93 -12.71 -5.13
CA GLN C 269 -55.98 -14.09 -4.67
C GLN C 269 -55.99 -14.12 -3.15
N GLN C 270 -56.61 -15.16 -2.57
CA GLN C 270 -56.45 -15.40 -1.15
C GLN C 270 -54.98 -15.76 -0.99
N PRO C 271 -54.26 -15.05 -0.09
CA PRO C 271 -52.79 -15.08 -0.14
C PRO C 271 -52.17 -16.45 0.04
N ILE C 272 -51.11 -16.70 -0.73
CA ILE C 272 -50.26 -17.87 -0.57
C ILE C 272 -49.18 -17.58 0.48
N PRO C 273 -48.72 -18.63 1.20
CA PRO C 273 -47.96 -18.41 2.44
C PRO C 273 -46.67 -17.59 2.32
N MET C 274 -45.93 -17.69 1.22
CA MET C 274 -44.65 -17.00 1.17
C MET C 274 -44.78 -15.49 0.92
N MET C 275 -45.53 -15.14 -0.12
CA MET C 275 -45.60 -13.76 -0.55
C MET C 275 -46.59 -12.93 0.25
N ASP C 276 -47.33 -13.57 1.15
CA ASP C 276 -48.11 -12.82 2.11
C ASP C 276 -47.14 -12.05 3.00
N ARG C 277 -47.42 -10.76 3.22
CA ARG C 277 -46.53 -9.92 4.01
C ARG C 277 -46.56 -10.37 5.47
N ASN C 278 -47.66 -11.00 5.85
CA ASN C 278 -47.89 -11.42 7.22
C ASN C 278 -46.83 -12.41 7.68
N LYS C 279 -46.24 -13.11 6.71
CA LYS C 279 -45.16 -14.05 7.01
C LYS C 279 -43.82 -13.33 7.02
N ARG C 280 -43.78 -12.10 7.52
CA ARG C 280 -42.51 -11.34 7.54
C ARG C 280 -41.45 -12.05 8.36
N ASP C 281 -41.89 -12.81 9.35
CA ASP C 281 -41.00 -13.59 10.19
C ASP C 281 -41.22 -15.08 9.99
N GLU C 282 -41.81 -15.43 8.85
CA GLU C 282 -41.99 -16.83 8.47
C GLU C 282 -41.68 -17.05 6.99
N LEU C 283 -41.48 -15.95 6.26
CA LEU C 283 -41.05 -16.02 4.87
C LEU C 283 -39.74 -16.79 4.67
N PRO C 284 -38.71 -16.53 5.52
CA PRO C 284 -37.43 -17.21 5.25
C PRO C 284 -37.50 -18.74 5.23
N LYS C 285 -38.37 -19.36 6.04
CA LYS C 285 -38.52 -20.81 5.97
C LYS C 285 -38.99 -21.23 4.58
N LEU C 286 -39.85 -20.40 4.01
CA LEU C 286 -40.42 -20.65 2.69
C LEU C 286 -39.42 -20.23 1.62
N GLN C 287 -38.33 -19.60 2.04
CA GLN C 287 -37.18 -19.48 1.16
C GLN C 287 -36.35 -20.76 1.23
N VAL C 288 -36.25 -21.33 2.43
CA VAL C 288 -35.42 -22.52 2.61
C VAL C 288 -35.96 -23.68 1.77
N GLY C 289 -37.28 -23.79 1.71
CA GLY C 289 -37.90 -24.86 0.97
C GLY C 289 -37.71 -24.62 -0.51
N PHE C 290 -37.52 -23.35 -0.86
CA PHE C 290 -37.12 -23.00 -2.22
C PHE C 290 -35.66 -23.38 -2.44
N ILE C 291 -34.82 -23.07 -1.45
CA ILE C 291 -33.39 -23.34 -1.55
C ILE C 291 -33.13 -24.82 -1.67
N ASP C 292 -33.92 -25.61 -0.96
CA ASP C 292 -33.82 -27.06 -1.04
C ASP C 292 -34.28 -27.58 -2.40
N PHE C 293 -35.20 -26.85 -3.03
CA PHE C 293 -35.86 -27.33 -4.23
C PHE C 293 -35.07 -27.06 -5.51
N VAL C 294 -34.33 -25.97 -5.53
CA VAL C 294 -33.54 -25.63 -6.72
C VAL C 294 -32.07 -25.44 -6.38
N CYS C 295 -31.80 -24.62 -5.38
CA CYS C 295 -30.43 -24.24 -5.04
C CYS C 295 -29.57 -25.45 -4.73
N THR C 296 -29.73 -26.00 -3.52
CA THR C 296 -28.86 -27.07 -3.04
C THR C 296 -28.91 -28.29 -3.95
N GLN C 297 -30.09 -28.56 -4.52
CA GLN C 297 -30.26 -29.69 -5.40
C GLN C 297 -29.38 -29.56 -6.63
N LEU C 298 -29.21 -28.32 -7.09
CA LEU C 298 -28.40 -28.03 -8.27
C LEU C 298 -26.94 -27.82 -7.96
N TYR C 299 -26.68 -27.20 -6.82
CA TYR C 299 -25.31 -26.93 -6.42
C TYR C 299 -24.61 -28.18 -5.87
N GLU C 300 -25.36 -29.25 -5.61
CA GLU C 300 -24.72 -30.53 -5.32
C GLU C 300 -24.05 -31.12 -6.57
N ALA C 301 -24.78 -31.15 -7.68
CA ALA C 301 -24.21 -31.59 -8.94
C ALA C 301 -23.16 -30.61 -9.43
N LEU C 302 -23.40 -29.33 -9.16
CA LEU C 302 -22.47 -28.27 -9.55
C LEU C 302 -21.25 -28.35 -8.64
N THR C 303 -21.40 -29.10 -7.55
CA THR C 303 -20.29 -29.44 -6.67
C THR C 303 -19.50 -30.66 -7.18
N HIS C 304 -20.19 -31.71 -7.58
CA HIS C 304 -19.50 -32.93 -7.99
C HIS C 304 -18.93 -32.87 -9.41
N VAL C 305 -19.32 -31.88 -10.20
CA VAL C 305 -18.65 -31.67 -11.48
C VAL C 305 -17.81 -30.41 -11.45
N SER C 306 -18.46 -29.25 -11.44
CA SER C 306 -17.77 -27.99 -11.25
C SER C 306 -17.18 -28.01 -9.84
N GLU C 307 -16.04 -27.38 -9.64
CA GLU C 307 -15.27 -27.63 -8.43
C GLU C 307 -15.13 -26.47 -7.46
N ASP C 308 -14.42 -25.43 -7.90
CA ASP C 308 -14.17 -24.28 -7.05
C ASP C 308 -15.47 -23.52 -6.87
N CYS C 309 -16.50 -23.98 -7.58
CA CYS C 309 -17.85 -23.45 -7.49
C CYS C 309 -18.58 -23.98 -6.24
N PHE C 310 -17.90 -24.82 -5.47
CA PHE C 310 -18.47 -25.34 -4.22
C PHE C 310 -18.96 -24.24 -3.27
N PRO C 311 -18.18 -23.16 -3.07
CA PRO C 311 -18.70 -22.08 -2.21
C PRO C 311 -20.01 -21.47 -2.72
N LEU C 312 -20.26 -21.51 -4.02
CA LEU C 312 -21.53 -21.03 -4.56
C LEU C 312 -22.68 -21.80 -3.91
N LEU C 313 -22.42 -23.05 -3.55
CA LEU C 313 -23.32 -23.81 -2.67
C LEU C 313 -23.20 -23.35 -1.23
N ASP C 314 -21.97 -23.36 -0.71
CA ASP C 314 -21.73 -23.10 0.70
C ASP C 314 -22.16 -21.68 1.05
N GLY C 315 -21.96 -20.75 0.12
CA GLY C 315 -22.25 -19.36 0.36
C GLY C 315 -23.74 -19.13 0.41
N CYS C 316 -24.49 -20.10 -0.10
CA CYS C 316 -25.94 -20.09 0.09
C CYS C 316 -26.32 -20.71 1.44
N ARG C 317 -25.69 -21.84 1.78
CA ARG C 317 -26.15 -22.63 2.91
C ARG C 317 -25.97 -21.87 4.22
N LYS C 318 -24.99 -20.98 4.23
CA LYS C 318 -24.68 -20.18 5.41
C LYS C 318 -25.88 -19.32 5.78
N ASN C 319 -26.65 -18.90 4.78
CA ASN C 319 -27.85 -18.11 5.02
C ASN C 319 -28.96 -18.88 5.72
N ARG C 320 -29.00 -20.20 5.52
CA ARG C 320 -30.17 -21.01 5.90
C ARG C 320 -30.69 -20.71 7.30
N GLN C 321 -29.96 -21.19 8.30
CA GLN C 321 -30.33 -20.96 9.69
C GLN C 321 -30.38 -19.48 10.02
N LYS C 322 -29.54 -18.70 9.35
CA LYS C 322 -29.47 -17.28 9.64
C LYS C 322 -30.78 -16.61 9.24
N TRP C 323 -31.42 -17.17 8.21
CA TRP C 323 -32.76 -16.71 7.85
C TRP C 323 -33.80 -17.40 8.70
N GLN C 324 -33.50 -18.62 9.12
CA GLN C 324 -34.39 -19.34 10.02
C GLN C 324 -34.56 -18.54 11.29
N ALA C 325 -33.50 -17.81 11.67
CA ALA C 325 -33.59 -16.92 12.83
C ALA C 325 -34.69 -15.90 12.63
N LEU C 326 -34.70 -15.21 11.49
CA LEU C 326 -35.78 -14.28 11.20
C LEU C 326 -37.06 -15.05 10.98
N ALA C 327 -36.94 -16.30 10.55
CA ALA C 327 -38.09 -17.16 10.37
C ALA C 327 -38.54 -17.72 11.71
N GLU C 328 -37.71 -17.55 12.73
CA GLU C 328 -38.06 -17.95 14.10
C GLU C 328 -38.57 -16.77 14.90
N GLN C 329 -39.23 -15.84 14.22
CA GLN C 329 -39.84 -14.67 14.87
C GLN C 329 -38.83 -13.90 15.72
N GLU D 2 -46.33 -23.88 -18.28
CA GLU D 2 -45.23 -24.49 -17.55
C GLU D 2 -45.70 -25.71 -16.77
N ALA D 3 -46.02 -26.79 -17.48
CA ALA D 3 -46.38 -28.05 -16.85
C ALA D 3 -45.20 -28.66 -16.09
N PHE D 4 -45.46 -29.13 -14.87
CA PHE D 4 -44.43 -29.80 -14.06
C PHE D 4 -45.06 -30.78 -13.07
N ASN D 5 -44.22 -31.34 -12.21
CA ASN D 5 -44.67 -32.29 -11.21
C ASN D 5 -45.65 -31.64 -10.24
N HIS D 6 -46.69 -32.38 -9.88
CA HIS D 6 -47.74 -31.90 -8.99
C HIS D 6 -47.20 -31.58 -7.60
N LEU D 7 -46.14 -32.29 -7.20
CA LEU D 7 -45.50 -32.03 -5.92
C LEU D 7 -44.86 -30.65 -5.92
N GLU D 8 -44.49 -30.22 -7.11
CA GLU D 8 -43.75 -28.97 -7.29
C GLU D 8 -44.69 -27.78 -7.42
N LEU D 9 -45.88 -28.01 -7.95
CA LEU D 9 -46.80 -26.93 -8.31
C LEU D 9 -47.19 -26.06 -7.12
N HIS D 10 -47.63 -26.68 -6.03
CA HIS D 10 -47.96 -25.93 -4.83
C HIS D 10 -46.71 -25.27 -4.28
N GLU D 11 -45.57 -25.94 -4.45
CA GLU D 11 -44.30 -25.35 -4.07
C GLU D 11 -43.98 -24.16 -4.99
N LEU D 12 -44.37 -24.28 -6.26
CA LEU D 12 -44.24 -23.17 -7.20
C LEU D 12 -45.17 -22.06 -6.76
N ALA D 13 -46.23 -22.47 -6.06
CA ALA D 13 -47.22 -21.54 -5.54
C ALA D 13 -46.85 -21.06 -4.14
N GLN D 14 -45.65 -21.41 -3.67
CA GLN D 14 -45.18 -20.87 -2.40
C GLN D 14 -43.67 -20.63 -2.38
N TYR D 15 -43.00 -20.82 -3.51
CA TYR D 15 -41.58 -20.49 -3.62
C TYR D 15 -41.37 -19.46 -4.72
N GLY D 16 -40.13 -19.07 -4.95
CA GLY D 16 -39.83 -17.93 -5.81
C GLY D 16 -40.10 -18.18 -7.28
N ILE D 17 -40.17 -19.44 -7.67
CA ILE D 17 -40.50 -19.79 -9.04
C ILE D 17 -41.95 -19.42 -9.33
N ILE D 18 -42.19 -18.86 -10.51
CA ILE D 18 -43.52 -18.48 -11.00
C ILE D 18 -44.60 -18.25 -9.92
N GLN E 1 14.86 40.83 9.08
CA GLN E 1 14.25 41.28 10.32
C GLN E 1 12.94 40.52 10.53
N LYS E 2 11.82 41.17 10.26
CA LYS E 2 10.53 40.49 10.22
C LYS E 2 10.46 39.67 8.94
N LEU E 3 11.37 39.99 8.02
CA LEU E 3 11.25 39.63 6.63
C LEU E 3 11.72 38.20 6.42
N LYS E 4 12.16 37.59 7.51
CA LYS E 4 12.73 36.25 7.50
C LYS E 4 12.07 35.36 8.58
N CYS E 5 10.85 34.90 8.31
CA CYS E 5 10.13 34.02 9.24
C CYS E 5 9.15 33.12 8.50
N GLU E 6 8.39 33.73 7.58
CA GLU E 6 7.25 33.09 6.95
C GLU E 6 7.64 31.87 6.13
N CYS E 7 8.86 31.87 5.58
CA CYS E 7 9.38 30.69 4.90
C CYS E 7 9.66 29.55 5.88
N GLN E 8 10.17 29.90 7.06
CA GLN E 8 10.40 28.88 8.08
C GLN E 8 9.08 28.40 8.68
N ALA E 9 8.04 29.20 8.52
CA ALA E 9 6.70 28.72 8.81
C ALA E 9 6.31 27.65 7.80
N LEU E 10 6.80 27.79 6.58
CA LEU E 10 6.63 26.74 5.58
C LEU E 10 7.47 25.53 5.96
N LEU E 11 8.58 25.76 6.66
CA LEU E 11 9.34 24.66 7.24
C LEU E 11 8.52 23.96 8.30
N GLN E 12 7.72 24.73 9.02
CA GLN E 12 6.86 24.18 10.06
C GLN E 12 5.76 23.33 9.46
N VAL E 13 5.10 23.86 8.43
CA VAL E 13 4.00 23.15 7.79
C VAL E 13 4.55 21.92 7.06
N ALA E 14 5.81 21.99 6.65
CA ALA E 14 6.44 20.84 6.00
C ALA E 14 6.74 19.74 7.00
N LYS E 15 7.43 20.10 8.09
CA LYS E 15 7.83 19.13 9.09
C LYS E 15 6.60 18.55 9.76
N ASN E 16 5.51 19.30 9.73
CA ASN E 16 4.23 18.78 10.21
C ASN E 16 3.60 17.86 9.18
N LEU E 17 3.07 18.44 8.11
CA LEU E 17 2.21 17.71 7.19
C LEU E 17 2.89 16.53 6.51
N PHE E 18 4.20 16.59 6.33
CA PHE E 18 4.91 15.46 5.75
C PHE E 18 5.08 14.32 6.75
N THR E 19 4.86 14.60 8.02
CA THR E 19 4.91 13.57 9.05
C THR E 19 3.52 13.05 9.45
N HIS E 20 2.48 13.58 8.82
CA HIS E 20 1.11 13.17 9.14
C HIS E 20 0.40 12.46 7.99
N LEU E 21 1.17 11.73 7.19
CA LEU E 21 0.64 10.99 6.05
C LEU E 21 -0.22 9.80 6.46
N ASP E 22 -0.09 9.37 7.72
CA ASP E 22 -0.77 8.18 8.20
C ASP E 22 -2.31 8.30 8.17
N ASP E 23 -2.82 9.51 8.30
CA ASP E 23 -4.26 9.75 8.25
C ASP E 23 -4.58 11.12 7.69
N VAL E 24 -5.62 11.19 6.87
CA VAL E 24 -6.05 12.45 6.28
C VAL E 24 -6.76 13.35 7.30
N SER E 25 -7.44 12.76 8.28
CA SER E 25 -8.24 13.56 9.21
C SER E 25 -7.34 14.41 10.11
N VAL E 26 -6.29 13.79 10.62
CA VAL E 26 -5.30 14.49 11.43
C VAL E 26 -4.61 15.55 10.58
N LEU E 27 -4.44 15.22 9.30
CA LEU E 27 -3.83 16.14 8.36
C LEU E 27 -4.70 17.38 8.25
N LEU E 28 -6.02 17.17 8.23
CA LEU E 28 -6.98 18.28 8.21
C LEU E 28 -6.95 19.07 9.52
N GLN E 29 -6.69 18.39 10.63
CA GLN E 29 -6.62 19.10 11.90
C GLN E 29 -5.43 20.04 11.92
N GLU E 30 -4.27 19.50 11.54
CA GLU E 30 -3.04 20.29 11.51
C GLU E 30 -3.12 21.40 10.48
N ILE E 31 -3.80 21.14 9.37
CA ILE E 31 -3.93 22.14 8.32
C ILE E 31 -4.88 23.27 8.74
N ILE E 32 -6.03 22.92 9.27
CA ILE E 32 -6.99 23.93 9.72
C ILE E 32 -6.38 24.77 10.85
N THR E 33 -5.62 24.13 11.71
CA THR E 33 -4.99 24.83 12.83
C THR E 33 -3.90 25.79 12.35
N GLU E 34 -2.99 25.26 11.54
CA GLU E 34 -1.85 26.04 11.05
C GLU E 34 -2.34 27.18 10.14
N ALA E 35 -3.44 26.95 9.43
CA ALA E 35 -3.98 27.93 8.50
C ALA E 35 -4.74 29.02 9.22
N ARG E 36 -5.54 28.65 10.21
CA ARG E 36 -6.24 29.68 10.98
C ARG E 36 -5.24 30.45 11.85
N ASN E 37 -4.07 29.85 12.11
CA ASN E 37 -3.01 30.57 12.79
C ASN E 37 -2.23 31.54 11.89
N LEU E 38 -1.89 31.11 10.69
CA LEU E 38 -1.00 31.88 9.82
C LEU E 38 -1.70 32.81 8.84
N SER E 39 -2.82 32.37 8.27
CA SER E 39 -3.52 33.13 7.24
C SER E 39 -4.16 34.40 7.79
N ASN E 40 -4.38 34.40 9.11
CA ASN E 40 -5.08 35.47 9.81
C ASN E 40 -6.54 35.58 9.39
N ALA E 41 -6.96 34.68 8.52
CA ALA E 41 -8.37 34.57 8.15
C ALA E 41 -9.18 34.07 9.34
N GLU E 42 -10.34 34.66 9.58
CA GLU E 42 -11.22 34.16 10.63
C GLU E 42 -11.76 32.78 10.28
N ILE E 43 -11.97 32.55 8.98
CA ILE E 43 -12.47 31.24 8.53
C ILE E 43 -11.93 30.92 7.14
N CYS E 44 -12.17 29.69 6.68
CA CYS E 44 -11.75 29.27 5.34
C CYS E 44 -12.55 28.06 4.88
N SER E 45 -12.57 27.81 3.57
CA SER E 45 -13.13 26.56 3.07
C SER E 45 -12.36 26.06 1.85
N VAL E 46 -12.12 24.75 1.81
CA VAL E 46 -11.25 24.18 0.80
C VAL E 46 -11.95 23.18 -0.14
N PHE E 47 -12.27 23.66 -1.33
CA PHE E 47 -12.91 22.86 -2.36
C PHE E 47 -11.92 21.88 -3.00
N LEU E 48 -12.41 20.77 -3.53
CA LEU E 48 -11.57 19.83 -4.26
C LEU E 48 -12.27 19.34 -5.53
N LEU E 49 -11.74 19.75 -6.69
CA LEU E 49 -12.39 19.47 -7.96
C LEU E 49 -12.40 17.97 -8.31
N ASP E 50 -13.49 17.54 -8.93
CA ASP E 50 -13.60 16.20 -9.48
C ASP E 50 -14.24 16.31 -10.86
N GLN E 51 -13.41 16.27 -11.89
CA GLN E 51 -13.83 16.49 -13.28
C GLN E 51 -14.48 17.86 -13.47
N ASN E 52 -15.72 17.99 -13.03
CA ASN E 52 -16.47 19.24 -13.25
C ASN E 52 -17.14 19.74 -11.97
N GLU E 53 -16.73 19.19 -10.82
CA GLU E 53 -17.33 19.61 -9.55
C GLU E 53 -16.34 19.60 -8.38
N LEU E 54 -16.37 20.68 -7.61
CA LEU E 54 -15.53 20.83 -6.42
C LEU E 54 -16.09 20.06 -5.21
N VAL E 55 -15.20 19.67 -4.29
CA VAL E 55 -15.60 18.91 -3.10
C VAL E 55 -14.96 19.50 -1.85
N ALA E 56 -15.75 19.66 -0.78
CA ALA E 56 -15.22 20.23 0.45
C ALA E 56 -15.95 19.74 1.70
N LYS E 57 -15.18 19.50 2.76
CA LYS E 57 -15.76 19.16 4.06
C LYS E 57 -16.13 20.42 4.82
N VAL E 58 -15.71 21.57 4.30
CA VAL E 58 -15.98 22.85 4.94
C VAL E 58 -16.24 23.94 3.90
N SER E 68 -18.16 16.26 9.81
CA SER E 68 -17.53 16.85 8.64
C SER E 68 -18.46 16.81 7.43
N TYR E 69 -19.52 17.60 7.48
CA TYR E 69 -20.49 17.65 6.39
C TYR E 69 -19.86 18.20 5.10
N GLU E 70 -20.17 17.55 4.00
CA GLU E 70 -19.59 17.89 2.70
C GLU E 70 -20.23 19.12 2.07
N ILE E 71 -19.45 19.83 1.25
CA ILE E 71 -19.94 20.98 0.50
C ILE E 71 -19.49 20.85 -0.95
N ARG E 72 -20.43 21.06 -1.89
CA ARG E 72 -20.16 20.78 -3.30
C ARG E 72 -20.55 21.93 -4.21
N ILE E 73 -19.77 22.12 -5.27
CA ILE E 73 -20.03 23.18 -6.25
C ILE E 73 -19.36 22.85 -7.59
N PRO E 74 -20.17 22.81 -8.68
CA PRO E 74 -19.69 22.49 -10.03
C PRO E 74 -18.67 23.50 -10.57
N ALA E 75 -17.73 23.00 -11.37
CA ALA E 75 -16.63 23.82 -11.88
C ALA E 75 -17.08 24.95 -12.80
N ASP E 76 -18.24 24.79 -13.45
CA ASP E 76 -18.74 25.84 -14.31
C ASP E 76 -19.47 26.94 -13.52
N GLN E 77 -20.26 26.53 -12.54
CA GLN E 77 -21.02 27.46 -11.70
C GLN E 77 -20.15 28.11 -10.61
N GLY E 78 -20.52 29.34 -10.23
CA GLY E 78 -19.90 30.01 -9.09
C GLY E 78 -18.67 30.83 -9.42
N ILE E 79 -18.25 31.67 -8.47
CA ILE E 79 -17.02 32.45 -8.61
C ILE E 79 -15.83 31.59 -8.23
N ALA E 80 -15.93 30.89 -7.10
CA ALA E 80 -14.91 29.93 -6.70
C ALA E 80 -14.90 28.79 -7.71
N GLY E 81 -16.07 28.52 -8.28
CA GLY E 81 -16.18 27.55 -9.33
C GLY E 81 -15.51 28.07 -10.57
N HIS E 82 -15.58 29.38 -10.79
CA HIS E 82 -14.87 29.99 -11.89
C HIS E 82 -13.37 29.83 -11.71
N VAL E 83 -12.93 29.88 -10.45
CA VAL E 83 -11.53 29.61 -10.15
C VAL E 83 -11.23 28.14 -10.45
N ALA E 84 -12.19 27.25 -10.22
CA ALA E 84 -12.00 25.85 -10.57
C ALA E 84 -11.87 25.69 -12.08
N THR E 85 -12.59 26.53 -12.81
CA THR E 85 -12.51 26.58 -14.26
C THR E 85 -11.15 27.12 -14.70
N THR E 86 -10.56 27.97 -13.86
CA THR E 86 -9.35 28.69 -14.25
C THR E 86 -8.11 28.30 -13.44
N GLY E 87 -8.24 28.27 -12.12
CA GLY E 87 -7.08 28.12 -11.26
C GLY E 87 -6.38 29.44 -10.99
N GLN E 88 -7.01 30.54 -11.40
CA GLN E 88 -6.49 31.86 -11.07
C GLN E 88 -6.49 32.08 -9.57
N ILE E 89 -5.38 32.59 -9.04
CA ILE E 89 -5.43 33.14 -7.68
C ILE E 89 -6.28 34.40 -7.80
N LEU E 90 -7.18 34.62 -6.85
CA LEU E 90 -8.14 35.69 -7.03
C LEU E 90 -8.61 36.26 -5.69
N ASN E 91 -8.03 37.42 -5.36
CA ASN E 91 -8.42 38.17 -4.18
C ASN E 91 -9.77 38.85 -4.36
N ILE E 92 -10.54 38.92 -3.29
CA ILE E 92 -11.79 39.66 -3.26
C ILE E 92 -11.78 40.55 -2.02
N PRO E 93 -11.13 41.73 -2.12
CA PRO E 93 -10.96 42.66 -1.00
C PRO E 93 -12.28 43.10 -0.41
N ASP E 94 -13.32 43.21 -1.24
CA ASP E 94 -14.66 43.51 -0.76
C ASP E 94 -15.59 42.34 -1.07
N ALA E 95 -15.90 41.58 -0.03
CA ALA E 95 -16.59 40.29 -0.20
C ALA E 95 -17.98 40.40 -0.80
N TYR E 96 -18.64 41.52 -0.55
CA TYR E 96 -20.03 41.67 -0.96
C TYR E 96 -20.23 42.94 -1.78
N ARG E 112 -18.63 37.66 9.94
CA ARG E 112 -18.29 39.02 9.51
C ARG E 112 -17.42 39.01 8.28
N THR E 113 -17.89 38.32 7.24
CA THR E 113 -17.14 38.22 6.00
C THR E 113 -16.98 39.59 5.36
N ARG E 114 -15.77 39.89 4.90
CA ARG E 114 -15.49 41.19 4.28
C ARG E 114 -14.49 41.05 3.15
N ASN E 115 -13.80 39.91 3.10
CA ASN E 115 -12.93 39.59 1.99
C ASN E 115 -12.74 38.09 1.81
N ILE E 116 -12.37 37.68 0.59
CA ILE E 116 -12.08 36.28 0.32
C ILE E 116 -10.86 36.09 -0.56
N LEU E 117 -9.88 35.36 -0.05
CA LEU E 117 -8.78 34.94 -0.91
C LEU E 117 -9.13 33.62 -1.57
N CYS E 118 -9.62 33.70 -2.80
CA CYS E 118 -10.02 32.50 -3.52
C CYS E 118 -8.91 32.04 -4.46
N PHE E 119 -8.15 31.04 -4.03
CA PHE E 119 -7.05 30.53 -4.84
C PHE E 119 -7.15 29.02 -4.90
N PRO E 120 -6.68 28.41 -6.01
CA PRO E 120 -6.76 26.96 -6.16
C PRO E 120 -5.94 26.20 -5.11
N ILE E 121 -6.43 25.04 -4.69
CA ILE E 121 -5.66 24.16 -3.80
C ILE E 121 -4.34 23.78 -4.45
N LYS E 122 -4.41 23.53 -5.76
CA LYS E 122 -3.33 22.97 -6.58
C LYS E 122 -2.50 21.87 -5.89
N ASN E 123 -1.41 21.47 -6.55
CA ASN E 123 -0.52 20.42 -6.06
C ASN E 123 0.73 20.29 -6.91
N GLU E 124 0.78 19.26 -7.74
CA GLU E 124 1.86 19.04 -8.68
C GLU E 124 1.88 20.12 -9.76
N ASN E 125 0.72 20.72 -10.01
CA ASN E 125 0.55 21.61 -11.16
C ASN E 125 -0.45 22.75 -10.92
N GLN E 126 -0.56 23.64 -11.90
CA GLN E 126 -1.50 24.75 -11.86
C GLN E 126 -2.91 24.24 -12.13
N GLU E 127 -3.01 22.98 -12.56
CA GLU E 127 -4.29 22.33 -12.78
C GLU E 127 -5.09 22.33 -11.48
N VAL E 128 -6.40 22.52 -11.60
CA VAL E 128 -7.24 22.74 -10.43
C VAL E 128 -7.66 21.42 -9.77
N ILE E 129 -6.86 20.98 -8.81
CA ILE E 129 -7.25 19.84 -7.99
C ILE E 129 -8.33 20.27 -7.00
N GLY E 130 -8.42 21.59 -6.76
CA GLY E 130 -9.39 22.13 -5.83
C GLY E 130 -9.30 23.64 -5.70
N VAL E 131 -10.19 24.22 -4.89
CA VAL E 131 -10.26 25.68 -4.75
C VAL E 131 -10.45 26.13 -3.30
N ALA E 132 -9.36 26.54 -2.65
CA ALA E 132 -9.40 27.14 -1.32
C ALA E 132 -9.93 28.57 -1.34
N GLU E 133 -10.53 28.99 -0.24
CA GLU E 133 -10.92 30.37 -0.06
C GLU E 133 -10.84 30.80 1.42
N LEU E 134 -9.87 31.68 1.68
CA LEU E 134 -9.68 32.30 3.00
C LEU E 134 -10.65 33.46 3.22
N VAL E 135 -10.99 33.72 4.48
CA VAL E 135 -11.94 34.77 4.83
C VAL E 135 -11.62 35.51 6.14
N ASN E 136 -11.54 36.85 6.02
CA ASN E 136 -11.37 37.81 7.11
C ASN E 136 -9.96 37.93 7.69
N LYS E 137 -9.14 38.73 7.03
CA LYS E 137 -7.75 38.94 7.41
C LYS E 137 -7.56 39.65 8.75
N ILE E 138 -6.55 39.24 9.51
CA ILE E 138 -6.05 40.04 10.62
C ILE E 138 -4.83 40.83 10.10
N ASN E 139 -4.61 42.01 10.67
CA ASN E 139 -3.60 42.95 10.17
C ASN E 139 -3.94 43.40 8.75
N GLY E 140 -4.54 44.59 8.65
CA GLY E 140 -5.03 45.09 7.38
C GLY E 140 -6.33 44.38 7.05
N PRO E 141 -7.45 45.12 7.09
CA PRO E 141 -8.78 44.51 6.91
C PRO E 141 -8.93 43.79 5.58
N TRP E 142 -8.28 44.30 4.53
CA TRP E 142 -8.27 43.66 3.24
C TRP E 142 -7.21 42.57 3.16
N PHE E 143 -7.46 41.53 2.35
CA PHE E 143 -6.38 40.71 1.84
C PHE E 143 -5.50 41.50 0.88
N SER E 144 -4.19 41.35 1.04
CA SER E 144 -3.22 42.02 0.18
C SER E 144 -2.82 41.10 -0.98
N LYS E 145 -2.07 41.64 -1.93
CA LYS E 145 -1.42 40.80 -2.93
C LYS E 145 -0.39 39.93 -2.24
N PHE E 146 0.10 40.39 -1.10
CA PHE E 146 0.88 39.56 -0.18
C PHE E 146 0.03 38.40 0.35
N ASP E 147 -1.26 38.65 0.52
CA ASP E 147 -2.19 37.62 0.95
C ASP E 147 -2.68 36.86 -0.27
N GLU E 148 -1.74 36.33 -1.05
CA GLU E 148 -2.05 35.56 -2.24
C GLU E 148 -0.97 34.52 -2.51
N ASP E 149 0.20 34.99 -2.94
CA ASP E 149 1.30 34.11 -3.31
C ASP E 149 1.82 33.29 -2.14
N LEU E 150 1.78 33.88 -0.93
CA LEU E 150 2.18 33.14 0.26
C LEU E 150 1.25 31.97 0.51
N ALA E 151 -0.04 32.18 0.23
CA ALA E 151 -1.02 31.13 0.39
C ALA E 151 -0.76 30.02 -0.63
N THR E 152 -0.22 30.41 -1.78
CA THR E 152 0.12 29.47 -2.83
C THR E 152 1.33 28.64 -2.44
N ALA E 153 2.33 29.29 -1.85
CA ALA E 153 3.53 28.59 -1.37
C ALA E 153 3.18 27.65 -0.21
N PHE E 154 2.21 28.07 0.59
CA PHE E 154 1.69 27.24 1.67
C PHE E 154 0.93 26.08 1.06
N SER E 155 0.35 26.33 -0.11
CA SER E 155 -0.43 25.34 -0.84
C SER E 155 0.48 24.43 -1.65
N ILE E 156 1.76 24.74 -1.69
CA ILE E 156 2.72 23.80 -2.25
C ILE E 156 2.85 22.63 -1.29
N TYR E 157 3.16 22.95 -0.03
CA TYR E 157 3.33 21.93 0.98
C TYR E 157 2.01 21.23 1.25
N CYS E 158 0.95 22.03 1.35
CA CYS E 158 -0.38 21.45 1.57
C CYS E 158 -0.85 20.62 0.38
N GLY E 159 -0.51 21.07 -0.83
CA GLY E 159 -0.96 20.37 -2.02
C GLY E 159 -0.23 19.06 -2.24
N ILE E 160 1.07 19.06 -1.93
CA ILE E 160 1.83 17.82 -1.99
C ILE E 160 1.37 16.88 -0.90
N SER E 161 1.08 17.43 0.28
CA SER E 161 0.63 16.62 1.39
C SER E 161 -0.71 16.00 1.06
N ILE E 162 -1.57 16.73 0.34
CA ILE E 162 -2.87 16.21 -0.02
C ILE E 162 -2.75 15.13 -1.09
N ALA E 163 -2.06 15.45 -2.18
CA ALA E 163 -1.98 14.52 -3.29
C ALA E 163 -1.27 13.23 -2.88
N HIS E 164 -0.28 13.34 -2.00
CA HIS E 164 0.54 12.18 -1.69
C HIS E 164 0.01 11.41 -0.49
N SER E 165 -0.61 12.10 0.48
CA SER E 165 -1.25 11.39 1.58
C SER E 165 -2.51 10.69 1.09
N LEU E 166 -3.25 11.33 0.18
CA LEU E 166 -4.36 10.65 -0.46
C LEU E 166 -3.84 9.56 -1.38
N LEU E 167 -2.65 9.76 -1.94
CA LEU E 167 -2.01 8.70 -2.72
C LEU E 167 -1.73 7.50 -1.83
N TYR E 168 -1.41 7.79 -0.58
CA TYR E 168 -1.13 6.76 0.41
C TYR E 168 -2.42 6.06 0.81
N LYS E 169 -3.47 6.84 1.01
CA LYS E 169 -4.76 6.30 1.43
C LYS E 169 -5.43 5.43 0.37
N LYS E 170 -5.30 5.83 -0.90
CA LYS E 170 -5.93 5.05 -1.96
C LYS E 170 -5.25 3.70 -2.08
N VAL E 171 -3.92 3.71 -1.95
CA VAL E 171 -3.16 2.48 -1.94
C VAL E 171 -3.56 1.63 -0.74
N ASN E 172 -3.77 2.28 0.39
CA ASN E 172 -4.19 1.56 1.59
C ASN E 172 -5.50 0.85 1.36
N GLU E 173 -6.57 1.62 1.16
CA GLU E 173 -7.91 1.06 1.02
C GLU E 173 -8.02 0.05 -0.10
N ALA E 174 -7.49 0.40 -1.27
CA ALA E 174 -7.63 -0.47 -2.42
C ALA E 174 -6.85 -1.76 -2.26
N GLN E 175 -5.57 -1.64 -1.93
CA GLN E 175 -4.70 -2.81 -1.92
C GLN E 175 -5.05 -3.69 -0.70
N TYR E 176 -5.68 -3.09 0.30
CA TYR E 176 -6.14 -3.81 1.49
C TYR E 176 -7.40 -4.61 1.15
N ARG E 177 -8.35 -3.94 0.51
CA ARG E 177 -9.57 -4.60 0.10
C ARG E 177 -9.27 -5.70 -0.90
N SER E 178 -8.14 -5.56 -1.59
CA SER E 178 -7.66 -6.62 -2.46
C SER E 178 -7.36 -7.90 -1.68
N HIS E 179 -6.70 -7.78 -0.52
CA HIS E 179 -6.38 -8.99 0.21
C HIS E 179 -7.63 -9.43 0.94
N LEU E 180 -8.59 -8.51 1.08
CA LEU E 180 -9.90 -8.89 1.58
C LEU E 180 -10.60 -9.79 0.58
N ALA E 181 -10.31 -9.58 -0.71
CA ALA E 181 -10.79 -10.46 -1.76
C ALA E 181 -9.91 -11.71 -1.87
N ASN E 182 -8.73 -11.63 -1.27
CA ASN E 182 -7.79 -12.75 -1.27
C ASN E 182 -8.28 -13.84 -0.32
N GLU E 183 -9.26 -13.48 0.51
CA GLU E 183 -9.66 -14.32 1.64
C GLU E 183 -9.96 -15.78 1.29
N MET E 184 -10.74 -16.01 0.24
CA MET E 184 -11.05 -17.38 -0.15
C MET E 184 -9.83 -18.15 -0.63
N MET E 185 -8.90 -17.45 -1.28
CA MET E 185 -7.69 -18.10 -1.79
C MET E 185 -6.48 -17.17 -1.80
N SER F 2 28.78 -26.29 15.08
CA SER F 2 27.68 -26.88 14.32
C SER F 2 26.33 -26.32 14.77
N HIS F 3 25.92 -26.67 15.97
CA HIS F 3 24.63 -26.23 16.50
C HIS F 3 24.59 -24.73 16.73
N MET F 4 25.75 -24.12 16.92
CA MET F 4 25.84 -22.68 17.18
C MET F 4 25.30 -21.88 15.99
N GLU F 5 25.54 -22.40 14.79
CA GLU F 5 25.06 -21.75 13.59
C GLU F 5 23.56 -22.00 13.37
N GLU F 6 23.11 -23.21 13.68
CA GLU F 6 21.70 -23.55 13.57
C GLU F 6 20.86 -22.74 14.54
N THR F 7 21.43 -22.46 15.71
CA THR F 7 20.73 -21.65 16.69
C THR F 7 20.91 -20.18 16.34
N ARG F 8 21.93 -19.86 15.56
CA ARG F 8 21.99 -18.53 14.95
C ARG F 8 20.83 -18.38 13.97
N GLU F 9 20.48 -19.47 13.30
CA GLU F 9 19.26 -19.49 12.50
C GLU F 9 18.06 -19.38 13.42
N LEU F 10 18.18 -19.88 14.65
CA LEU F 10 17.11 -19.69 15.61
C LEU F 10 16.93 -18.21 15.95
N GLN F 11 18.03 -17.44 16.01
CA GLN F 11 17.85 -15.99 16.11
C GLN F 11 17.34 -15.39 14.80
N SER F 12 17.58 -16.06 13.68
CA SER F 12 16.96 -15.60 12.43
C SER F 12 15.45 -15.74 12.56
N LEU F 13 15.00 -16.77 13.28
CA LEU F 13 13.58 -16.85 13.64
C LEU F 13 13.23 -15.71 14.59
N ALA F 14 14.17 -15.38 15.48
CA ALA F 14 13.92 -14.36 16.50
C ALA F 14 14.16 -12.94 15.98
N ALA F 15 14.72 -12.82 14.77
CA ALA F 15 15.06 -11.51 14.23
C ALA F 15 15.04 -11.47 12.71
N ALA F 16 13.86 -11.60 12.13
CA ALA F 16 13.68 -11.44 10.68
C ALA F 16 12.23 -11.10 10.38
N VAL F 17 12.03 -10.42 9.26
CA VAL F 17 10.67 -10.09 8.82
C VAL F 17 9.91 -11.37 8.49
N VAL F 18 8.64 -11.42 8.87
CA VAL F 18 7.81 -12.59 8.61
C VAL F 18 6.66 -12.22 7.69
N PRO F 19 6.79 -12.54 6.39
CA PRO F 19 5.70 -12.29 5.45
C PRO F 19 4.47 -13.12 5.82
N SER F 20 3.28 -12.56 5.64
CA SER F 20 2.06 -13.26 6.01
C SER F 20 1.78 -14.38 5.01
N ALA F 21 1.10 -15.42 5.46
CA ALA F 21 0.76 -16.55 4.60
C ALA F 21 -0.17 -16.11 3.47
N GLN F 22 -1.00 -15.11 3.75
CA GLN F 22 -1.88 -14.53 2.74
C GLN F 22 -1.08 -13.68 1.76
N THR F 23 0.12 -13.25 2.18
CA THR F 23 1.05 -12.58 1.28
C THR F 23 1.87 -13.62 0.54
N LEU F 24 2.06 -14.76 1.18
CA LEU F 24 2.91 -15.82 0.65
C LEU F 24 2.15 -16.92 -0.06
N LYS F 25 1.02 -16.57 -0.68
CA LYS F 25 0.38 -17.40 -1.71
C LYS F 25 0.23 -18.89 -1.42
N ILE F 26 0.45 -19.34 -0.19
CA ILE F 26 0.41 -20.77 0.08
C ILE F 26 -1.00 -21.31 -0.05
N THR F 27 -1.98 -20.43 0.11
CA THR F 27 -3.37 -20.80 -0.10
C THR F 27 -3.59 -21.12 -1.58
N ASP F 28 -2.84 -20.42 -2.44
CA ASP F 28 -2.79 -20.77 -3.85
C ASP F 28 -2.00 -22.06 -3.99
N PHE F 29 -2.62 -23.07 -4.60
CA PHE F 29 -2.05 -24.41 -4.60
C PHE F 29 -0.79 -24.49 -5.46
N SER F 30 -0.72 -23.63 -6.46
CA SER F 30 0.47 -23.55 -7.32
C SER F 30 1.39 -22.46 -6.81
N PHE F 31 1.68 -22.51 -5.51
CA PHE F 31 2.49 -21.49 -4.88
C PHE F 31 3.97 -21.50 -5.24
N SER F 32 4.54 -20.29 -5.25
CA SER F 32 5.94 -20.07 -5.51
C SER F 32 6.81 -20.26 -4.26
N ASP F 33 7.25 -21.49 -4.02
CA ASP F 33 8.15 -21.76 -2.89
C ASP F 33 9.61 -21.55 -3.28
N PHE F 34 9.81 -20.96 -4.46
CA PHE F 34 11.15 -20.67 -4.97
C PHE F 34 11.91 -19.66 -4.12
N GLU F 35 11.20 -18.75 -3.49
CA GLU F 35 11.85 -17.68 -2.74
C GLU F 35 11.86 -17.89 -1.22
N LEU F 36 11.05 -18.82 -0.73
CA LEU F 36 11.03 -19.06 0.70
C LEU F 36 12.30 -19.73 1.19
N SER F 37 12.75 -19.31 2.36
CA SER F 37 13.84 -19.99 3.07
C SER F 37 13.24 -21.11 3.92
N ASP F 38 14.10 -21.95 4.49
CA ASP F 38 13.63 -23.02 5.37
C ASP F 38 12.90 -22.44 6.55
N LEU F 39 13.32 -21.26 6.97
CA LEU F 39 12.68 -20.55 8.07
C LEU F 39 11.27 -20.11 7.69
N GLU F 40 11.14 -19.48 6.53
CA GLU F 40 9.84 -18.99 6.08
C GLU F 40 8.86 -20.13 5.79
N THR F 41 9.39 -21.24 5.27
CA THR F 41 8.58 -22.43 5.07
C THR F 41 8.16 -23.03 6.41
N ALA F 42 9.04 -22.89 7.41
CA ALA F 42 8.70 -23.30 8.76
C ALA F 42 7.58 -22.43 9.32
N LEU F 43 7.59 -21.16 8.95
CA LEU F 43 6.58 -20.21 9.39
C LEU F 43 5.23 -20.55 8.74
N CYS F 44 5.29 -20.92 7.46
CA CYS F 44 4.10 -21.38 6.78
C CYS F 44 3.59 -22.65 7.45
N THR F 45 4.51 -23.46 7.95
CA THR F 45 4.14 -24.65 8.72
C THR F 45 3.48 -24.26 10.05
N ILE F 46 3.88 -23.13 10.61
CA ILE F 46 3.21 -22.60 11.79
C ILE F 46 1.78 -22.23 11.42
N ARG F 47 1.59 -21.70 10.21
CA ARG F 47 0.24 -21.43 9.72
C ARG F 47 -0.56 -22.72 9.57
N MET F 48 0.14 -23.78 9.14
CA MET F 48 -0.46 -25.08 8.92
C MET F 48 -0.94 -25.70 10.21
N PHE F 49 -0.22 -25.45 11.31
CA PHE F 49 -0.77 -25.81 12.62
C PHE F 49 -1.79 -24.79 13.12
N THR F 50 -1.80 -23.62 12.50
CA THR F 50 -2.59 -22.51 13.03
C THR F 50 -4.05 -22.56 12.61
N ASP F 51 -4.33 -22.44 11.32
CA ASP F 51 -5.71 -22.18 10.89
C ASP F 51 -6.62 -23.41 10.89
N LEU F 52 -6.08 -24.59 11.14
CA LEU F 52 -6.87 -25.79 11.04
C LEU F 52 -7.77 -26.00 12.26
N ASN F 53 -7.82 -24.99 13.12
CA ASN F 53 -8.64 -25.00 14.33
C ASN F 53 -8.31 -26.18 15.22
N LEU F 54 -7.04 -26.54 15.24
CA LEU F 54 -6.59 -27.70 16.00
C LEU F 54 -6.02 -27.31 17.36
N VAL F 55 -5.29 -26.20 17.40
CA VAL F 55 -4.67 -25.75 18.63
C VAL F 55 -5.76 -25.39 19.66
N GLN F 56 -6.88 -24.88 19.17
CA GLN F 56 -8.01 -24.60 20.05
C GLN F 56 -8.73 -25.89 20.45
N ASN F 57 -8.81 -26.84 19.52
CA ASN F 57 -9.51 -28.09 19.77
C ASN F 57 -8.66 -29.15 20.45
N PHE F 58 -7.36 -28.91 20.56
CA PHE F 58 -6.45 -29.93 21.09
C PHE F 58 -5.37 -29.38 22.02
N GLN F 59 -5.45 -28.10 22.33
CA GLN F 59 -4.61 -27.47 23.35
C GLN F 59 -3.10 -27.63 23.12
N MET F 60 -2.65 -27.42 21.90
CA MET F 60 -1.22 -27.46 21.60
C MET F 60 -0.47 -26.34 22.31
N LYS F 61 0.74 -26.65 22.77
CA LYS F 61 1.61 -25.64 23.35
C LYS F 61 2.16 -24.75 22.24
N HIS F 62 2.49 -23.51 22.58
CA HIS F 62 2.93 -22.52 21.60
C HIS F 62 4.31 -22.80 21.00
N GLU F 63 5.34 -22.36 21.72
CA GLU F 63 6.71 -22.45 21.23
C GLU F 63 7.17 -23.90 21.13
N VAL F 64 6.53 -24.79 21.89
CA VAL F 64 6.77 -26.22 21.76
C VAL F 64 6.37 -26.69 20.36
N LEU F 65 5.35 -26.04 19.81
CA LEU F 65 4.89 -26.33 18.46
C LEU F 65 5.75 -25.64 17.41
N CYS F 66 6.10 -24.38 17.66
CA CYS F 66 6.92 -23.63 16.72
C CYS F 66 8.30 -24.27 16.57
N ARG F 67 8.80 -24.81 17.67
CA ARG F 67 10.09 -25.48 17.66
C ARG F 67 9.89 -26.99 17.46
N TRP F 68 8.64 -27.44 17.44
CA TRP F 68 8.37 -28.74 16.85
C TRP F 68 8.77 -28.57 15.40
N ILE F 69 8.31 -27.46 14.84
CA ILE F 69 8.52 -27.13 13.44
C ILE F 69 9.99 -26.89 13.13
N LEU F 70 10.66 -26.07 13.93
CA LEU F 70 12.09 -25.86 13.73
C LEU F 70 12.97 -27.08 14.06
N SER F 71 12.53 -27.92 14.99
CA SER F 71 13.33 -29.11 15.32
C SER F 71 13.24 -30.11 14.18
N VAL F 72 12.03 -30.30 13.65
CA VAL F 72 11.86 -31.18 12.50
C VAL F 72 12.60 -30.53 11.33
N LYS F 73 12.73 -29.22 11.35
CA LYS F 73 13.52 -28.53 10.34
C LYS F 73 15.00 -28.92 10.40
N LYS F 74 15.62 -28.78 11.58
CA LYS F 74 17.04 -29.11 11.72
C LYS F 74 17.35 -30.60 11.60
N ASN F 75 16.41 -31.46 11.98
CA ASN F 75 16.69 -32.89 12.03
C ASN F 75 16.98 -33.55 10.69
N TYR F 76 16.42 -33.02 9.61
CA TYR F 76 16.74 -33.58 8.29
C TYR F 76 18.22 -33.45 8.00
N ARG F 77 18.82 -34.55 7.52
CA ARG F 77 20.22 -34.51 7.13
C ARG F 77 20.38 -33.60 5.92
N LYS F 78 21.42 -32.77 5.93
CA LYS F 78 21.55 -31.69 4.95
C LYS F 78 22.12 -32.15 3.60
N ASN F 79 22.59 -33.38 3.54
CA ASN F 79 23.05 -33.94 2.27
C ASN F 79 21.89 -34.13 1.28
N VAL F 80 20.70 -34.30 1.83
CA VAL F 80 19.48 -34.53 1.06
C VAL F 80 19.16 -33.32 0.19
N ALA F 81 18.68 -33.56 -1.02
CA ALA F 81 18.26 -32.48 -1.91
C ALA F 81 16.89 -31.94 -1.50
N TYR F 82 15.84 -32.41 -2.16
CA TYR F 82 14.49 -31.92 -1.87
C TYR F 82 13.80 -32.59 -0.69
N HIS F 83 13.97 -33.89 -0.51
CA HIS F 83 13.24 -34.61 0.54
C HIS F 83 13.71 -34.20 1.93
N ASN F 84 13.64 -32.90 2.20
CA ASN F 84 13.96 -32.35 3.50
C ASN F 84 12.78 -31.57 4.04
N TRP F 85 13.03 -30.46 4.73
CA TRP F 85 11.96 -29.68 5.32
C TRP F 85 11.03 -29.07 4.27
N ARG F 86 11.57 -28.77 3.09
CA ARG F 86 10.76 -28.22 2.00
C ARG F 86 9.71 -29.21 1.50
N HIS F 87 10.06 -30.50 1.55
CA HIS F 87 9.13 -31.57 1.20
C HIS F 87 7.95 -31.60 2.16
N ALA F 88 8.24 -31.43 3.44
CA ALA F 88 7.20 -31.33 4.46
C ALA F 88 6.40 -30.06 4.25
N PHE F 89 7.07 -29.02 3.77
CA PHE F 89 6.41 -27.75 3.49
C PHE F 89 5.37 -27.88 2.40
N ASN F 90 5.71 -28.52 1.29
CA ASN F 90 4.73 -28.72 0.23
C ASN F 90 3.64 -29.71 0.62
N THR F 91 4.02 -30.75 1.36
CA THR F 91 3.04 -31.78 1.74
C THR F 91 1.97 -31.21 2.66
N ALA F 92 2.41 -30.51 3.70
CA ALA F 92 1.46 -29.90 4.62
C ALA F 92 0.93 -28.59 4.07
N GLN F 93 1.51 -28.12 2.97
CA GLN F 93 0.89 -27.04 2.23
C GLN F 93 -0.37 -27.57 1.60
N CYS F 94 -0.24 -28.75 0.99
CA CYS F 94 -1.38 -29.41 0.38
C CYS F 94 -2.40 -29.78 1.45
N MET F 95 -1.91 -30.13 2.64
CA MET F 95 -2.83 -30.53 3.71
C MET F 95 -3.60 -29.35 4.29
N PHE F 96 -2.87 -28.29 4.62
CA PHE F 96 -3.46 -27.08 5.16
C PHE F 96 -4.42 -26.45 4.17
N ALA F 97 -4.00 -26.42 2.91
CA ALA F 97 -4.84 -25.87 1.86
C ALA F 97 -6.07 -26.71 1.63
N ALA F 98 -5.91 -28.03 1.76
CA ALA F 98 -7.05 -28.93 1.59
C ALA F 98 -8.07 -28.75 2.70
N LEU F 99 -7.58 -28.52 3.91
CA LEU F 99 -8.48 -28.42 5.06
C LEU F 99 -8.99 -27.01 5.35
N LYS F 100 -8.46 -26.01 4.66
CA LYS F 100 -8.98 -24.65 4.80
C LYS F 100 -9.47 -24.06 3.49
N ALA F 101 -8.57 -23.92 2.52
CA ALA F 101 -8.95 -23.41 1.21
C ALA F 101 -9.91 -24.37 0.54
N GLY F 102 -9.77 -25.66 0.85
CA GLY F 102 -10.66 -26.68 0.33
C GLY F 102 -11.95 -26.76 1.10
N LYS F 103 -11.97 -26.10 2.27
CA LYS F 103 -13.18 -25.97 3.08
C LYS F 103 -13.83 -27.31 3.44
N ILE F 104 -13.02 -28.33 3.69
CA ILE F 104 -13.54 -29.67 3.97
C ILE F 104 -14.04 -29.77 5.42
N GLN F 105 -13.71 -28.80 6.25
CA GLN F 105 -14.03 -28.84 7.67
C GLN F 105 -15.53 -28.91 7.93
N ASN F 106 -16.32 -28.36 7.01
CA ASN F 106 -17.78 -28.45 7.09
C ASN F 106 -18.21 -29.90 7.01
N LYS F 107 -17.42 -30.70 6.31
CA LYS F 107 -17.65 -32.13 6.20
C LYS F 107 -17.02 -32.89 7.37
N LEU F 108 -15.74 -33.19 7.24
CA LEU F 108 -15.05 -34.06 8.21
C LEU F 108 -14.71 -33.38 9.53
N THR F 109 -14.62 -34.18 10.59
CA THR F 109 -14.40 -33.71 11.95
C THR F 109 -13.00 -33.16 12.19
N ASP F 110 -12.88 -32.27 13.18
CA ASP F 110 -11.60 -31.64 13.51
C ASP F 110 -10.56 -32.65 14.00
N LEU F 111 -11.04 -33.76 14.58
CA LEU F 111 -10.15 -34.84 14.97
C LEU F 111 -9.38 -35.30 13.74
N GLU F 112 -10.14 -35.50 12.67
CA GLU F 112 -9.59 -35.95 11.42
C GLU F 112 -8.69 -34.89 10.80
N ILE F 113 -8.99 -33.61 11.03
CA ILE F 113 -8.13 -32.54 10.57
C ILE F 113 -6.78 -32.63 11.27
N LEU F 114 -6.83 -33.01 12.55
CA LEU F 114 -5.62 -33.17 13.33
C LEU F 114 -4.78 -34.32 12.80
N ALA F 115 -5.45 -35.44 12.56
CA ALA F 115 -4.76 -36.63 12.06
C ALA F 115 -4.14 -36.36 10.70
N LEU F 116 -4.90 -35.66 9.86
CA LEU F 116 -4.43 -35.28 8.54
C LEU F 116 -3.20 -34.39 8.61
N LEU F 117 -3.22 -33.41 9.51
CA LEU F 117 -2.12 -32.46 9.58
C LEU F 117 -0.83 -33.08 10.14
N ILE F 118 -0.95 -33.71 11.31
CA ILE F 118 0.24 -34.28 11.93
C ILE F 118 0.81 -35.42 11.09
N ALA F 119 -0.06 -36.23 10.49
CA ALA F 119 0.44 -37.26 9.60
C ALA F 119 1.04 -36.66 8.33
N ALA F 120 0.54 -35.49 7.92
CA ALA F 120 1.06 -34.81 6.73
C ALA F 120 2.47 -34.30 6.97
N LEU F 121 2.72 -33.76 8.16
CA LEU F 121 4.05 -33.31 8.52
C LEU F 121 4.94 -34.46 8.96
N SER F 122 4.32 -35.61 9.19
CA SER F 122 5.07 -36.81 9.52
C SER F 122 4.90 -37.83 8.41
N HIS F 123 4.62 -37.36 7.20
CA HIS F 123 4.60 -38.21 6.02
C HIS F 123 6.01 -38.73 5.75
N ASP F 124 7.01 -37.90 6.06
CA ASP F 124 8.41 -38.15 5.74
C ASP F 124 9.37 -37.50 6.74
N LEU F 125 9.21 -37.82 8.03
CA LEU F 125 10.10 -37.28 9.06
C LEU F 125 11.54 -37.75 8.92
N ASP F 126 12.47 -36.82 9.10
CA ASP F 126 13.91 -37.11 9.07
C ASP F 126 14.28 -37.93 7.84
N HIS F 127 13.69 -37.59 6.71
CA HIS F 127 13.94 -38.33 5.49
C HIS F 127 15.41 -38.18 5.10
N ARG F 128 16.04 -39.29 4.73
CA ARG F 128 17.49 -39.32 4.54
C ARG F 128 17.86 -39.34 3.07
N GLY F 129 16.95 -38.92 2.20
CA GLY F 129 17.15 -39.04 0.77
C GLY F 129 16.89 -40.49 0.42
N VAL F 130 16.23 -41.18 1.34
CA VAL F 130 16.03 -42.61 1.24
C VAL F 130 14.55 -43.01 1.23
N ASN F 131 14.15 -43.70 0.17
CA ASN F 131 12.83 -44.32 0.11
C ASN F 131 12.87 -45.71 0.74
N ASN F 132 11.70 -46.33 0.88
CA ASN F 132 11.58 -47.65 1.50
C ASN F 132 12.53 -48.68 0.90
N SER F 133 12.54 -48.75 -0.42
CA SER F 133 13.29 -49.80 -1.11
C SER F 133 14.79 -49.71 -0.86
N TYR F 134 15.33 -48.51 -0.73
CA TYR F 134 16.79 -48.36 -0.60
C TYR F 134 17.27 -49.01 0.68
N ILE F 135 16.68 -48.64 1.81
CA ILE F 135 17.01 -49.30 3.07
C ILE F 135 16.62 -50.76 3.04
N GLN F 136 15.58 -51.11 2.30
CA GLN F 136 15.22 -52.52 2.16
C GLN F 136 16.33 -53.30 1.47
N ARG F 137 17.16 -52.63 0.69
CA ARG F 137 18.26 -53.29 0.00
C ARG F 137 19.66 -52.79 0.42
N SER F 138 19.75 -51.55 0.90
CA SER F 138 21.00 -51.07 1.48
C SER F 138 21.14 -51.56 2.92
N GLU F 139 20.03 -52.08 3.44
CA GLU F 139 19.98 -52.68 4.78
C GLU F 139 20.47 -51.77 5.91
N HIS F 140 19.94 -50.57 5.98
CA HIS F 140 20.07 -49.75 7.18
C HIS F 140 19.27 -50.46 8.27
N PRO F 141 19.69 -50.34 9.55
CA PRO F 141 19.04 -51.08 10.64
C PRO F 141 17.54 -50.81 10.75
N LEU F 142 17.13 -49.60 10.38
CA LEU F 142 15.71 -49.26 10.36
C LEU F 142 14.93 -50.19 9.43
N ALA F 143 15.59 -50.67 8.38
CA ALA F 143 14.94 -51.59 7.46
C ALA F 143 14.58 -52.91 8.12
N GLN F 144 15.52 -53.48 8.86
CA GLN F 144 15.26 -54.71 9.60
C GLN F 144 14.32 -54.45 10.76
N LEU F 145 14.26 -53.19 11.19
CA LEU F 145 13.34 -52.80 12.26
C LEU F 145 11.88 -52.94 11.82
N TYR F 146 11.63 -52.87 10.53
CA TYR F 146 10.28 -53.05 9.99
C TYR F 146 10.25 -53.92 8.73
N CYS F 147 9.20 -53.77 7.93
CA CYS F 147 9.01 -54.58 6.73
C CYS F 147 8.31 -53.81 5.60
N HIS F 148 6.99 -53.71 5.67
CA HIS F 148 6.25 -52.85 4.75
C HIS F 148 6.56 -51.39 5.04
N SER F 149 6.61 -50.57 4.00
CA SER F 149 6.64 -49.11 4.10
C SER F 149 7.53 -48.61 5.23
N ILE F 150 8.76 -49.14 5.28
CA ILE F 150 9.60 -49.01 6.48
C ILE F 150 9.91 -47.56 6.83
N MET F 151 10.09 -46.71 5.83
CA MET F 151 10.29 -45.30 6.12
C MET F 151 9.06 -44.73 6.80
N GLU F 152 7.89 -45.13 6.33
CA GLU F 152 6.63 -44.62 6.88
C GLU F 152 6.17 -45.30 8.16
N HIS F 153 6.46 -46.58 8.32
CA HIS F 153 6.28 -47.20 9.63
C HIS F 153 7.21 -46.50 10.62
N HIS F 154 8.37 -46.06 10.13
CA HIS F 154 9.27 -45.23 10.92
C HIS F 154 8.73 -43.82 11.11
N HIS F 155 7.86 -43.37 10.22
CA HIS F 155 7.34 -42.01 10.36
C HIS F 155 6.19 -42.00 11.36
N PHE F 156 5.41 -43.08 11.42
CA PHE F 156 4.49 -43.25 12.53
C PHE F 156 5.24 -43.50 13.82
N ASP F 157 6.34 -44.24 13.73
CA ASP F 157 7.14 -44.55 14.91
C ASP F 157 7.69 -43.26 15.50
N GLN F 158 8.16 -42.38 14.64
CA GLN F 158 8.70 -41.09 15.09
C GLN F 158 7.59 -40.07 15.28
N CYS F 159 6.38 -40.41 14.85
CA CYS F 159 5.24 -39.58 15.17
C CYS F 159 4.94 -39.75 16.65
N LEU F 160 4.62 -40.99 17.01
CA LEU F 160 4.29 -41.35 18.37
C LEU F 160 5.48 -41.14 19.31
N MET F 161 6.69 -41.23 18.77
CA MET F 161 7.88 -41.02 19.58
C MET F 161 8.21 -39.54 19.74
N ILE F 162 8.47 -38.85 18.64
CA ILE F 162 8.90 -37.46 18.70
C ILE F 162 7.84 -36.55 19.31
N LEU F 163 6.57 -36.79 18.99
CA LEU F 163 5.52 -35.97 19.60
C LEU F 163 5.47 -36.20 21.11
N ASN F 164 5.85 -37.40 21.54
CA ASN F 164 6.04 -37.67 22.95
C ASN F 164 7.44 -37.26 23.42
N SER F 165 8.34 -37.02 22.48
CA SER F 165 9.69 -36.55 22.80
C SER F 165 9.66 -35.05 23.14
N PRO F 166 10.63 -34.59 23.94
CA PRO F 166 10.67 -33.20 24.41
C PRO F 166 10.79 -32.19 23.26
N GLY F 167 10.15 -31.05 23.43
CA GLY F 167 10.15 -29.99 22.43
C GLY F 167 9.14 -30.24 21.34
N ASN F 168 8.29 -31.24 21.54
CA ASN F 168 7.34 -31.63 20.51
C ASN F 168 5.98 -32.08 21.04
N GLN F 169 5.76 -31.92 22.35
CA GLN F 169 4.53 -32.42 22.96
C GLN F 169 3.31 -31.55 22.67
N ILE F 170 2.87 -31.55 21.41
CA ILE F 170 1.62 -30.91 21.07
C ILE F 170 0.45 -31.86 21.29
N LEU F 171 0.78 -33.14 21.54
CA LEU F 171 -0.23 -34.14 21.87
C LEU F 171 -0.65 -34.03 23.33
N SER F 172 0.11 -33.24 24.09
CA SER F 172 -0.08 -33.14 25.53
C SER F 172 -1.44 -32.60 25.93
N GLY F 173 -1.99 -31.71 25.12
CA GLY F 173 -3.27 -31.10 25.45
C GLY F 173 -4.45 -31.95 25.04
N LEU F 174 -4.19 -33.01 24.30
CA LEU F 174 -5.24 -33.88 23.78
C LEU F 174 -5.91 -34.71 24.88
N SER F 175 -7.23 -34.86 24.78
CA SER F 175 -7.96 -35.80 25.63
C SER F 175 -7.69 -37.22 25.14
N ILE F 176 -7.86 -38.20 26.03
CA ILE F 176 -7.47 -39.58 25.74
C ILE F 176 -8.19 -40.15 24.53
N GLU F 177 -9.44 -39.73 24.32
CA GLU F 177 -10.19 -40.17 23.15
C GLU F 177 -9.67 -39.49 21.90
N GLU F 178 -9.48 -38.17 21.99
CA GLU F 178 -8.96 -37.41 20.86
C GLU F 178 -7.55 -37.88 20.54
N TYR F 179 -6.82 -38.25 21.59
CA TYR F 179 -5.44 -38.70 21.46
C TYR F 179 -5.41 -40.08 20.80
N LYS F 180 -6.39 -40.91 21.16
CA LYS F 180 -6.51 -42.27 20.62
C LYS F 180 -6.85 -42.25 19.14
N THR F 181 -7.86 -41.45 18.80
CA THR F 181 -8.26 -41.30 17.41
C THR F 181 -7.09 -40.69 16.65
N THR F 182 -6.36 -39.83 17.34
CA THR F 182 -5.23 -39.12 16.74
C THR F 182 -4.16 -40.10 16.30
N LEU F 183 -3.47 -40.73 17.24
CA LEU F 183 -2.34 -41.59 16.88
C LEU F 183 -2.73 -42.82 16.05
N LYS F 184 -3.97 -43.30 16.19
CA LYS F 184 -4.42 -44.45 15.42
C LYS F 184 -4.73 -44.09 13.97
N ILE F 185 -5.53 -43.05 13.78
CA ILE F 185 -5.86 -42.62 12.43
C ILE F 185 -4.59 -42.14 11.74
N ILE F 186 -3.72 -41.51 12.52
CA ILE F 186 -2.39 -41.13 12.02
C ILE F 186 -1.55 -42.36 11.71
N LYS F 187 -1.79 -43.46 12.43
CA LYS F 187 -1.04 -44.67 12.12
C LYS F 187 -1.40 -45.14 10.73
N GLN F 188 -2.70 -45.33 10.51
CA GLN F 188 -3.17 -45.81 9.22
C GLN F 188 -2.84 -44.83 8.09
N ALA F 189 -2.87 -43.54 8.42
CA ALA F 189 -2.64 -42.49 7.44
C ALA F 189 -1.17 -42.36 7.06
N ILE F 190 -0.27 -42.45 8.04
CA ILE F 190 1.15 -42.44 7.75
C ILE F 190 1.52 -43.70 6.99
N LEU F 191 0.81 -44.80 7.27
CA LEU F 191 0.99 -45.98 6.45
C LEU F 191 0.55 -45.62 5.03
N ALA F 192 -0.49 -44.81 4.93
CA ALA F 192 -0.97 -44.34 3.64
C ALA F 192 -0.28 -43.07 3.13
N THR F 193 0.54 -42.43 3.96
CA THR F 193 1.37 -41.33 3.46
C THR F 193 2.33 -41.88 2.44
N ASP F 194 2.72 -43.14 2.66
CA ASP F 194 3.43 -43.88 1.64
C ASP F 194 2.48 -44.01 0.48
N LEU F 195 2.99 -43.78 -0.73
CA LEU F 195 2.17 -43.81 -1.92
C LEU F 195 1.69 -45.25 -2.15
N ALA F 196 2.48 -46.20 -1.66
CA ALA F 196 2.22 -47.61 -1.85
C ALA F 196 0.98 -48.11 -1.11
N LEU F 197 0.98 -47.99 0.22
CA LEU F 197 -0.15 -48.49 1.00
C LEU F 197 -1.39 -47.68 0.68
N TYR F 198 -1.18 -46.49 0.11
CA TYR F 198 -2.24 -45.82 -0.62
C TYR F 198 -2.76 -46.62 -1.79
N ILE F 199 -1.84 -47.14 -2.62
CA ILE F 199 -2.27 -47.93 -3.77
C ILE F 199 -3.05 -49.14 -3.27
N LYS F 200 -2.68 -49.61 -2.08
CA LYS F 200 -3.41 -50.70 -1.44
C LYS F 200 -4.83 -50.31 -1.02
N ARG F 201 -4.95 -49.21 -0.28
CA ARG F 201 -6.23 -48.83 0.32
C ARG F 201 -7.21 -48.10 -0.61
N ARG F 202 -6.71 -47.61 -1.74
CA ARG F 202 -7.45 -46.64 -2.55
C ARG F 202 -8.70 -47.17 -3.25
N GLY F 203 -8.71 -48.47 -3.59
CA GLY F 203 -9.77 -49.00 -4.42
C GLY F 203 -11.15 -48.95 -3.79
N GLU F 204 -11.19 -49.24 -2.49
CA GLU F 204 -12.43 -49.14 -1.74
C GLU F 204 -12.92 -47.70 -1.78
N PHE F 205 -11.97 -46.78 -1.72
CA PHE F 205 -12.29 -45.38 -1.71
C PHE F 205 -12.93 -44.98 -3.03
N PHE F 206 -12.27 -45.30 -4.14
CA PHE F 206 -12.80 -44.89 -5.43
C PHE F 206 -14.15 -45.55 -5.72
N GLU F 207 -14.31 -46.79 -5.26
CA GLU F 207 -15.59 -47.47 -5.39
C GLU F 207 -16.66 -46.74 -4.58
N LEU F 208 -16.24 -46.13 -3.47
CA LEU F 208 -17.17 -45.39 -2.62
C LEU F 208 -17.33 -43.91 -3.03
N ILE F 209 -16.54 -43.48 -4.01
CA ILE F 209 -16.54 -42.07 -4.43
C ILE F 209 -17.22 -41.84 -5.78
N ARG F 210 -16.96 -42.73 -6.74
CA ARG F 210 -17.38 -42.47 -8.11
C ARG F 210 -18.90 -42.38 -8.24
N LYS F 211 -19.62 -43.07 -7.36
CA LYS F 211 -21.08 -43.10 -7.42
C LYS F 211 -21.75 -42.00 -6.60
N ASN F 212 -20.95 -41.12 -6.00
CA ASN F 212 -21.43 -40.02 -5.17
C ASN F 212 -22.26 -40.59 -4.01
N GLN F 213 -21.81 -41.72 -3.49
CA GLN F 213 -22.49 -42.38 -2.39
C GLN F 213 -21.69 -42.30 -1.09
N PHE F 214 -20.61 -41.53 -1.11
CA PHE F 214 -19.73 -41.40 0.06
C PHE F 214 -20.46 -40.68 1.20
N ASN F 215 -20.26 -41.16 2.43
CA ASN F 215 -20.93 -40.57 3.58
C ASN F 215 -20.03 -40.52 4.80
N LEU F 216 -20.06 -39.38 5.51
CA LEU F 216 -19.13 -39.15 6.60
C LEU F 216 -19.68 -39.63 7.94
N GLU F 217 -20.93 -40.08 7.93
CA GLU F 217 -21.51 -40.73 9.10
C GLU F 217 -21.27 -42.24 9.02
N ASP F 218 -20.34 -42.60 8.12
CA ASP F 218 -19.85 -43.96 8.00
C ASP F 218 -18.33 -43.88 8.09
N PRO F 219 -17.80 -43.74 9.32
CA PRO F 219 -16.50 -43.21 9.67
C PRO F 219 -15.28 -43.88 9.04
N HIS F 220 -15.28 -45.19 8.83
CA HIS F 220 -14.10 -45.84 8.26
C HIS F 220 -13.84 -45.37 6.83
N GLN F 221 -14.91 -45.11 6.09
CA GLN F 221 -14.82 -44.59 4.74
C GLN F 221 -14.21 -43.19 4.77
N LYS F 222 -14.54 -42.49 5.84
CA LYS F 222 -14.14 -41.11 6.06
C LYS F 222 -12.64 -41.05 6.37
N GLU F 223 -12.19 -41.97 7.23
CA GLU F 223 -10.78 -42.11 7.54
C GLU F 223 -10.01 -42.55 6.31
N LEU F 224 -10.65 -43.37 5.47
CA LEU F 224 -10.03 -43.80 4.23
C LEU F 224 -9.84 -42.59 3.32
N PHE F 225 -10.81 -41.68 3.36
CA PHE F 225 -10.69 -40.40 2.66
C PHE F 225 -9.54 -39.59 3.23
N LEU F 226 -9.33 -39.72 4.53
CA LEU F 226 -8.24 -39.01 5.16
C LEU F 226 -6.95 -39.49 4.56
N ALA F 227 -6.82 -40.82 4.45
CA ALA F 227 -5.62 -41.42 3.89
C ALA F 227 -5.41 -41.02 2.44
N MET F 228 -6.51 -40.89 1.72
CA MET F 228 -6.44 -40.49 0.31
C MET F 228 -5.90 -39.07 0.20
N LEU F 229 -6.35 -38.21 1.10
CA LEU F 229 -5.83 -36.85 1.13
C LEU F 229 -4.37 -36.87 1.54
N MET F 230 -4.00 -37.83 2.37
CA MET F 230 -2.62 -37.94 2.84
C MET F 230 -1.69 -38.17 1.67
N THR F 231 -2.04 -39.17 0.88
CA THR F 231 -1.23 -39.53 -0.28
C THR F 231 -1.30 -38.43 -1.33
N ALA F 232 -2.42 -37.71 -1.34
CA ALA F 232 -2.55 -36.56 -2.23
C ALA F 232 -1.56 -35.48 -1.83
N CYS F 233 -1.23 -35.44 -0.55
CA CYS F 233 -0.32 -34.44 -0.03
C CYS F 233 1.16 -34.86 -0.12
N ASP F 234 1.44 -36.16 -0.06
CA ASP F 234 2.82 -36.64 0.00
C ASP F 234 3.62 -36.27 -1.25
N LEU F 235 2.94 -36.10 -2.38
CA LEU F 235 3.59 -35.78 -3.65
C LEU F 235 3.24 -34.40 -4.21
N SER F 236 2.90 -33.46 -3.33
CA SER F 236 2.30 -32.20 -3.75
C SER F 236 3.28 -31.24 -4.42
N ALA F 237 4.57 -31.54 -4.36
CA ALA F 237 5.60 -30.67 -4.92
C ALA F 237 5.40 -30.48 -6.42
N ILE F 238 4.76 -31.46 -7.05
CA ILE F 238 4.49 -31.42 -8.48
C ILE F 238 3.50 -30.32 -8.84
N THR F 239 2.73 -29.85 -7.85
CA THR F 239 1.73 -28.80 -8.09
C THR F 239 2.34 -27.45 -8.47
N LYS F 240 3.62 -27.26 -8.15
CA LYS F 240 4.29 -25.97 -8.30
C LYS F 240 4.57 -25.53 -9.75
N PRO F 241 4.68 -24.20 -9.97
CA PRO F 241 4.91 -23.54 -11.27
C PRO F 241 6.23 -23.89 -11.95
N TRP F 242 6.23 -23.90 -13.28
CA TRP F 242 7.35 -24.38 -14.08
C TRP F 242 8.73 -23.77 -13.83
N PRO F 243 8.85 -22.43 -13.71
CA PRO F 243 10.20 -21.93 -13.42
C PRO F 243 10.75 -22.53 -12.13
N ILE F 244 9.82 -22.77 -11.21
CA ILE F 244 10.08 -23.37 -9.92
C ILE F 244 10.10 -24.90 -10.00
N GLN F 245 9.14 -25.43 -10.74
CA GLN F 245 8.95 -26.87 -10.83
C GLN F 245 10.15 -27.50 -11.52
N GLN F 246 10.79 -26.72 -12.37
CA GLN F 246 12.06 -27.09 -12.98
C GLN F 246 13.02 -27.49 -11.88
N ARG F 247 13.17 -26.59 -10.91
CA ARG F 247 14.00 -26.87 -9.75
C ARG F 247 13.51 -28.10 -9.01
N ILE F 248 12.20 -28.16 -8.77
CA ILE F 248 11.66 -29.20 -7.90
C ILE F 248 11.78 -30.63 -8.45
N ALA F 249 11.34 -30.83 -9.69
CA ALA F 249 11.36 -32.16 -10.29
C ALA F 249 12.67 -32.49 -11.02
N GLU F 250 13.49 -31.49 -11.32
CA GLU F 250 14.87 -31.81 -11.73
C GLU F 250 15.74 -32.02 -10.51
N LEU F 251 15.26 -31.64 -9.34
CA LEU F 251 15.84 -32.14 -8.10
C LEU F 251 15.21 -33.47 -7.73
N VAL F 252 14.03 -33.79 -8.26
CA VAL F 252 13.57 -35.17 -8.16
C VAL F 252 14.52 -36.01 -9.00
N ALA F 253 14.90 -35.44 -10.15
CA ALA F 253 15.85 -36.07 -11.05
C ALA F 253 17.17 -36.27 -10.34
N THR F 254 17.84 -35.18 -10.00
CA THR F 254 19.18 -35.25 -9.42
C THR F 254 19.24 -35.90 -8.04
N GLU F 255 18.14 -35.86 -7.28
CA GLU F 255 18.14 -36.49 -5.95
C GLU F 255 17.91 -37.99 -6.04
N PHE F 256 17.08 -38.43 -7.00
CA PHE F 256 16.96 -39.85 -7.25
C PHE F 256 18.12 -40.32 -8.14
N TRP F 257 18.95 -39.37 -8.56
CA TRP F 257 20.20 -39.68 -9.24
C TRP F 257 21.38 -39.73 -8.27
N GLU F 258 21.23 -39.10 -7.11
CA GLU F 258 22.21 -39.29 -6.04
C GLU F 258 21.86 -40.58 -5.31
N GLN F 259 20.57 -40.73 -5.03
CA GLN F 259 20.06 -41.97 -4.47
C GLN F 259 20.25 -43.08 -5.49
N GLY F 260 20.21 -42.72 -6.77
CA GLY F 260 20.46 -43.65 -7.84
C GLY F 260 21.94 -43.93 -8.05
N ASP F 261 22.77 -42.97 -7.65
CA ASP F 261 24.20 -43.20 -7.58
C ASP F 261 24.44 -44.24 -6.51
N LEU F 262 23.66 -44.14 -5.44
CA LEU F 262 23.67 -45.15 -4.40
C LEU F 262 23.08 -46.46 -4.93
N GLU F 263 22.22 -46.35 -5.93
CA GLU F 263 21.63 -47.54 -6.55
C GLU F 263 22.60 -48.18 -7.52
N ARG F 264 23.69 -47.45 -7.82
CA ARG F 264 24.70 -47.94 -8.74
C ARG F 264 26.10 -47.81 -8.16
N THR F 265 26.18 -47.84 -6.83
CA THR F 265 27.46 -47.92 -6.13
C THR F 265 27.34 -48.90 -4.97
N VAL F 266 26.53 -48.56 -3.98
CA VAL F 266 26.30 -49.44 -2.84
C VAL F 266 25.21 -50.46 -3.17
N LEU F 267 24.65 -50.36 -4.37
CA LEU F 267 23.62 -51.31 -4.81
C LEU F 267 23.95 -51.95 -6.15
N GLN F 268 24.47 -51.15 -7.09
CA GLN F 268 24.93 -51.65 -8.38
C GLN F 268 23.92 -52.48 -9.17
N GLN F 269 22.65 -52.07 -9.15
CA GLN F 269 21.65 -52.69 -10.00
C GLN F 269 21.84 -52.25 -11.45
N GLN F 270 21.41 -53.10 -12.38
CA GLN F 270 21.34 -52.68 -13.77
C GLN F 270 20.28 -51.59 -13.82
N PRO F 271 20.62 -50.43 -14.38
CA PRO F 271 19.79 -49.22 -14.19
C PRO F 271 18.36 -49.35 -14.70
N ILE F 272 17.43 -48.78 -13.94
CA ILE F 272 16.06 -48.60 -14.39
C ILE F 272 15.94 -47.25 -15.11
N PRO F 273 15.00 -47.12 -16.06
CA PRO F 273 14.99 -45.93 -16.92
C PRO F 273 14.84 -44.58 -16.19
N MET F 274 14.09 -44.49 -15.10
CA MET F 274 13.87 -43.17 -14.49
C MET F 274 15.06 -42.67 -13.68
N MET F 275 15.56 -43.49 -12.78
CA MET F 275 16.62 -43.05 -11.88
C MET F 275 18.00 -43.19 -12.49
N ASP F 276 18.08 -43.79 -13.67
CA ASP F 276 19.28 -43.69 -14.48
C ASP F 276 19.43 -42.21 -14.89
N ARG F 277 20.64 -41.68 -14.76
CA ARG F 277 20.88 -40.27 -15.06
C ARG F 277 20.74 -40.02 -16.57
N ASN F 278 20.99 -41.06 -17.34
CA ASN F 278 21.08 -40.95 -18.80
C ASN F 278 19.78 -40.42 -19.40
N LYS F 279 18.68 -40.70 -18.72
CA LYS F 279 17.38 -40.24 -19.19
C LYS F 279 17.03 -38.87 -18.62
N ARG F 280 18.02 -37.97 -18.55
CA ARG F 280 17.73 -36.60 -18.13
C ARG F 280 16.74 -35.96 -19.10
N ASP F 281 16.81 -36.40 -20.36
CA ASP F 281 15.94 -35.89 -21.40
C ASP F 281 14.70 -36.78 -21.58
N GLU F 282 14.57 -37.82 -20.76
CA GLU F 282 13.41 -38.68 -20.83
C GLU F 282 12.86 -39.07 -19.47
N LEU F 283 13.46 -38.52 -18.41
CA LEU F 283 12.92 -38.70 -17.06
C LEU F 283 11.47 -38.21 -16.90
N PRO F 284 11.14 -37.01 -17.43
CA PRO F 284 9.78 -36.51 -17.13
C PRO F 284 8.63 -37.42 -17.60
N LYS F 285 8.77 -38.15 -18.71
CA LYS F 285 7.73 -39.08 -19.10
C LYS F 285 7.56 -40.15 -18.03
N LEU F 286 8.68 -40.51 -17.44
CA LEU F 286 8.70 -41.54 -16.40
C LEU F 286 8.19 -40.95 -15.10
N GLN F 287 8.11 -39.63 -15.03
CA GLN F 287 7.36 -39.02 -13.95
C GLN F 287 5.88 -39.17 -14.24
N VAL F 288 5.50 -38.98 -15.50
CA VAL F 288 4.08 -39.02 -15.88
C VAL F 288 3.50 -40.41 -15.61
N GLY F 289 4.27 -41.45 -15.87
CA GLY F 289 3.81 -42.80 -15.66
C GLY F 289 3.70 -43.06 -14.17
N PHE F 290 4.50 -42.32 -13.41
CA PHE F 290 4.35 -42.24 -11.97
C PHE F 290 3.17 -41.34 -11.62
N ILE F 291 3.09 -40.18 -12.29
CA ILE F 291 2.05 -39.20 -11.96
C ILE F 291 0.66 -39.74 -12.23
N ASP F 292 0.50 -40.43 -13.35
CA ASP F 292 -0.77 -41.05 -13.65
C ASP F 292 -1.09 -42.17 -12.66
N PHE F 293 -0.04 -42.82 -12.16
CA PHE F 293 -0.21 -43.98 -11.29
C PHE F 293 -0.78 -43.62 -9.92
N VAL F 294 -0.53 -42.39 -9.46
CA VAL F 294 -1.01 -41.98 -8.15
C VAL F 294 -1.74 -40.65 -8.18
N CYS F 295 -1.09 -39.63 -8.75
CA CYS F 295 -1.57 -38.25 -8.68
C CYS F 295 -2.98 -38.14 -9.25
N THR F 296 -3.08 -38.17 -10.58
CA THR F 296 -4.35 -37.89 -11.25
C THR F 296 -5.45 -38.86 -10.82
N GLN F 297 -5.08 -40.11 -10.58
CA GLN F 297 -6.04 -41.10 -10.16
C GLN F 297 -6.66 -40.71 -8.82
N LEU F 298 -5.83 -40.13 -7.96
CA LEU F 298 -6.27 -39.74 -6.61
C LEU F 298 -6.95 -38.38 -6.60
N TYR F 299 -6.42 -37.48 -7.42
CA TYR F 299 -6.97 -36.13 -7.47
C TYR F 299 -8.28 -36.07 -8.26
N GLU F 300 -8.61 -37.13 -9.00
CA GLU F 300 -9.95 -37.20 -9.59
C GLU F 300 -11.04 -37.39 -8.52
N ALA F 301 -10.83 -38.34 -7.62
CA ALA F 301 -11.73 -38.52 -6.49
C ALA F 301 -11.65 -37.34 -5.52
N LEU F 302 -10.46 -36.78 -5.42
CA LEU F 302 -10.22 -35.64 -4.53
C LEU F 302 -10.83 -34.41 -5.20
N THR F 303 -11.21 -34.58 -6.46
CA THR F 303 -11.97 -33.58 -7.21
C THR F 303 -13.48 -33.76 -7.00
N HIS F 304 -13.98 -34.97 -7.20
CA HIS F 304 -15.42 -35.18 -7.09
C HIS F 304 -15.97 -35.13 -5.65
N VAL F 305 -15.12 -35.30 -4.64
CA VAL F 305 -15.59 -35.08 -3.27
C VAL F 305 -15.04 -33.78 -2.70
N SER F 306 -13.73 -33.74 -2.44
CA SER F 306 -13.10 -32.49 -2.05
C SER F 306 -13.21 -31.55 -3.24
N GLU F 307 -13.38 -30.26 -2.99
CA GLU F 307 -13.86 -29.37 -4.05
C GLU F 307 -12.89 -28.30 -4.51
N ASP F 308 -12.62 -27.35 -3.63
CA ASP F 308 -11.74 -26.24 -3.96
C ASP F 308 -10.33 -26.75 -4.15
N CYS F 309 -10.14 -28.02 -3.81
CA CYS F 309 -8.87 -28.72 -3.96
C CYS F 309 -8.63 -29.13 -5.43
N PHE F 310 -9.53 -28.74 -6.32
CA PHE F 310 -9.37 -29.04 -7.74
C PHE F 310 -8.04 -28.57 -8.34
N PRO F 311 -7.60 -27.34 -8.05
CA PRO F 311 -6.30 -26.92 -8.57
C PRO F 311 -5.14 -27.81 -8.09
N LEU F 312 -5.26 -28.45 -6.93
CA LEU F 312 -4.24 -29.41 -6.49
C LEU F 312 -4.07 -30.50 -7.54
N LEU F 313 -5.16 -30.82 -8.24
CA LEU F 313 -5.07 -31.63 -9.45
C LEU F 313 -4.55 -30.82 -10.63
N ASP F 314 -5.17 -29.67 -10.88
CA ASP F 314 -4.86 -28.88 -12.07
C ASP F 314 -3.41 -28.41 -12.02
N GLY F 315 -2.95 -28.09 -10.82
CA GLY F 315 -1.61 -27.54 -10.65
C GLY F 315 -0.57 -28.62 -10.90
N CYS F 316 -1.00 -29.87 -10.87
CA CYS F 316 -0.14 -30.96 -11.30
C CYS F 316 -0.18 -31.11 -12.82
N ARG F 317 -1.40 -31.06 -13.38
CA ARG F 317 -1.57 -31.43 -14.78
C ARG F 317 -0.86 -30.43 -15.70
N LYS F 318 -0.74 -29.20 -15.21
CA LYS F 318 -0.10 -28.14 -15.97
C LYS F 318 1.34 -28.51 -16.27
N ASN F 319 1.96 -29.26 -15.35
CA ASN F 319 3.34 -29.70 -15.55
C ASN F 319 3.52 -30.69 -16.70
N ARG F 320 2.47 -31.47 -16.98
CA ARG F 320 2.57 -32.64 -17.85
C ARG F 320 3.39 -32.38 -19.12
N GLN F 321 2.76 -31.72 -20.08
CA GLN F 321 3.42 -31.39 -21.34
C GLN F 321 4.64 -30.51 -21.11
N LYS F 322 4.59 -29.70 -20.06
CA LYS F 322 5.69 -28.78 -19.81
C LYS F 322 6.93 -29.59 -19.43
N TRP F 323 6.72 -30.76 -18.83
CA TRP F 323 7.82 -31.67 -18.59
C TRP F 323 8.06 -32.57 -19.78
N GLN F 324 6.99 -32.80 -20.56
CA GLN F 324 7.14 -33.60 -21.77
C GLN F 324 8.14 -32.91 -22.69
N ALA F 325 8.20 -31.59 -22.61
CA ALA F 325 9.18 -30.84 -23.38
C ALA F 325 10.59 -31.30 -23.03
N LEU F 326 10.92 -31.36 -21.74
CA LEU F 326 12.22 -31.86 -21.34
C LEU F 326 12.30 -33.36 -21.57
N ALA F 327 11.14 -34.01 -21.60
CA ALA F 327 11.06 -35.42 -21.93
C ALA F 327 11.19 -35.60 -23.44
N GLU F 328 11.04 -34.50 -24.17
CA GLU F 328 11.22 -34.48 -25.62
C GLU F 328 12.56 -33.90 -26.02
N GLN F 329 13.56 -34.06 -25.16
CA GLN F 329 14.91 -33.60 -25.45
C GLN F 329 14.96 -32.12 -25.81
N GLU G 2 5.95 -54.83 0.96
CA GLU G 2 4.96 -54.06 0.24
C GLU G 2 4.42 -54.82 -0.95
N ALA G 3 3.63 -55.86 -0.69
CA ALA G 3 2.99 -56.63 -1.75
C ALA G 3 1.94 -55.78 -2.48
N PHE G 4 1.93 -55.86 -3.81
CA PHE G 4 0.96 -55.15 -4.64
C PHE G 4 0.76 -55.84 -5.98
N ASN G 5 -0.18 -55.30 -6.76
CA ASN G 5 -0.48 -55.84 -8.09
C ASN G 5 0.73 -55.77 -9.00
N HIS G 6 0.92 -56.81 -9.81
CA HIS G 6 2.05 -56.92 -10.70
C HIS G 6 2.08 -55.82 -11.76
N LEU G 7 0.91 -55.33 -12.15
CA LEU G 7 0.82 -54.20 -13.06
C LEU G 7 1.40 -52.96 -12.40
N GLU G 8 1.29 -52.93 -11.07
CA GLU G 8 1.74 -51.82 -10.27
C GLU G 8 3.23 -51.95 -9.93
N LEU G 9 3.71 -53.19 -9.83
CA LEU G 9 5.04 -53.46 -9.30
C LEU G 9 6.19 -52.92 -10.15
N HIS G 10 6.14 -53.13 -11.46
CA HIS G 10 7.16 -52.56 -12.34
C HIS G 10 7.00 -51.05 -12.37
N GLU G 11 5.77 -50.59 -12.16
CA GLU G 11 5.50 -49.16 -12.05
C GLU G 11 5.93 -48.68 -10.67
N LEU G 12 6.23 -49.61 -9.79
CA LEU G 12 6.93 -49.29 -8.55
C LEU G 12 8.43 -49.43 -8.78
N ALA G 13 8.79 -50.38 -9.64
CA ALA G 13 10.19 -50.72 -9.88
C ALA G 13 10.95 -49.74 -10.75
N GLN G 14 10.23 -48.87 -11.48
CA GLN G 14 10.92 -47.88 -12.31
C GLN G 14 10.37 -46.47 -12.10
N TYR G 15 9.50 -46.30 -11.13
CA TYR G 15 8.98 -44.97 -10.80
C TYR G 15 9.26 -44.63 -9.33
N GLY G 16 8.75 -43.48 -8.88
CA GLY G 16 9.16 -42.91 -7.61
C GLY G 16 8.89 -43.72 -6.36
N ILE G 17 7.79 -44.45 -6.34
CA ILE G 17 7.47 -45.30 -5.19
C ILE G 17 8.49 -46.44 -5.10
N ILE G 18 8.94 -46.73 -3.88
CA ILE G 18 9.89 -47.80 -3.57
C ILE G 18 10.77 -48.27 -4.74
N GLN H 1 24.36 34.59 8.93
CA GLN H 1 25.05 35.09 7.76
C GLN H 1 25.14 33.98 6.71
N LYS H 2 26.16 33.13 6.84
CA LYS H 2 26.23 31.89 6.09
C LYS H 2 25.26 30.91 6.76
N LEU H 3 24.82 31.30 7.94
CA LEU H 3 24.04 30.46 8.83
C LEU H 3 22.71 30.00 8.24
N LYS H 4 22.07 30.88 7.49
CA LYS H 4 20.80 30.57 6.86
C LYS H 4 20.93 29.51 5.77
N CYS H 5 22.06 29.53 5.08
CA CYS H 5 22.26 28.68 3.91
C CYS H 5 22.27 27.19 4.21
N GLU H 6 22.80 26.81 5.37
CA GLU H 6 22.86 25.40 5.74
C GLU H 6 21.56 24.94 6.40
N CYS H 7 20.69 25.90 6.71
CA CYS H 7 19.33 25.57 7.10
C CYS H 7 18.51 25.33 5.83
N GLN H 8 18.78 26.15 4.82
CA GLN H 8 18.13 25.98 3.54
C GLN H 8 18.67 24.76 2.82
N ALA H 9 19.81 24.27 3.27
CA ALA H 9 20.26 22.95 2.85
C ALA H 9 19.29 21.90 3.37
N LEU H 10 18.78 22.12 4.59
CA LEU H 10 17.74 21.26 5.13
C LEU H 10 16.43 21.47 4.38
N LEU H 11 16.21 22.69 3.89
CA LEU H 11 15.06 22.95 3.04
C LEU H 11 15.15 22.14 1.75
N GLN H 12 16.35 22.08 1.20
CA GLN H 12 16.58 21.41 -0.06
C GLN H 12 16.44 19.91 0.10
N VAL H 13 17.04 19.38 1.17
CA VAL H 13 16.97 17.94 1.41
C VAL H 13 15.53 17.54 1.75
N ALA H 14 14.77 18.47 2.33
CA ALA H 14 13.36 18.18 2.63
C ALA H 14 12.55 18.13 1.34
N LYS H 15 12.58 19.22 0.60
CA LYS H 15 11.75 19.35 -0.60
C LYS H 15 12.16 18.30 -1.63
N ASN H 16 13.40 17.84 -1.56
CA ASN H 16 13.82 16.72 -2.39
C ASN H 16 13.29 15.41 -1.85
N LEU H 17 13.84 14.96 -0.71
CA LEU H 17 13.61 13.59 -0.26
C LEU H 17 12.15 13.27 0.00
N PHE H 18 11.37 14.26 0.39
CA PHE H 18 9.95 14.01 0.58
C PHE H 18 9.19 13.81 -0.74
N THR H 19 9.80 14.23 -1.83
CA THR H 19 9.22 14.01 -3.15
C THR H 19 9.75 12.73 -3.84
N HIS H 20 10.67 12.04 -3.18
CA HIS H 20 11.28 10.84 -3.76
C HIS H 20 10.81 9.53 -3.12
N LEU H 21 9.66 9.57 -2.46
CA LEU H 21 9.12 8.41 -1.76
C LEU H 21 8.75 7.24 -2.69
N ASP H 22 8.56 7.54 -3.97
CA ASP H 22 8.11 6.53 -4.94
C ASP H 22 9.09 5.37 -5.09
N ASP H 23 10.38 5.63 -4.88
CA ASP H 23 11.39 4.56 -4.91
C ASP H 23 12.56 4.89 -4.00
N VAL H 24 12.97 3.92 -3.19
CA VAL H 24 14.10 4.11 -2.29
C VAL H 24 15.43 4.12 -3.05
N SER H 25 15.47 3.52 -4.25
CA SER H 25 16.73 3.47 -4.99
C SER H 25 17.10 4.84 -5.54
N VAL H 26 16.13 5.49 -6.15
CA VAL H 26 16.29 6.87 -6.63
C VAL H 26 16.56 7.76 -5.43
N LEU H 27 15.97 7.40 -4.31
CA LEU H 27 16.17 8.13 -3.07
C LEU H 27 17.65 8.04 -2.69
N LEU H 28 18.23 6.87 -2.86
CA LEU H 28 19.67 6.69 -2.63
C LEU H 28 20.50 7.46 -3.64
N GLN H 29 20.00 7.62 -4.86
CA GLN H 29 20.73 8.39 -5.84
C GLN H 29 20.81 9.85 -5.43
N GLU H 30 19.65 10.41 -5.07
CA GLU H 30 19.56 11.80 -4.65
C GLU H 30 20.32 12.04 -3.34
N ILE H 31 20.30 11.05 -2.45
CA ILE H 31 20.98 11.18 -1.18
C ILE H 31 22.48 11.13 -1.35
N ILE H 32 22.98 10.18 -2.12
CA ILE H 32 24.42 10.08 -2.35
C ILE H 32 24.92 11.32 -3.10
N THR H 33 24.09 11.84 -4.00
CA THR H 33 24.47 13.02 -4.75
C THR H 33 24.55 14.25 -3.84
N GLU H 34 23.47 14.49 -3.10
CA GLU H 34 23.38 15.67 -2.25
C GLU H 34 24.42 15.61 -1.14
N ALA H 35 24.72 14.41 -0.67
CA ALA H 35 25.65 14.20 0.42
C ALA H 35 27.10 14.38 -0.04
N ARG H 36 27.44 13.84 -1.20
CA ARG H 36 28.78 14.06 -1.72
C ARG H 36 28.96 15.52 -2.12
N ASN H 37 27.84 16.18 -2.43
CA ASN H 37 27.87 17.61 -2.75
C ASN H 37 28.01 18.55 -1.55
N LEU H 38 27.41 18.18 -0.41
CA LEU H 38 27.34 19.10 0.71
C LEU H 38 28.15 18.70 1.95
N SER H 39 28.29 17.41 2.20
CA SER H 39 29.01 16.92 3.37
C SER H 39 30.51 17.20 3.27
N ASN H 40 30.96 17.44 2.04
CA ASN H 40 32.37 17.70 1.72
C ASN H 40 33.25 16.48 1.91
N ALA H 41 32.68 15.40 2.45
CA ALA H 41 33.38 14.14 2.56
C ALA H 41 33.64 13.58 1.16
N GLU H 42 34.86 13.09 0.92
CA GLU H 42 35.16 12.49 -0.38
C GLU H 42 34.36 11.22 -0.60
N ILE H 43 34.10 10.48 0.49
CA ILE H 43 33.30 9.25 0.41
C ILE H 43 32.48 9.06 1.67
N CYS H 44 31.60 8.06 1.66
CA CYS H 44 30.77 7.76 2.82
C CYS H 44 30.21 6.34 2.76
N SER H 45 29.80 5.80 3.90
CA SER H 45 29.08 4.53 3.89
C SER H 45 27.98 4.51 4.95
N VAL H 46 26.82 4.00 4.58
CA VAL H 46 25.64 4.06 5.45
C VAL H 46 25.12 2.70 5.93
N PHE H 47 25.53 2.34 7.14
CA PHE H 47 25.10 1.10 7.76
C PHE H 47 23.64 1.19 8.20
N LEU H 48 22.96 0.05 8.27
CA LEU H 48 21.59 -0.01 8.78
C LEU H 48 21.41 -1.21 9.71
N LEU H 49 21.25 -0.95 11.00
CA LEU H 49 21.20 -2.00 12.00
C LEU H 49 19.98 -2.90 11.86
N ASP H 50 20.19 -4.19 12.10
CA ASP H 50 19.10 -5.16 12.14
C ASP H 50 19.35 -6.09 13.32
N GLN H 51 18.62 -5.84 14.42
CA GLN H 51 18.78 -6.56 15.67
C GLN H 51 20.20 -6.41 16.24
N ASN H 52 21.15 -7.14 15.67
CA ASN H 52 22.52 -7.10 16.15
C ASN H 52 23.53 -6.97 15.01
N GLU H 53 23.05 -6.54 13.85
CA GLU H 53 23.93 -6.37 12.70
C GLU H 53 23.54 -5.21 11.77
N LEU H 54 24.54 -4.43 11.37
CA LEU H 54 24.38 -3.31 10.45
C LEU H 54 24.27 -3.77 8.99
N VAL H 55 23.60 -2.98 8.16
CA VAL H 55 23.44 -3.29 6.74
C VAL H 55 23.75 -2.06 5.86
N ALA H 56 24.53 -2.26 4.80
CA ALA H 56 24.88 -1.15 3.92
C ALA H 56 25.13 -1.60 2.49
N LYS H 57 24.66 -0.78 1.54
CA LYS H 57 24.94 -1.00 0.13
C LYS H 57 26.28 -0.38 -0.25
N VAL H 58 26.88 0.35 0.68
CA VAL H 58 28.16 1.01 0.45
C VAL H 58 28.96 1.09 1.75
N SER H 68 25.05 -2.39 -6.48
CA SER H 68 24.91 -2.01 -5.08
C SER H 68 25.22 -3.19 -4.15
N TYR H 69 26.49 -3.60 -4.14
CA TYR H 69 26.92 -4.70 -3.29
C TYR H 69 26.77 -4.38 -1.81
N GLU H 70 26.25 -5.34 -1.06
CA GLU H 70 25.97 -5.15 0.36
C GLU H 70 27.22 -5.22 1.23
N ILE H 71 27.19 -4.51 2.36
CA ILE H 71 28.26 -4.55 3.35
C ILE H 71 27.63 -4.73 4.73
N ARG H 72 28.19 -5.64 5.52
CA ARG H 72 27.56 -6.02 6.80
C ARG H 72 28.55 -6.04 7.96
N ILE H 73 28.06 -5.69 9.14
CA ILE H 73 28.88 -5.63 10.34
C ILE H 73 28.03 -5.68 11.62
N PRO H 74 28.28 -6.67 12.49
CA PRO H 74 27.51 -6.86 13.72
C PRO H 74 27.64 -5.70 14.71
N ALA H 75 26.58 -5.45 15.46
CA ALA H 75 26.49 -4.31 16.37
C ALA H 75 27.49 -4.40 17.53
N ASP H 76 27.93 -5.59 17.88
CA ASP H 76 28.92 -5.74 18.93
C ASP H 76 30.34 -5.49 18.43
N GLN H 77 30.63 -6.01 17.24
CA GLN H 77 31.96 -5.86 16.62
C GLN H 77 32.15 -4.47 16.01
N GLY H 78 33.39 -4.00 16.01
CA GLY H 78 33.74 -2.79 15.26
C GLY H 78 33.60 -1.48 16.02
N ILE H 79 34.17 -0.42 15.46
CA ILE H 79 34.01 0.92 16.02
C ILE H 79 32.70 1.56 15.56
N ALA H 80 32.42 1.46 14.27
CA ALA H 80 31.12 1.88 13.74
C ALA H 80 30.05 0.97 14.32
N GLY H 81 30.43 -0.27 14.57
CA GLY H 81 29.54 -1.21 15.22
C GLY H 81 29.36 -0.79 16.67
N HIS H 82 30.41 -0.21 17.25
CA HIS H 82 30.29 0.33 18.60
C HIS H 82 29.30 1.49 18.62
N VAL H 83 29.28 2.26 17.54
CA VAL H 83 28.27 3.30 17.39
C VAL H 83 26.89 2.68 17.25
N ALA H 84 26.83 1.51 16.59
CA ALA H 84 25.56 0.80 16.50
C ALA H 84 25.10 0.34 17.88
N THR H 85 26.06 0.02 18.73
CA THR H 85 25.79 -0.34 20.10
C THR H 85 25.34 0.89 20.90
N THR H 86 25.82 2.05 20.50
CA THR H 86 25.61 3.26 21.30
C THR H 86 24.72 4.31 20.65
N GLY H 87 24.93 4.57 19.36
CA GLY H 87 24.22 5.64 18.69
C GLY H 87 24.88 6.98 18.93
N GLN H 88 26.06 6.96 19.55
CA GLN H 88 26.82 8.18 19.76
C GLN H 88 27.25 8.77 18.42
N ILE H 89 27.09 10.08 18.26
CA ILE H 89 27.79 10.76 17.19
C ILE H 89 29.26 10.71 17.58
N LEU H 90 30.14 10.42 16.64
CA LEU H 90 31.51 10.14 17.00
C LEU H 90 32.48 10.51 15.89
N ASN H 91 33.13 11.66 16.06
CA ASN H 91 34.14 12.14 15.13
C ASN H 91 35.45 11.36 15.32
N ILE H 92 36.16 11.16 14.22
CA ILE H 92 37.49 10.56 14.23
C ILE H 92 38.39 11.44 13.37
N PRO H 93 38.90 12.55 13.95
CA PRO H 93 39.71 13.53 13.23
C PRO H 93 40.96 12.92 12.60
N ASP H 94 41.52 11.92 13.25
CA ASP H 94 42.64 11.17 12.68
C ASP H 94 42.21 9.72 12.46
N ALA H 95 41.98 9.39 11.19
CA ALA H 95 41.34 8.12 10.83
C ALA H 95 42.13 6.89 11.24
N TYR H 96 43.44 7.00 11.29
CA TYR H 96 44.30 5.85 11.53
C TYR H 96 45.28 6.11 12.66
N ARG H 112 42.26 8.49 0.13
CA ARG H 112 43.08 9.22 1.07
C ARG H 112 42.35 9.48 2.37
N THR H 113 41.93 8.41 3.03
CA THR H 113 41.20 8.51 4.29
C THR H 113 42.07 9.16 5.36
N ARG H 114 41.49 10.09 6.11
CA ARG H 114 42.23 10.81 7.15
C ARG H 114 41.33 11.20 8.30
N ASN H 115 40.02 11.14 8.08
CA ASN H 115 39.05 11.34 9.15
C ASN H 115 37.71 10.68 8.86
N ILE H 116 36.96 10.36 9.90
CA ILE H 116 35.63 9.77 9.71
C ILE H 116 34.59 10.36 10.66
N LEU H 117 33.49 10.85 10.10
CA LEU H 117 32.35 11.23 10.93
C LEU H 117 31.43 10.04 11.07
N CYS H 118 31.55 9.32 12.19
CA CYS H 118 30.74 8.14 12.39
C CYS H 118 29.54 8.46 13.29
N PHE H 119 28.38 8.67 12.68
CA PHE H 119 27.18 9.01 13.45
C PHE H 119 26.03 8.11 13.00
N PRO H 120 25.09 7.82 13.91
CA PRO H 120 23.95 6.95 13.56
C PRO H 120 23.06 7.52 12.47
N ILE H 121 22.49 6.65 11.64
CA ILE H 121 21.52 7.08 10.64
C ILE H 121 20.33 7.74 11.30
N LYS H 122 19.94 7.18 12.44
CA LYS H 122 18.74 7.51 13.21
C LYS H 122 17.49 7.81 12.37
N ASN H 123 16.43 8.27 13.04
CA ASN H 123 15.15 8.57 12.40
C ASN H 123 14.18 9.23 13.38
N GLU H 124 13.18 8.48 13.83
CA GLU H 124 12.25 8.94 14.85
C GLU H 124 12.95 9.15 16.19
N ASN H 125 14.05 8.42 16.40
CA ASN H 125 14.69 8.35 17.71
C ASN H 125 16.21 8.25 17.66
N GLN H 126 16.83 8.32 18.82
CA GLN H 126 18.28 8.18 18.97
C GLN H 126 18.65 6.69 18.86
N GLU H 127 17.63 5.84 18.87
CA GLU H 127 17.81 4.41 18.68
C GLU H 127 18.51 4.16 17.35
N VAL H 128 19.39 3.16 17.33
CA VAL H 128 20.25 2.95 16.17
C VAL H 128 19.55 2.15 15.08
N ILE H 129 18.93 2.87 14.14
CA ILE H 129 18.39 2.23 12.95
C ILE H 129 19.53 1.92 11.98
N GLY H 130 20.67 2.57 12.21
CA GLY H 130 21.83 2.39 11.36
C GLY H 130 23.00 3.29 11.74
N VAL H 131 24.11 3.17 11.02
CA VAL H 131 25.33 3.93 11.32
C VAL H 131 26.01 4.48 10.06
N ALA H 132 25.79 5.75 9.77
CA ALA H 132 26.51 6.45 8.71
C ALA H 132 27.94 6.79 9.11
N GLU H 133 28.82 6.88 8.12
CA GLU H 133 30.16 7.39 8.34
C GLU H 133 30.72 8.11 7.12
N LEU H 134 30.89 9.42 7.28
CA LEU H 134 31.53 10.29 6.28
C LEU H 134 33.04 10.19 6.31
N VAL H 135 33.69 10.45 5.17
CA VAL H 135 35.14 10.36 5.06
C VAL H 135 35.74 11.45 4.15
N ASN H 136 36.71 12.17 4.71
CA ASN H 136 37.57 13.17 4.05
C ASN H 136 36.90 14.51 3.76
N LYS H 137 36.91 15.39 4.76
CA LYS H 137 36.28 16.70 4.70
C LYS H 137 36.93 17.65 3.70
N ILE H 138 36.13 18.46 3.02
CA ILE H 138 36.62 19.64 2.32
C ILE H 138 36.38 20.84 3.24
N ASN H 139 37.25 21.85 3.15
CA ASN H 139 37.27 22.99 4.07
C ASN H 139 37.55 22.53 5.50
N GLY H 140 38.78 22.75 5.94
CA GLY H 140 39.25 22.22 7.21
C GLY H 140 39.48 20.73 7.06
N PRO H 141 40.76 20.32 7.04
CA PRO H 141 41.10 18.91 6.77
C PRO H 141 40.49 17.94 7.78
N TRP H 142 40.34 18.37 9.02
CA TRP H 142 39.65 17.58 10.03
C TRP H 142 38.15 17.79 9.95
N PHE H 143 37.39 16.76 10.33
CA PHE H 143 36.00 16.97 10.72
C PHE H 143 35.94 17.76 12.02
N SER H 144 35.05 18.75 12.05
CA SER H 144 34.85 19.56 13.24
C SER H 144 33.68 19.02 14.06
N LYS H 145 33.50 19.56 15.26
CA LYS H 145 32.28 19.32 16.01
C LYS H 145 31.11 19.93 15.24
N PHE H 146 31.43 20.94 14.43
CA PHE H 146 30.49 21.43 13.42
C PHE H 146 30.17 20.37 12.37
N ASP H 147 31.16 19.52 12.10
CA ASP H 147 30.95 18.41 11.17
C ASP H 147 30.43 17.21 11.95
N GLU H 148 29.32 17.42 12.67
CA GLU H 148 28.70 16.37 13.46
C GLU H 148 27.20 16.58 13.53
N ASP H 149 26.79 17.52 14.38
CA ASP H 149 25.38 17.75 14.67
C ASP H 149 24.59 18.21 13.44
N LEU H 150 25.23 18.95 12.54
CA LEU H 150 24.57 19.36 11.31
C LEU H 150 24.28 18.15 10.43
N ALA H 151 25.19 17.17 10.45
CA ALA H 151 24.99 15.94 9.72
C ALA H 151 23.84 15.16 10.34
N THR H 152 23.67 15.32 11.65
CA THR H 152 22.55 14.72 12.36
C THR H 152 21.24 15.37 11.95
N ALA H 153 21.25 16.69 11.79
CA ALA H 153 20.06 17.42 11.35
C ALA H 153 19.69 17.05 9.92
N PHE H 154 20.72 16.80 9.11
CA PHE H 154 20.54 16.33 7.74
C PHE H 154 19.97 14.91 7.80
N SER H 155 20.36 14.20 8.87
CA SER H 155 19.95 12.82 9.08
C SER H 155 18.58 12.74 9.71
N ILE H 156 18.03 13.89 10.09
CA ILE H 156 16.63 13.94 10.47
C ILE H 156 15.78 13.72 9.23
N TYR H 157 16.02 14.55 8.23
CA TYR H 157 15.28 14.47 6.98
C TYR H 157 15.60 13.16 6.27
N CYS H 158 16.86 12.77 6.30
CA CYS H 158 17.24 11.51 5.70
C CYS H 158 16.66 10.31 6.45
N GLY H 159 16.59 10.40 7.77
CA GLY H 159 16.08 9.30 8.57
C GLY H 159 14.58 9.13 8.42
N ILE H 160 13.87 10.25 8.32
CA ILE H 160 12.45 10.21 8.08
C ILE H 160 12.19 9.68 6.68
N SER H 161 13.00 10.13 5.73
CA SER H 161 12.84 9.69 4.36
C SER H 161 13.08 8.20 4.24
N ILE H 162 14.03 7.69 5.02
CA ILE H 162 14.35 6.27 4.96
C ILE H 162 13.26 5.43 5.63
N ALA H 163 12.90 5.79 6.85
CA ALA H 163 11.93 5.01 7.59
C ALA H 163 10.57 5.02 6.89
N HIS H 164 10.21 6.15 6.28
CA HIS H 164 8.89 6.26 5.71
C HIS H 164 8.84 5.78 4.26
N SER H 165 9.93 5.94 3.52
CA SER H 165 9.96 5.40 2.16
C SER H 165 10.06 3.88 2.20
N LEU H 166 10.82 3.35 3.15
CA LEU H 166 10.81 1.92 3.36
C LEU H 166 9.45 1.48 3.88
N LEU H 167 8.82 2.34 4.66
CA LEU H 167 7.46 2.08 5.12
C LEU H 167 6.53 1.97 3.92
N TYR H 168 6.86 2.73 2.88
CA TYR H 168 6.07 2.73 1.65
C TYR H 168 6.33 1.46 0.85
N LYS H 169 7.60 1.13 0.65
CA LYS H 169 7.95 -0.03 -0.17
C LYS H 169 7.54 -1.37 0.46
N LYS H 170 7.57 -1.45 1.79
CA LYS H 170 7.16 -2.68 2.44
C LYS H 170 5.68 -2.94 2.22
N VAL H 171 4.87 -1.89 2.38
CA VAL H 171 3.45 -1.99 2.14
C VAL H 171 3.18 -2.32 0.68
N ASN H 172 4.00 -1.75 -0.21
CA ASN H 172 3.87 -2.04 -1.63
C ASN H 172 4.08 -3.51 -1.90
N GLU H 173 5.29 -4.00 -1.64
CA GLU H 173 5.64 -5.38 -1.94
C GLU H 173 4.70 -6.38 -1.28
N ALA H 174 4.48 -6.18 0.03
CA ALA H 174 3.68 -7.14 0.79
C ALA H 174 2.23 -7.16 0.34
N GLN H 175 1.61 -5.99 0.29
CA GLN H 175 0.17 -5.94 0.07
C GLN H 175 -0.13 -6.17 -1.42
N TYR H 176 0.90 -6.02 -2.26
CA TYR H 176 0.79 -6.34 -3.69
C TYR H 176 0.85 -7.85 -3.87
N ARG H 177 1.80 -8.47 -3.19
CA ARG H 177 1.93 -9.92 -3.24
C ARG H 177 0.71 -10.59 -2.63
N SER H 178 0.02 -9.85 -1.76
CA SER H 178 -1.24 -10.34 -1.23
C SER H 178 -2.28 -10.53 -2.33
N HIS H 179 -2.46 -9.54 -3.20
CA HIS H 179 -3.45 -9.71 -4.25
C HIS H 179 -2.88 -10.66 -5.29
N LEU H 180 -1.56 -10.83 -5.30
CA LEU H 180 -0.96 -11.87 -6.13
C LEU H 180 -1.41 -13.24 -5.62
N ALA H 181 -1.62 -13.34 -4.31
CA ALA H 181 -2.17 -14.55 -3.72
C ALA H 181 -3.68 -14.62 -3.88
N ASN H 182 -4.27 -13.48 -4.20
CA ASN H 182 -5.72 -13.40 -4.39
C ASN H 182 -6.15 -14.26 -5.57
N GLU H 183 -5.22 -14.43 -6.51
CA GLU H 183 -5.42 -15.13 -7.78
C GLU H 183 -6.61 -16.08 -7.90
N MET H 184 -6.58 -17.18 -7.15
CA MET H 184 -7.61 -18.21 -7.30
C MET H 184 -9.00 -17.73 -6.93
N MET H 185 -9.09 -16.78 -6.00
CA MET H 185 -10.36 -16.16 -5.66
C MET H 185 -10.19 -14.66 -5.41
N ASP I 1 -42.39 -5.14 23.25
CA ASP I 1 -43.08 -3.98 22.69
C ASP I 1 -42.41 -2.70 23.17
N ILE I 2 -42.85 -1.55 22.64
CA ILE I 2 -42.18 -0.28 22.93
C ILE I 2 -43.17 0.85 23.21
N VAL I 3 -43.47 1.09 24.48
CA VAL I 3 -44.39 2.18 24.88
C VAL I 3 -43.77 3.56 24.63
N MET I 4 -44.60 4.49 24.16
CA MET I 4 -44.17 5.86 23.86
C MET I 4 -44.61 6.83 24.96
N THR I 5 -44.09 6.64 26.17
CA THR I 5 -44.49 7.46 27.31
C THR I 5 -44.09 8.93 27.15
N GLN I 6 -44.97 9.84 27.56
CA GLN I 6 -44.65 11.25 27.63
C GLN I 6 -44.91 11.82 29.03
N SER I 7 -43.83 12.16 29.73
CA SER I 7 -43.94 12.81 31.03
C SER I 7 -44.57 14.19 30.89
N GLN I 8 -44.32 14.83 29.75
CA GLN I 8 -44.90 16.13 29.45
C GLN I 8 -46.41 16.05 29.28
N LYS I 9 -47.13 17.00 29.86
CA LYS I 9 -48.59 17.04 29.77
C LYS I 9 -49.13 18.47 29.64
N PHE I 10 -49.02 19.25 30.70
CA PHE I 10 -49.67 20.56 30.74
C PHE I 10 -48.75 21.68 31.23
N MET I 11 -47.59 21.82 30.61
CA MET I 11 -46.66 22.89 31.01
C MET I 11 -47.23 24.27 30.75
N SER I 12 -46.99 25.19 31.67
CA SER I 12 -47.39 26.58 31.48
C SER I 12 -46.18 27.44 31.13
N THR I 13 -46.00 27.72 29.84
CA THR I 13 -44.87 28.51 29.37
C THR I 13 -45.34 29.60 28.41
N SER I 14 -44.65 30.74 28.44
CA SER I 14 -45.02 31.91 27.64
C SER I 14 -44.82 31.68 26.14
N VAL I 15 -45.63 32.37 25.33
CA VAL I 15 -45.52 32.28 23.89
C VAL I 15 -44.15 32.75 23.41
N GLY I 16 -43.56 32.00 22.47
CA GLY I 16 -42.27 32.33 21.91
C GLY I 16 -41.12 31.69 22.66
N ASP I 17 -41.43 31.12 23.82
CA ASP I 17 -40.42 30.38 24.57
C ASP I 17 -40.15 29.02 23.94
N ARG I 18 -38.91 28.55 24.04
CA ARG I 18 -38.56 27.21 23.61
C ARG I 18 -39.14 26.22 24.62
N VAL I 19 -39.60 25.07 24.15
CA VAL I 19 -40.17 24.09 25.06
C VAL I 19 -39.93 22.67 24.53
N SER I 20 -39.77 21.71 25.44
CA SER I 20 -39.42 20.35 25.05
C SER I 20 -40.49 19.34 25.45
N ILE I 21 -41.04 18.65 24.47
CA ILE I 21 -42.02 17.59 24.73
C ILE I 21 -41.29 16.24 24.77
N THR I 22 -40.92 15.81 25.97
CA THR I 22 -40.16 14.59 26.15
C THR I 22 -40.96 13.33 25.84
N CYS I 23 -40.25 12.32 25.33
CA CYS I 23 -40.81 11.00 25.09
C CYS I 23 -39.66 10.00 25.15
N LYS I 24 -39.97 8.73 25.35
CA LYS I 24 -38.90 7.75 25.49
C LYS I 24 -39.32 6.33 25.09
N ALA I 25 -38.68 5.81 24.04
CA ALA I 25 -38.86 4.43 23.64
C ALA I 25 -38.24 3.48 24.66
N SER I 26 -38.90 2.36 24.91
CA SER I 26 -38.39 1.35 25.83
C SER I 26 -37.35 0.46 25.15
N GLN I 27 -37.28 0.53 23.83
CA GLN I 27 -36.38 -0.30 23.03
C GLN I 27 -35.95 0.46 21.78
N ASN I 28 -34.96 -0.08 21.08
CA ASN I 28 -34.45 0.55 19.86
C ASN I 28 -35.51 0.63 18.77
N VAL I 29 -35.51 1.73 18.03
CA VAL I 29 -36.47 1.93 16.94
C VAL I 29 -35.80 2.43 15.67
N GLY I 30 -34.51 2.72 15.76
CA GLY I 30 -33.80 3.33 14.67
C GLY I 30 -34.23 4.78 14.50
N THR I 31 -34.05 5.33 13.31
CA THR I 31 -34.46 6.70 13.02
C THR I 31 -35.96 6.77 12.79
N ALA I 32 -36.61 5.61 12.69
CA ALA I 32 -38.03 5.55 12.40
C ALA I 32 -38.86 6.08 13.57
N VAL I 33 -39.06 7.41 13.57
CA VAL I 33 -39.77 8.09 14.66
C VAL I 33 -40.78 9.08 14.06
N ALA I 34 -41.94 9.20 14.68
CA ALA I 34 -42.98 10.07 14.15
C ALA I 34 -43.69 10.91 15.20
N TRP I 35 -43.32 12.19 15.30
CA TRP I 35 -44.00 13.14 16.18
C TRP I 35 -45.32 13.65 15.60
N TYR I 36 -46.28 13.96 16.48
CA TYR I 36 -47.62 14.36 16.04
C TYR I 36 -48.26 15.53 16.82
N GLN I 37 -49.05 16.31 16.10
CA GLN I 37 -49.73 17.50 16.63
C GLN I 37 -51.20 17.22 16.99
N GLN I 38 -51.41 16.60 18.15
CA GLN I 38 -52.73 16.18 18.59
C GLN I 38 -53.66 17.30 19.09
N LYS I 39 -54.96 17.13 18.90
CA LYS I 39 -55.94 17.97 19.58
C LYS I 39 -57.08 17.12 20.15
N PRO I 40 -57.58 17.48 21.34
CA PRO I 40 -58.83 16.86 21.78
C PRO I 40 -59.99 17.20 20.85
N GLY I 41 -60.85 16.22 20.57
CA GLY I 41 -62.10 16.48 19.86
C GLY I 41 -61.91 16.93 18.42
N GLN I 42 -60.66 16.90 17.95
CA GLN I 42 -60.28 17.48 16.67
C GLN I 42 -59.03 16.78 16.13
N SER I 43 -58.80 16.90 14.83
CA SER I 43 -57.81 16.06 14.15
C SER I 43 -56.36 16.40 14.51
N PRO I 44 -55.63 15.39 15.01
CA PRO I 44 -54.17 15.43 15.16
C PRO I 44 -53.45 15.56 13.82
N LYS I 45 -52.34 16.29 13.80
CA LYS I 45 -51.48 16.33 12.62
C LYS I 45 -50.15 15.67 12.92
N LEU I 46 -49.45 15.22 11.87
CA LEU I 46 -48.09 14.76 12.03
C LEU I 46 -47.18 15.95 12.33
N MET I 47 -46.08 15.71 13.03
CA MET I 47 -45.07 16.72 13.22
C MET I 47 -43.79 16.32 12.51
N ILE I 48 -43.26 15.16 12.89
CA ILE I 48 -41.96 14.72 12.38
C ILE I 48 -42.05 13.27 11.91
N TYR I 49 -41.28 12.91 10.88
CA TYR I 49 -41.12 11.50 10.54
C TYR I 49 -39.63 11.24 10.30
N SER I 50 -39.23 9.98 10.42
CA SER I 50 -37.83 9.60 10.28
C SER I 50 -36.92 10.42 11.19
N ALA I 51 -37.35 10.56 12.44
CA ALA I 51 -36.61 11.25 13.50
C ALA I 51 -36.46 12.75 13.25
N SER I 52 -36.13 13.14 12.02
CA SER I 52 -35.85 14.53 11.71
C SER I 52 -36.83 15.12 10.70
N ASN I 53 -37.16 14.36 9.66
CA ASN I 53 -37.95 14.89 8.55
C ASN I 53 -39.33 15.35 9.02
N ARG I 54 -39.74 16.53 8.55
CA ARG I 54 -40.93 17.21 9.06
C ARG I 54 -42.19 16.93 8.23
N TYR I 55 -43.34 16.98 8.91
CA TYR I 55 -44.65 16.82 8.28
C TYR I 55 -44.99 17.90 7.27
N THR I 56 -45.72 17.52 6.23
CA THR I 56 -46.12 18.44 5.19
C THR I 56 -47.26 19.36 5.65
N GLY I 57 -47.00 20.66 5.66
CA GLY I 57 -48.00 21.63 6.04
C GLY I 57 -47.90 22.17 7.45
N VAL I 58 -47.16 21.48 8.31
CA VAL I 58 -46.84 22.03 9.64
C VAL I 58 -45.71 23.05 9.49
N PRO I 59 -45.75 24.13 10.28
CA PRO I 59 -44.69 25.14 10.25
C PRO I 59 -43.33 24.60 10.65
N ASP I 60 -42.28 25.15 10.04
CA ASP I 60 -40.92 24.68 10.28
C ASP I 60 -40.33 25.21 11.58
N ARG I 61 -41.02 26.15 12.21
CA ARG I 61 -40.52 26.76 13.44
C ARG I 61 -40.35 25.72 14.54
N PHE I 62 -41.14 24.65 14.47
CA PHE I 62 -41.03 23.53 15.39
C PHE I 62 -39.74 22.77 15.18
N THR I 63 -39.22 22.17 16.24
CA THR I 63 -38.18 21.16 16.09
C THR I 63 -38.63 19.87 16.75
N GLY I 64 -38.24 18.74 16.18
CA GLY I 64 -38.66 17.45 16.71
C GLY I 64 -37.69 16.34 16.36
N SER I 65 -37.05 15.79 17.38
CA SER I 65 -36.03 14.77 17.14
C SER I 65 -35.96 13.75 18.27
N GLY I 66 -34.77 13.15 18.40
CA GLY I 66 -34.58 12.03 19.30
C GLY I 66 -34.62 10.76 18.47
N SER I 67 -33.93 9.72 18.93
CA SER I 67 -33.82 8.50 18.14
C SER I 67 -33.47 7.29 19.01
N GLY I 68 -33.76 6.10 18.48
CA GLY I 68 -33.48 4.87 19.21
C GLY I 68 -34.37 4.74 20.43
N THR I 69 -34.04 5.48 21.48
CA THR I 69 -34.82 5.46 22.71
C THR I 69 -35.29 6.86 23.10
N ASP I 70 -34.36 7.71 23.52
CA ASP I 70 -34.71 9.05 23.97
C ASP I 70 -35.26 9.89 22.83
N PHE I 71 -36.35 10.60 23.12
CA PHE I 71 -37.12 11.35 22.13
C PHE I 71 -37.50 12.72 22.69
N THR I 72 -37.53 13.74 21.85
CA THR I 72 -38.00 15.05 22.28
C THR I 72 -38.51 15.92 21.13
N LEU I 73 -39.76 16.35 21.26
CA LEU I 73 -40.34 17.33 20.35
C LEU I 73 -40.14 18.73 20.89
N THR I 74 -39.02 19.34 20.55
CA THR I 74 -38.71 20.67 21.04
C THR I 74 -39.37 21.73 20.17
N ILE I 75 -40.58 22.13 20.55
CA ILE I 75 -41.25 23.23 19.88
C ILE I 75 -40.48 24.54 20.12
N SER I 76 -40.31 25.29 19.04
CA SER I 76 -39.65 26.59 19.08
C SER I 76 -40.52 27.60 18.34
N ASN I 77 -40.37 28.88 18.71
CA ASN I 77 -41.25 29.93 18.20
C ASN I 77 -42.71 29.56 18.50
N MET I 78 -42.92 29.02 19.70
CA MET I 78 -44.20 28.43 20.08
C MET I 78 -45.33 29.44 20.00
N GLN I 79 -46.50 28.99 19.57
CA GLN I 79 -47.65 29.86 19.41
C GLN I 79 -48.82 29.34 20.24
N SER I 80 -49.90 30.11 20.30
CA SER I 80 -51.10 29.67 21.00
C SER I 80 -51.72 28.45 20.33
N GLU I 81 -51.55 28.33 19.01
CA GLU I 81 -52.00 27.14 18.30
C GLU I 81 -51.13 25.96 18.68
N ASP I 82 -49.93 26.26 19.14
CA ASP I 82 -48.98 25.23 19.55
C ASP I 82 -49.34 24.76 20.95
N LEU I 83 -50.27 25.47 21.57
CA LEU I 83 -50.69 25.16 22.93
C LEU I 83 -51.79 24.09 22.93
N ALA I 84 -51.53 22.99 22.25
CA ALA I 84 -52.46 21.87 22.16
C ALA I 84 -51.70 20.56 22.37
N ASP I 85 -52.39 19.43 22.24
CA ASP I 85 -51.76 18.14 22.50
C ASP I 85 -50.68 17.80 21.48
N TYR I 86 -49.73 16.97 21.88
CA TYR I 86 -48.73 16.40 20.98
C TYR I 86 -48.40 14.99 21.43
N PHE I 87 -48.18 14.07 20.50
CA PHE I 87 -47.79 12.73 20.92
C PHE I 87 -46.76 12.11 19.99
N CYS I 88 -45.80 11.43 20.62
CA CYS I 88 -44.80 10.65 19.92
C CYS I 88 -45.38 9.33 19.43
N GLN I 89 -44.84 8.83 18.33
CA GLN I 89 -45.23 7.52 17.80
C GLN I 89 -44.02 6.82 17.21
N GLN I 90 -43.97 5.50 17.37
CA GLN I 90 -43.10 4.71 16.52
C GLN I 90 -43.92 4.15 15.39
N TYR I 91 -43.39 4.27 14.17
CA TYR I 91 -43.89 3.49 13.05
C TYR I 91 -42.86 2.41 12.80
N SER I 92 -41.84 2.40 13.67
CA SER I 92 -40.72 1.48 13.58
C SER I 92 -41.04 0.01 13.84
N SER I 93 -42.00 -0.27 14.72
CA SER I 93 -42.23 -1.65 15.12
C SER I 93 -43.64 -1.93 15.66
N TYR I 94 -44.18 -3.08 15.27
CA TYR I 94 -45.49 -3.53 15.73
C TYR I 94 -45.44 -4.10 17.16
N PRO I 95 -46.52 -3.90 17.94
CA PRO I 95 -47.57 -2.92 17.69
C PRO I 95 -47.04 -1.49 17.78
N LEU I 96 -47.58 -0.58 16.98
CA LEU I 96 -47.19 0.82 17.07
C LEU I 96 -47.77 1.40 18.36
N THR I 97 -47.00 2.26 19.02
CA THR I 97 -47.46 2.86 20.28
C THR I 97 -47.35 4.38 20.23
N PHE I 98 -47.97 5.05 21.21
CA PHE I 98 -48.30 6.47 21.08
C PHE I 98 -48.06 7.27 22.36
N GLY I 99 -47.85 8.57 22.19
CA GLY I 99 -47.56 9.43 23.31
C GLY I 99 -48.76 9.66 24.21
N ALA I 100 -48.51 10.06 25.45
CA ALA I 100 -49.56 10.32 26.42
C ALA I 100 -50.33 11.57 26.05
N GLY I 101 -49.75 12.37 25.16
CA GLY I 101 -50.31 13.65 24.80
C GLY I 101 -49.70 14.71 25.68
N THR I 102 -49.73 15.96 25.22
CA THR I 102 -49.16 17.06 25.99
C THR I 102 -49.81 18.38 25.60
N LYS I 103 -50.75 18.85 26.42
CA LYS I 103 -51.49 20.06 26.11
C LYS I 103 -50.76 21.28 26.66
N LEU I 104 -49.99 21.94 25.80
CA LEU I 104 -49.15 23.07 26.19
C LEU I 104 -49.99 24.25 26.63
N GLU I 105 -49.48 25.02 27.59
CA GLU I 105 -50.26 26.13 28.16
C GLU I 105 -49.44 27.42 28.20
N LEU I 106 -50.08 28.53 27.83
CA LEU I 106 -49.44 29.83 27.95
C LEU I 106 -49.28 30.22 29.42
N LYS I 107 -48.11 30.76 29.75
CA LYS I 107 -47.80 31.20 31.09
C LYS I 107 -48.51 32.52 31.40
N ARG I 108 -48.81 32.73 32.68
CA ARG I 108 -49.46 33.97 33.11
C ARG I 108 -49.19 34.20 34.59
N ALA I 109 -49.45 35.42 35.07
CA ALA I 109 -49.24 35.75 36.47
C ALA I 109 -50.24 35.03 37.36
N ASP I 110 -49.83 34.71 38.58
CA ASP I 110 -50.71 34.08 39.54
C ASP I 110 -51.90 35.00 39.85
N ALA I 111 -53.10 34.42 39.86
CA ALA I 111 -54.31 35.19 40.10
C ALA I 111 -55.25 34.43 41.02
N ALA I 112 -55.69 35.10 42.08
CA ALA I 112 -56.55 34.45 43.06
C ALA I 112 -57.92 34.16 42.49
N PRO I 113 -58.35 32.89 42.54
CA PRO I 113 -59.69 32.48 42.14
C PRO I 113 -60.77 33.10 43.02
N THR I 114 -61.93 33.40 42.43
CA THR I 114 -63.06 33.89 43.21
C THR I 114 -63.76 32.69 43.83
N VAL I 115 -63.33 32.36 45.04
CA VAL I 115 -63.91 31.28 45.85
C VAL I 115 -65.25 31.68 46.43
N SER I 116 -66.17 30.72 46.57
CA SER I 116 -67.41 30.93 47.33
C SER I 116 -68.18 29.64 47.57
N ILE I 117 -68.11 29.14 48.80
CA ILE I 117 -68.95 28.02 49.22
C ILE I 117 -70.41 28.44 49.36
N PHE I 118 -71.32 27.57 48.90
CA PHE I 118 -72.76 27.83 49.03
C PHE I 118 -73.45 26.60 49.64
N PRO I 119 -74.49 26.86 50.45
CA PRO I 119 -75.42 25.88 51.01
C PRO I 119 -76.25 25.16 49.95
N PRO I 120 -76.57 23.89 50.19
CA PRO I 120 -77.71 23.31 49.48
C PRO I 120 -78.98 24.05 49.86
N SER I 121 -79.92 24.21 48.93
CA SER I 121 -81.17 24.89 49.22
C SER I 121 -82.08 24.00 50.06
N SER I 122 -82.99 24.61 50.82
CA SER I 122 -83.99 23.84 51.53
C SER I 122 -84.87 23.10 50.54
N GLU I 123 -85.05 23.70 49.37
CA GLU I 123 -85.77 23.05 48.28
C GLU I 123 -85.02 21.80 47.84
N GLN I 124 -83.69 21.87 47.90
CA GLN I 124 -82.84 20.70 47.71
C GLN I 124 -82.98 19.72 48.87
N LEU I 125 -83.20 20.25 50.07
CA LEU I 125 -83.35 19.42 51.26
C LEU I 125 -84.64 18.60 51.19
N THR I 126 -85.61 19.10 50.44
CA THR I 126 -86.86 18.37 50.21
C THR I 126 -86.60 17.08 49.43
N SER I 127 -85.55 17.10 48.60
CA SER I 127 -85.18 15.94 47.79
C SER I 127 -84.60 14.82 48.64
N GLY I 128 -84.19 15.15 49.85
CA GLY I 128 -83.57 14.19 50.74
C GLY I 128 -82.07 14.09 50.51
N GLY I 129 -81.55 14.88 49.58
CA GLY I 129 -80.12 14.92 49.32
C GLY I 129 -79.57 16.33 49.40
N ALA I 130 -78.25 16.45 49.59
CA ALA I 130 -77.64 17.77 49.71
C ALA I 130 -76.16 17.76 49.31
N SER I 131 -75.86 18.45 48.21
CA SER I 131 -74.48 18.64 47.78
C SER I 131 -74.01 20.04 48.14
N VAL I 132 -73.24 20.17 49.21
CA VAL I 132 -72.68 21.47 49.59
C VAL I 132 -71.72 21.88 48.48
N VAL I 133 -71.72 23.14 48.08
CA VAL I 133 -70.96 23.48 46.88
C VAL I 133 -69.92 24.56 47.19
N CYS I 134 -68.99 24.77 46.27
CA CYS I 134 -68.09 25.91 46.32
C CYS I 134 -67.64 26.22 44.90
N PHE I 135 -67.49 27.50 44.58
CA PHE I 135 -67.10 27.88 43.23
C PHE I 135 -65.83 28.70 43.22
N LEU I 136 -64.83 28.26 42.47
CA LEU I 136 -63.56 28.96 42.43
C LEU I 136 -63.36 29.50 41.02
N ASN I 137 -63.26 30.81 40.89
CA ASN I 137 -63.33 31.43 39.57
C ASN I 137 -62.02 32.04 39.07
N ASN I 138 -61.46 31.43 38.03
CA ASN I 138 -60.32 31.97 37.30
C ASN I 138 -59.03 32.11 38.11
N PHE I 139 -58.06 31.24 37.82
CA PHE I 139 -56.82 31.16 38.58
C PHE I 139 -55.67 30.54 37.76
N TYR I 140 -54.43 30.85 38.15
CA TYR I 140 -53.25 30.18 37.59
C TYR I 140 -52.30 29.78 38.70
N PRO I 141 -51.70 28.58 38.59
CA PRO I 141 -51.90 27.59 37.53
C PRO I 141 -53.00 26.58 37.85
N LYS I 142 -52.90 25.40 37.25
CA LYS I 142 -53.87 24.33 37.43
C LYS I 142 -53.47 23.44 38.60
N ASP I 143 -52.48 23.88 39.37
CA ASP I 143 -51.99 23.13 40.53
C ASP I 143 -52.76 23.51 41.78
N ILE I 144 -54.00 23.96 41.57
CA ILE I 144 -54.86 24.44 42.64
C ILE I 144 -55.16 23.37 43.69
N ASN I 145 -55.21 23.78 44.96
CA ASN I 145 -55.57 22.86 46.02
C ASN I 145 -56.83 23.32 46.77
N VAL I 146 -57.97 22.80 46.35
CA VAL I 146 -59.24 23.03 47.02
C VAL I 146 -59.24 22.37 48.39
N LYS I 147 -59.87 23.02 49.36
CA LYS I 147 -59.84 22.53 50.73
C LYS I 147 -61.20 22.66 51.43
N TRP I 148 -61.97 21.58 51.38
CA TRP I 148 -63.28 21.51 52.03
C TRP I 148 -63.21 21.39 53.55
N LYS I 149 -64.25 21.87 54.22
CA LYS I 149 -64.38 21.72 55.67
C LYS I 149 -65.83 21.51 56.12
N ILE I 150 -66.22 20.25 56.25
CA ILE I 150 -67.45 19.92 56.95
C ILE I 150 -67.18 20.01 58.45
N ASP I 151 -67.89 20.91 59.12
CA ASP I 151 -67.68 21.20 60.53
C ASP I 151 -66.21 21.52 60.79
N GLY I 152 -65.57 22.11 59.80
CA GLY I 152 -64.15 22.45 59.87
C GLY I 152 -63.25 21.29 59.48
N SER I 153 -63.84 20.14 59.16
CA SER I 153 -63.06 18.94 58.85
C SER I 153 -62.90 18.71 57.35
N GLU I 154 -61.68 18.33 56.94
CA GLU I 154 -61.36 18.10 55.53
C GLU I 154 -62.13 16.92 54.96
N ARG I 155 -62.52 17.04 53.69
CA ARG I 155 -63.27 16.00 53.00
C ARG I 155 -62.69 15.70 51.63
N GLN I 156 -62.08 14.53 51.48
CA GLN I 156 -61.55 14.12 50.18
C GLN I 156 -62.45 13.06 49.53
N ASN I 157 -63.40 12.55 50.31
CA ASN I 157 -64.39 11.61 49.77
C ASN I 157 -65.81 12.14 49.95
N GLY I 158 -66.65 11.90 48.94
CA GLY I 158 -67.99 12.45 48.93
C GLY I 158 -67.98 13.77 48.20
N VAL I 159 -66.80 14.37 48.09
CA VAL I 159 -66.59 15.54 47.26
C VAL I 159 -66.48 15.15 45.80
N LEU I 160 -66.84 16.08 44.92
CA LEU I 160 -66.64 15.90 43.49
C LEU I 160 -66.15 17.21 42.90
N ASN I 161 -65.81 17.20 41.61
CA ASN I 161 -65.27 18.39 40.96
C ASN I 161 -65.91 18.65 39.61
N SER I 162 -65.92 19.92 39.22
CA SER I 162 -66.46 20.32 37.92
C SER I 162 -65.69 21.56 37.46
N ALA I 163 -64.76 21.40 36.53
CA ALA I 163 -63.82 22.47 36.25
C ALA I 163 -63.44 22.62 34.77
N THR I 164 -63.40 23.87 34.32
CA THR I 164 -62.85 24.19 33.01
C THR I 164 -61.33 24.15 33.06
N ASP I 165 -60.70 23.86 31.93
CA ASP I 165 -59.24 23.81 31.88
C ASP I 165 -58.65 24.95 31.06
N GLN I 166 -57.74 24.60 30.15
CA GLN I 166 -56.96 25.57 29.38
C GLN I 166 -57.76 26.46 28.43
N ASP I 167 -57.45 27.75 28.44
CA ASP I 167 -57.85 28.65 27.36
C ASP I 167 -56.76 28.63 26.29
N SER I 168 -57.16 28.73 25.03
CA SER I 168 -56.20 28.61 23.93
C SER I 168 -55.16 29.73 23.96
N LYS I 169 -55.54 30.86 24.53
CA LYS I 169 -54.62 31.98 24.68
C LYS I 169 -53.97 31.94 26.07
N ASP I 170 -54.43 32.80 26.97
CA ASP I 170 -53.80 33.00 28.27
C ASP I 170 -53.88 31.77 29.17
N SER I 171 -54.81 30.88 28.85
CA SER I 171 -55.01 29.65 29.63
C SER I 171 -55.40 29.94 31.08
N THR I 172 -56.45 30.74 31.27
CA THR I 172 -57.04 30.90 32.59
C THR I 172 -57.69 29.60 33.02
N TYR I 173 -57.64 29.31 34.31
CA TYR I 173 -58.15 28.05 34.84
C TYR I 173 -59.27 28.33 35.83
N SER I 174 -60.38 27.61 35.73
CA SER I 174 -61.49 27.79 36.66
C SER I 174 -61.94 26.44 37.22
N MET I 175 -62.45 26.45 38.44
CA MET I 175 -62.80 25.18 39.09
C MET I 175 -63.94 25.30 40.11
N SER I 176 -65.10 24.80 39.75
CA SER I 176 -66.14 24.53 40.73
C SER I 176 -65.88 23.19 41.41
N SER I 177 -66.32 23.08 42.66
CA SER I 177 -66.18 21.85 43.42
C SER I 177 -67.44 21.63 44.24
N THR I 178 -67.76 20.37 44.51
CA THR I 178 -68.97 20.05 45.25
C THR I 178 -68.74 18.95 46.29
N LEU I 179 -69.83 18.61 46.97
CA LEU I 179 -69.77 17.77 48.15
C LEU I 179 -71.12 17.07 48.33
N THR I 180 -71.31 15.98 47.58
CA THR I 180 -72.54 15.20 47.69
C THR I 180 -72.64 14.59 49.08
N LEU I 181 -73.83 14.69 49.67
CA LEU I 181 -74.06 14.23 51.04
C LEU I 181 -75.52 13.83 51.19
N THR I 182 -75.77 12.83 52.04
CA THR I 182 -77.13 12.51 52.43
C THR I 182 -77.66 13.62 53.32
N LYS I 183 -78.97 13.79 53.39
CA LYS I 183 -79.55 14.90 54.12
C LYS I 183 -79.16 14.85 55.60
N ASP I 184 -78.93 13.64 56.11
CA ASP I 184 -78.33 13.49 57.43
C ASP I 184 -76.89 13.99 57.42
N GLU I 185 -76.16 13.65 56.36
CA GLU I 185 -74.73 13.94 56.29
C GLU I 185 -74.52 15.42 56.02
N TYR I 186 -75.60 16.10 55.67
CA TYR I 186 -75.58 17.56 55.60
C TYR I 186 -76.06 18.18 56.91
N GLU I 187 -77.33 17.98 57.23
CA GLU I 187 -77.99 18.67 58.34
C GLU I 187 -77.40 18.36 59.72
N ARG I 188 -76.92 17.14 59.92
CA ARG I 188 -76.32 16.81 61.20
C ARG I 188 -75.07 17.67 61.41
N HIS I 189 -74.37 17.94 60.32
CA HIS I 189 -73.26 18.88 60.33
C HIS I 189 -73.76 20.32 60.24
N ASN I 190 -72.99 21.26 60.76
CA ASN I 190 -73.40 22.67 60.75
C ASN I 190 -72.42 23.59 60.03
N SER I 191 -71.19 23.66 60.51
CA SER I 191 -70.19 24.51 59.88
C SER I 191 -69.78 23.98 58.51
N TYR I 192 -69.59 24.89 57.56
CA TYR I 192 -69.06 24.53 56.24
C TYR I 192 -68.11 25.63 55.74
N THR I 193 -66.86 25.24 55.50
CA THR I 193 -65.83 26.20 55.11
C THR I 193 -65.07 25.79 53.87
N CYS I 194 -65.13 26.63 52.84
CA CYS I 194 -64.34 26.43 51.63
C CYS I 194 -63.05 27.25 51.71
N GLU I 195 -61.99 26.59 52.15
CA GLU I 195 -60.63 27.12 52.00
C GLU I 195 -60.08 26.64 50.67
N ALA I 196 -59.03 27.30 50.19
CA ALA I 196 -58.41 26.89 48.93
C ALA I 196 -56.97 27.37 48.87
N THR I 197 -56.04 26.50 49.27
CA THR I 197 -54.63 26.86 49.16
C THR I 197 -54.16 26.74 47.72
N HIS I 198 -53.23 27.61 47.36
CA HIS I 198 -52.83 27.81 45.99
C HIS I 198 -51.50 28.58 46.02
N LYS I 199 -50.77 28.63 44.91
CA LYS I 199 -49.52 29.38 44.94
C LYS I 199 -49.75 30.88 44.73
N THR I 200 -50.98 31.28 44.39
CA THR I 200 -51.31 32.70 44.25
C THR I 200 -51.15 33.44 45.58
N SER I 201 -51.40 32.74 46.68
CA SER I 201 -51.13 33.26 48.01
C SER I 201 -50.94 32.08 48.96
N THR I 202 -49.95 32.19 49.84
CA THR I 202 -49.59 31.07 50.71
C THR I 202 -50.74 30.69 51.65
N SER I 203 -51.49 31.70 52.08
CA SER I 203 -52.71 31.48 52.84
C SER I 203 -53.85 31.11 51.91
N PRO I 204 -54.56 30.01 52.21
CA PRO I 204 -55.67 29.59 51.36
C PRO I 204 -56.77 30.63 51.32
N ILE I 205 -57.40 30.82 50.16
CA ILE I 205 -58.54 31.74 50.09
C ILE I 205 -59.69 31.16 50.88
N VAL I 206 -60.37 31.98 51.68
CA VAL I 206 -61.36 31.47 52.61
C VAL I 206 -62.74 32.09 52.43
N LYS I 207 -63.72 31.25 52.13
CA LYS I 207 -65.12 31.67 52.16
C LYS I 207 -65.89 30.63 52.97
N SER I 208 -66.82 31.05 53.82
CA SER I 208 -67.44 30.09 54.73
C SER I 208 -68.79 30.52 55.28
N PHE I 209 -69.55 29.53 55.75
CA PHE I 209 -70.83 29.76 56.41
C PHE I 209 -71.15 28.61 57.35
N ASN I 210 -71.77 28.92 58.48
CA ASN I 210 -72.42 27.90 59.29
C ASN I 210 -73.77 27.55 58.68
N ARG I 211 -74.28 26.35 58.96
CA ARG I 211 -75.57 25.92 58.42
C ARG I 211 -76.68 26.84 58.94
N ASN I 212 -76.45 27.44 60.10
CA ASN I 212 -77.39 28.42 60.65
C ASN I 212 -77.47 29.70 59.83
N GLU I 213 -76.40 30.01 59.09
CA GLU I 213 -76.34 31.23 58.28
C GLU I 213 -77.40 31.24 57.18
N CYS I 214 -77.78 30.05 56.71
CA CYS I 214 -78.80 29.94 55.68
C CYS I 214 -80.14 29.52 56.26
N GLU J 1 -55.89 20.65 3.50
CA GLU J 1 -54.87 19.74 4.00
C GLU J 1 -55.36 18.29 4.02
N VAL J 2 -54.45 17.38 3.70
CA VAL J 2 -54.70 15.95 3.73
C VAL J 2 -55.14 15.52 5.13
N GLN J 3 -56.17 14.67 5.23
CA GLN J 3 -56.78 14.42 6.52
C GLN J 3 -57.65 13.15 6.60
N LEU J 4 -57.68 12.53 7.77
CA LEU J 4 -58.65 11.47 8.06
C LEU J 4 -59.88 12.07 8.74
N GLN J 5 -60.98 11.32 8.77
CA GLN J 5 -62.19 11.83 9.41
C GLN J 5 -62.97 10.69 10.08
N GLN J 6 -63.72 11.04 11.12
CA GLN J 6 -64.42 10.07 11.95
C GLN J 6 -65.75 10.65 12.44
N SER J 7 -66.60 9.78 12.97
CA SER J 7 -67.87 10.23 13.52
C SER J 7 -67.62 11.13 14.73
N GLY J 8 -68.52 12.09 14.95
CA GLY J 8 -68.35 13.04 16.03
C GLY J 8 -68.81 12.45 17.35
N ALA J 9 -68.94 13.31 18.36
CA ALA J 9 -69.31 12.85 19.70
C ALA J 9 -70.65 12.14 19.69
N GLU J 10 -70.73 11.01 20.38
CA GLU J 10 -71.94 10.20 20.39
C GLU J 10 -72.20 9.66 21.79
N VAL J 11 -73.46 9.38 22.11
CA VAL J 11 -73.81 8.89 23.43
C VAL J 11 -74.65 7.61 23.34
N VAL J 12 -73.98 6.49 23.13
CA VAL J 12 -74.64 5.18 23.10
C VAL J 12 -74.98 4.65 24.49
N ARG J 13 -76.04 3.84 24.55
CA ARG J 13 -76.45 3.17 25.79
C ARG J 13 -75.48 2.03 26.12
N SER J 14 -75.39 1.68 27.39
CA SER J 14 -74.54 0.57 27.82
C SER J 14 -74.97 -0.75 27.19
N GLY J 15 -73.99 -1.54 26.77
CA GLY J 15 -74.25 -2.84 26.19
C GLY J 15 -74.58 -2.74 24.72
N ALA J 16 -74.60 -1.51 24.22
CA ALA J 16 -74.88 -1.27 22.81
C ALA J 16 -73.59 -1.02 22.04
N SER J 17 -73.37 -1.82 21.00
CA SER J 17 -72.21 -1.67 20.15
C SER J 17 -72.25 -0.34 19.38
N VAL J 18 -71.10 0.29 19.22
CA VAL J 18 -71.00 1.53 18.46
C VAL J 18 -70.06 1.36 17.26
N LYS J 19 -70.60 1.61 16.07
CA LYS J 19 -69.87 1.36 14.83
C LYS J 19 -69.01 2.56 14.43
N LEU J 20 -67.74 2.51 14.81
CA LEU J 20 -66.77 3.56 14.53
C LEU J 20 -66.32 3.55 13.07
N SER J 21 -65.77 4.67 12.62
CA SER J 21 -65.25 4.74 11.26
C SER J 21 -63.86 5.38 11.21
N CYS J 22 -63.12 5.09 10.15
CA CYS J 22 -61.80 5.66 9.92
C CYS J 22 -61.66 6.01 8.44
N THR J 23 -62.19 7.18 8.07
CA THR J 23 -62.21 7.59 6.67
C THR J 23 -60.97 8.38 6.28
N ALA J 24 -59.96 7.69 5.79
CA ALA J 24 -58.75 8.34 5.30
C ALA J 24 -59.05 9.18 4.06
N SER J 25 -58.41 10.34 3.97
CA SER J 25 -58.58 11.18 2.79
C SER J 25 -57.34 12.05 2.55
N GLY J 26 -57.15 12.44 1.29
CA GLY J 26 -55.97 13.17 0.88
C GLY J 26 -54.83 12.24 0.52
N PHE J 27 -55.06 10.94 0.67
CA PHE J 27 -54.09 9.93 0.23
C PHE J 27 -54.75 8.56 0.11
N ASN J 28 -54.34 7.77 -0.89
CA ASN J 28 -54.73 6.38 -0.95
C ASN J 28 -54.08 5.59 0.16
N ILE J 29 -54.83 4.71 0.81
CA ILE J 29 -54.22 3.82 1.79
C ILE J 29 -53.94 2.50 1.08
N LYS J 30 -54.09 2.54 -0.24
CA LYS J 30 -53.94 1.37 -1.09
C LYS J 30 -52.53 0.80 -0.97
N ASP J 31 -51.57 1.67 -0.65
CA ASP J 31 -50.22 1.23 -0.33
C ASP J 31 -49.87 1.45 1.14
N TYR J 32 -50.87 1.72 1.96
CA TYR J 32 -50.59 2.04 3.36
C TYR J 32 -51.20 1.11 4.41
N TYR J 33 -50.41 0.87 5.46
CA TYR J 33 -50.89 0.27 6.69
C TYR J 33 -51.83 1.27 7.35
N ILE J 34 -52.90 0.78 7.98
CA ILE J 34 -53.79 1.61 8.80
C ILE J 34 -53.75 1.13 10.24
N HIS J 35 -53.78 2.07 11.19
CA HIS J 35 -53.58 1.71 12.58
C HIS J 35 -54.61 2.36 13.51
N TRP J 36 -55.66 1.63 13.87
CA TRP J 36 -56.60 2.09 14.90
C TRP J 36 -56.02 2.15 16.30
N VAL J 37 -56.45 3.19 17.03
CA VAL J 37 -56.03 3.45 18.41
C VAL J 37 -57.14 4.14 19.20
N LYS J 38 -56.93 4.21 20.51
CA LYS J 38 -57.93 4.74 21.43
C LYS J 38 -57.33 5.78 22.37
N GLN J 39 -58.06 6.87 22.62
CA GLN J 39 -57.65 7.79 23.67
C GLN J 39 -58.62 7.85 24.82
N ARG J 40 -58.32 7.12 25.89
CA ARG J 40 -58.87 7.44 27.18
C ARG J 40 -58.25 8.78 27.56
N PRO J 41 -59.05 9.70 28.12
CA PRO J 41 -58.71 11.12 27.99
C PRO J 41 -57.36 11.51 28.58
N GLU J 42 -56.66 12.41 27.87
CA GLU J 42 -55.35 12.91 28.24
C GLU J 42 -54.35 11.80 28.57
N LYS J 43 -54.33 10.76 27.77
CA LYS J 43 -53.39 9.65 27.96
C LYS J 43 -52.88 9.13 26.63
N GLY J 44 -52.09 8.06 26.70
CA GLY J 44 -51.52 7.44 25.51
C GLY J 44 -52.60 6.94 24.57
N LEU J 45 -52.40 7.18 23.27
CA LEU J 45 -53.35 6.71 22.28
C LEU J 45 -53.21 5.20 22.19
N GLU J 46 -53.80 4.49 23.15
CA GLU J 46 -53.67 3.05 23.25
C GLU J 46 -54.20 2.35 22.01
N TRP J 47 -53.42 1.39 21.55
CA TRP J 47 -53.57 0.77 20.24
C TRP J 47 -54.76 -0.21 20.19
N ILE J 48 -55.41 -0.28 19.04
CA ILE J 48 -56.59 -1.14 18.85
C ILE J 48 -56.30 -2.29 17.90
N GLY J 49 -55.50 -2.01 16.89
CA GLY J 49 -55.18 -3.01 15.90
C GLY J 49 -54.83 -2.34 14.59
N TRP J 50 -54.49 -3.13 13.58
CA TRP J 50 -54.07 -2.55 12.32
C TRP J 50 -54.48 -3.43 11.15
N ILE J 51 -54.34 -2.89 9.94
CA ILE J 51 -54.65 -3.65 8.74
C ILE J 51 -53.74 -3.18 7.61
N ASP J 52 -53.52 -4.03 6.63
CA ASP J 52 -52.56 -3.78 5.57
C ASP J 52 -53.30 -3.78 4.23
N GLU J 53 -52.52 -3.75 3.15
CA GLU J 53 -53.00 -3.88 1.79
C GLU J 53 -53.50 -5.31 1.57
N ILE J 54 -53.14 -6.18 2.51
CA ILE J 54 -53.60 -7.56 2.53
C ILE J 54 -55.11 -7.66 2.66
N GLY J 55 -55.72 -6.64 3.25
CA GLY J 55 -57.18 -6.59 3.37
C GLY J 55 -57.67 -7.37 4.57
N ASP J 56 -56.76 -7.99 5.29
CA ASP J 56 -57.12 -8.80 6.45
C ASP J 56 -56.96 -8.02 7.76
N THR J 57 -58.00 -8.05 8.58
CA THR J 57 -58.03 -7.32 9.84
C THR J 57 -57.06 -7.88 10.87
N GLU J 58 -56.52 -7.02 11.72
CA GLU J 58 -55.71 -7.48 12.83
C GLU J 58 -55.99 -6.63 14.07
N TYR J 59 -55.98 -7.27 15.23
CA TYR J 59 -56.47 -6.65 16.46
C TYR J 59 -55.44 -6.68 17.58
N VAL J 60 -55.56 -5.72 18.50
CA VAL J 60 -54.89 -5.83 19.79
C VAL J 60 -55.71 -6.85 20.58
N PRO J 61 -55.09 -7.57 21.52
CA PRO J 61 -55.88 -8.48 22.35
C PRO J 61 -56.99 -7.78 23.13
N LYS J 62 -56.77 -6.53 23.50
CA LYS J 62 -57.78 -5.75 24.23
C LYS J 62 -59.06 -5.57 23.43
N PHE J 63 -58.93 -5.44 22.11
CA PHE J 63 -60.08 -5.29 21.23
C PHE J 63 -60.37 -6.55 20.43
N GLN J 64 -59.45 -7.51 20.43
CA GLN J 64 -59.73 -8.81 19.85
C GLN J 64 -60.80 -9.50 20.68
N GLY J 65 -61.78 -10.10 20.00
CA GLY J 65 -62.87 -10.77 20.68
C GLY J 65 -63.91 -9.76 21.14
N LYS J 66 -63.67 -8.50 20.80
CA LYS J 66 -64.52 -7.40 21.24
C LYS J 66 -64.82 -6.48 20.07
N ALA J 67 -63.78 -5.83 19.55
CA ALA J 67 -63.90 -4.96 18.40
C ALA J 67 -64.08 -5.78 17.12
N THR J 68 -64.73 -5.18 16.13
CA THR J 68 -64.93 -5.83 14.85
C THR J 68 -64.56 -4.89 13.71
N MET J 69 -63.30 -4.95 13.29
CA MET J 69 -62.84 -4.15 12.16
C MET J 69 -63.36 -4.66 10.82
N THR J 70 -63.57 -3.72 9.92
CA THR J 70 -63.79 -4.01 8.51
C THR J 70 -63.08 -2.89 7.76
N ALA J 71 -62.48 -3.17 6.61
CA ALA J 71 -61.72 -2.13 5.93
C ALA J 71 -61.50 -2.38 4.44
N ASP J 72 -61.20 -1.30 3.73
CA ASP J 72 -60.83 -1.39 2.32
C ASP J 72 -59.79 -0.32 1.95
N THR J 73 -58.82 -0.74 1.14
CA THR J 73 -57.68 0.09 0.78
C THR J 73 -58.02 1.12 -0.29
N SER J 74 -58.69 0.70 -1.35
CA SER J 74 -59.04 1.61 -2.44
C SER J 74 -60.00 2.68 -1.98
N SER J 75 -60.87 2.34 -1.05
CA SER J 75 -61.83 3.28 -0.49
C SER J 75 -61.25 4.08 0.67
N ASN J 76 -60.04 3.70 1.10
CA ASN J 76 -59.35 4.38 2.19
C ASN J 76 -60.20 4.42 3.46
N THR J 77 -60.82 3.29 3.83
CA THR J 77 -61.75 3.32 4.95
C THR J 77 -61.54 2.14 5.90
N ALA J 78 -61.70 2.39 7.20
CA ALA J 78 -61.68 1.30 8.18
C ALA J 78 -62.73 1.51 9.27
N TYR J 79 -63.86 0.84 9.13
CA TYR J 79 -64.84 0.75 10.21
C TYR J 79 -64.31 -0.08 11.39
N LEU J 80 -64.67 0.36 12.59
CA LEU J 80 -64.34 -0.36 13.83
C LEU J 80 -65.59 -0.54 14.69
N GLN J 81 -66.28 -1.66 14.53
CA GLN J 81 -67.42 -1.94 15.39
C GLN J 81 -66.96 -2.13 16.83
N LEU J 82 -67.75 -1.62 17.78
CA LEU J 82 -67.42 -1.74 19.20
C LEU J 82 -68.67 -2.04 20.01
N THR J 86 -67.62 1.08 28.69
CA THR J 86 -67.21 1.51 30.02
C THR J 86 -66.89 3.00 30.04
N SER J 87 -66.63 3.53 31.23
CA SER J 87 -66.30 4.94 31.39
C SER J 87 -64.99 5.27 30.70
N GLU J 88 -64.11 4.28 30.59
CA GLU J 88 -62.87 4.45 29.85
C GLU J 88 -63.09 4.25 28.35
N ASP J 89 -64.03 3.37 28.01
CA ASP J 89 -64.43 3.21 26.62
C ASP J 89 -65.14 4.48 26.15
N THR J 90 -65.72 5.20 27.10
CA THR J 90 -66.20 6.55 26.84
C THR J 90 -64.98 7.41 26.56
N ALA J 91 -64.60 7.52 25.29
CA ALA J 91 -63.28 8.02 24.94
C ALA J 91 -63.18 8.54 23.51
N VAL J 92 -62.05 9.17 23.21
CA VAL J 92 -61.81 9.73 21.88
C VAL J 92 -60.93 8.81 21.04
N TYR J 93 -61.56 8.01 20.18
CA TYR J 93 -60.83 7.08 19.32
C TYR J 93 -60.12 7.76 18.14
N TYR J 94 -59.07 7.12 17.65
CA TYR J 94 -58.25 7.65 16.55
C TYR J 94 -57.75 6.55 15.63
N CYS J 95 -57.14 6.93 14.50
CA CYS J 95 -56.52 5.97 13.58
C CYS J 95 -55.53 6.66 12.63
N ASN J 96 -54.44 5.98 12.27
CA ASN J 96 -53.49 6.58 11.33
C ASN J 96 -53.03 5.65 10.21
N ALA J 97 -51.85 5.94 9.64
CA ALA J 97 -51.37 5.25 8.45
C ALA J 97 -49.85 5.13 8.39
N GLY J 98 -49.35 4.37 7.40
CA GLY J 98 -47.91 4.29 7.15
C GLY J 98 -47.58 3.63 5.82
N HIS J 99 -46.42 3.96 5.25
CA HIS J 99 -46.04 3.38 3.96
C HIS J 99 -45.78 1.87 4.08
N ASP J 100 -46.17 1.11 3.05
CA ASP J 100 -46.00 -0.33 3.08
C ASP J 100 -44.53 -0.75 3.03
N TYR J 101 -43.74 -0.06 2.21
CA TYR J 101 -42.31 -0.31 2.16
C TYR J 101 -41.67 0.17 3.47
N ASP J 102 -42.31 1.15 4.09
CA ASP J 102 -41.88 1.68 5.38
C ASP J 102 -42.22 0.67 6.47
N ARG J 103 -41.47 0.73 7.57
CA ARG J 103 -41.65 -0.22 8.68
C ARG J 103 -43.02 -0.10 9.32
N PRO J 107 -49.62 9.54 9.67
CA PRO J 107 -49.20 10.93 9.45
C PRO J 107 -50.38 11.88 9.35
N TYR J 108 -51.59 11.33 9.49
CA TYR J 108 -52.82 12.12 9.41
C TYR J 108 -53.86 11.47 10.32
N TRP J 109 -54.86 12.23 10.73
CA TRP J 109 -55.80 11.74 11.74
C TRP J 109 -57.21 12.30 11.58
N GLY J 110 -58.19 11.58 12.11
CA GLY J 110 -59.56 12.07 12.20
C GLY J 110 -59.71 12.95 13.43
N GLN J 111 -60.87 13.58 13.58
CA GLN J 111 -61.10 14.52 14.68
C GLN J 111 -61.08 13.77 16.02
N GLY J 112 -61.37 12.48 15.95
CA GLY J 112 -61.47 11.66 17.15
C GLY J 112 -62.92 11.30 17.46
N THR J 113 -63.20 10.00 17.52
CA THR J 113 -64.54 9.52 17.79
C THR J 113 -64.82 9.51 19.29
N LEU J 114 -65.54 10.51 19.77
CA LEU J 114 -65.85 10.61 21.18
C LEU J 114 -67.07 9.77 21.53
N VAL J 115 -66.84 8.47 21.73
CA VAL J 115 -67.87 7.54 22.17
C VAL J 115 -68.24 7.80 23.63
N THR J 116 -69.52 7.66 23.96
CA THR J 116 -69.98 7.78 25.35
C THR J 116 -70.95 6.65 25.70
N VAL J 117 -70.47 5.65 26.43
CA VAL J 117 -71.29 4.48 26.76
C VAL J 117 -71.92 4.58 28.16
N SER J 118 -73.23 4.74 28.22
CA SER J 118 -73.93 4.66 29.51
C SER J 118 -75.42 4.33 29.34
N ALA J 119 -75.94 3.50 30.24
CA ALA J 119 -77.27 2.92 30.12
C ALA J 119 -78.42 3.91 30.23
N ALA J 120 -78.19 5.02 30.91
CA ALA J 120 -79.27 5.95 31.28
C ALA J 120 -79.92 6.62 30.07
N LYS J 121 -81.17 7.02 30.22
CA LYS J 121 -81.89 7.75 29.18
C LYS J 121 -82.55 9.02 29.72
N THR J 122 -83.79 8.89 30.15
CA THR J 122 -84.58 10.03 30.61
C THR J 122 -84.46 10.26 32.12
N THR J 123 -83.30 10.71 32.59
CA THR J 123 -83.19 11.10 33.99
C THR J 123 -83.21 12.62 34.13
N PRO J 124 -84.31 13.16 34.69
CA PRO J 124 -84.50 14.61 34.79
C PRO J 124 -83.43 15.29 35.65
N PRO J 125 -83.01 16.49 35.25
CA PRO J 125 -82.05 17.31 35.99
C PRO J 125 -82.56 17.72 37.37
N SER J 126 -81.66 17.79 38.33
CA SER J 126 -81.97 18.33 39.65
C SER J 126 -81.21 19.64 39.82
N VAL J 127 -81.77 20.71 39.27
CA VAL J 127 -81.12 22.02 39.30
C VAL J 127 -81.34 22.67 40.65
N TYR J 128 -80.30 22.69 41.46
CA TYR J 128 -80.40 23.25 42.80
C TYR J 128 -79.95 24.70 42.82
N PRO J 129 -80.87 25.61 43.20
CA PRO J 129 -80.49 27.00 43.45
C PRO J 129 -79.52 27.10 44.62
N LEU J 130 -78.54 27.98 44.53
CA LEU J 130 -77.41 27.97 45.45
C LEU J 130 -76.88 29.37 45.75
N ALA J 131 -77.24 29.91 46.91
CA ALA J 131 -76.70 31.18 47.37
C ALA J 131 -76.12 31.03 48.77
N PRO J 132 -75.05 31.77 49.08
CA PRO J 132 -74.39 31.65 50.38
C PRO J 132 -75.28 32.06 51.55
N GLY J 133 -75.13 31.39 52.68
CA GLY J 133 -75.53 31.98 53.94
C GLY J 133 -74.57 33.15 54.08
N SER J 134 -75.09 34.33 54.40
CA SER J 134 -74.27 35.55 54.36
C SER J 134 -73.09 35.46 55.32
N ALA J 135 -71.91 35.83 54.82
CA ALA J 135 -70.68 35.73 55.58
C ALA J 135 -70.58 36.81 56.64
N ALA J 136 -69.85 36.51 57.71
CA ALA J 136 -69.41 37.53 58.65
C ALA J 136 -68.26 38.30 58.01
N GLN J 137 -67.73 37.74 56.92
CA GLN J 137 -66.65 38.35 56.16
C GLN J 137 -67.07 39.67 55.54
N THR J 138 -68.37 39.83 55.32
CA THR J 138 -68.95 41.03 54.70
C THR J 138 -68.40 41.26 53.30
N ASN J 139 -69.12 40.76 52.29
CA ASN J 139 -68.68 40.82 50.91
C ASN J 139 -69.56 41.75 50.06
N SER J 140 -68.94 42.41 49.08
CA SER J 140 -69.68 43.23 48.13
C SER J 140 -69.94 42.48 46.84
N MET J 141 -68.87 42.04 46.17
CA MET J 141 -69.02 41.31 44.92
C MET J 141 -69.35 39.85 45.22
N VAL J 142 -70.50 39.62 45.86
CA VAL J 142 -70.90 38.29 46.26
C VAL J 142 -71.15 37.35 45.08
N THR J 143 -70.62 36.13 45.17
CA THR J 143 -70.86 35.11 44.17
C THR J 143 -72.22 34.45 44.41
N LEU J 144 -72.87 34.00 43.34
CA LEU J 144 -74.10 33.24 43.41
C LEU J 144 -74.02 32.07 42.42
N GLY J 145 -74.74 30.98 42.66
CA GLY J 145 -74.58 29.80 41.82
C GLY J 145 -75.73 28.80 41.78
N CYS J 146 -75.51 27.75 40.99
CA CYS J 146 -76.45 26.64 40.89
C CYS J 146 -75.73 25.32 40.65
N LEU J 147 -76.38 24.23 41.04
CA LEU J 147 -75.80 22.91 40.84
C LEU J 147 -76.86 21.99 40.24
N VAL J 148 -76.83 21.86 38.92
CA VAL J 148 -77.67 20.90 38.23
C VAL J 148 -77.11 19.52 38.56
N LYS J 149 -77.97 18.54 38.82
CA LYS J 149 -77.49 17.30 39.41
C LYS J 149 -78.24 16.04 38.96
N GLY J 150 -77.50 14.94 38.78
CA GLY J 150 -78.11 13.64 38.51
C GLY J 150 -79.00 13.61 37.29
N TYR J 151 -78.38 13.68 36.12
CA TYR J 151 -79.11 13.70 34.86
C TYR J 151 -78.25 13.10 33.76
N PHE J 152 -78.88 12.47 32.78
CA PHE J 152 -78.12 11.91 31.66
C PHE J 152 -78.85 12.16 30.34
N PRO J 153 -78.11 12.39 29.25
CA PRO J 153 -76.65 12.57 29.21
C PRO J 153 -76.24 14.02 29.32
N GLU J 154 -74.99 14.30 28.96
CA GLU J 154 -74.52 15.67 28.85
C GLU J 154 -75.18 16.37 27.68
N PRO J 155 -75.50 17.66 27.86
CA PRO J 155 -75.43 18.33 29.15
C PRO J 155 -76.80 18.86 29.55
N VAL J 156 -76.79 20.04 30.16
CA VAL J 156 -78.01 20.81 30.34
C VAL J 156 -77.70 22.24 29.90
N THR J 157 -78.63 22.84 29.16
CA THR J 157 -78.48 24.24 28.83
C THR J 157 -78.62 25.03 30.12
N VAL J 158 -77.77 26.02 30.33
CA VAL J 158 -77.84 26.83 31.54
C VAL J 158 -77.44 28.27 31.25
N THR J 159 -78.22 29.21 31.78
CA THR J 159 -77.97 30.64 31.58
C THR J 159 -78.35 31.43 32.83
N TRP J 160 -77.65 32.53 33.07
CA TRP J 160 -77.98 33.39 34.21
C TRP J 160 -78.85 34.56 33.77
N ASN J 161 -80.09 34.58 34.26
CA ASN J 161 -81.10 35.56 33.84
C ASN J 161 -81.27 35.57 32.33
N SER J 162 -81.31 34.39 31.73
CA SER J 162 -81.34 34.23 30.28
C SER J 162 -80.16 34.95 29.64
N GLY J 163 -79.01 34.91 30.31
CA GLY J 163 -77.77 35.39 29.75
C GLY J 163 -77.32 36.82 30.03
N SER J 164 -78.14 37.62 30.70
CA SER J 164 -77.72 38.97 31.04
C SER J 164 -76.54 38.97 32.01
N LEU J 165 -76.51 37.96 32.88
CA LEU J 165 -75.39 37.79 33.80
C LEU J 165 -74.41 36.73 33.30
N SER J 166 -74.57 36.33 32.03
CA SER J 166 -73.73 35.29 31.46
C SER J 166 -72.37 35.84 31.07
N SER J 167 -72.17 37.13 31.20
CA SER J 167 -70.83 37.68 31.02
C SER J 167 -69.93 37.06 32.07
N GLY J 168 -68.76 36.56 31.65
CA GLY J 168 -67.85 35.90 32.56
C GLY J 168 -68.46 34.66 33.19
N VAL J 169 -69.40 34.02 32.49
CA VAL J 169 -70.16 32.89 33.03
C VAL J 169 -69.26 31.72 33.39
N HIS J 170 -69.60 31.04 34.49
CA HIS J 170 -68.84 29.86 34.88
C HIS J 170 -69.67 28.58 34.70
N THR J 171 -69.81 28.17 33.45
CA THR J 171 -70.53 26.93 33.12
C THR J 171 -69.58 25.75 33.15
N PHE J 172 -69.37 25.21 34.35
CA PHE J 172 -68.45 24.09 34.53
C PHE J 172 -69.04 22.78 34.03
N PRO J 173 -68.17 21.88 33.53
CA PRO J 173 -68.57 20.60 32.94
C PRO J 173 -69.27 19.66 33.94
N ALA J 174 -70.24 18.91 33.44
CA ALA J 174 -70.95 17.91 34.23
C ALA J 174 -70.07 16.70 34.54
N VAL J 175 -70.29 16.06 35.68
CA VAL J 175 -69.56 14.86 36.05
C VAL J 175 -70.48 13.77 36.58
N LEU J 176 -70.09 12.52 36.34
CA LEU J 176 -70.95 11.37 36.61
C LEU J 176 -71.32 11.17 38.08
N GLN J 177 -72.57 10.77 38.29
CA GLN J 177 -73.09 10.39 39.59
C GLN J 177 -74.08 9.24 39.37
N SER J 178 -73.61 8.01 39.58
CA SER J 178 -74.39 6.81 39.26
C SER J 178 -74.89 6.89 37.81
N ASP J 179 -73.92 7.12 36.92
CA ASP J 179 -74.09 7.37 35.47
C ASP J 179 -75.07 8.51 35.17
N LEU J 180 -75.13 9.49 36.08
CA LEU J 180 -75.99 10.65 35.88
C LEU J 180 -75.21 11.94 36.12
N TYR J 181 -75.03 12.73 35.07
CA TYR J 181 -74.13 13.87 35.11
C TYR J 181 -74.60 14.97 36.05
N THR J 182 -73.66 15.80 36.48
CA THR J 182 -73.90 16.83 37.48
C THR J 182 -72.91 17.99 37.35
N LEU J 183 -73.41 19.17 37.05
CA LEU J 183 -72.55 20.33 36.89
C LEU J 183 -72.86 21.43 37.89
N SER J 184 -71.87 22.25 38.17
CA SER J 184 -72.00 23.34 39.13
C SER J 184 -71.71 24.68 38.47
N SER J 185 -72.75 25.28 37.89
CA SER J 185 -72.62 26.59 37.24
C SER J 185 -72.55 27.74 38.26
N SER J 186 -71.89 28.83 37.89
CA SER J 186 -71.83 29.99 38.78
C SER J 186 -71.65 31.35 38.10
N VAL J 187 -71.98 32.39 38.87
CA VAL J 187 -72.03 33.79 38.43
C VAL J 187 -71.71 34.66 39.64
N THR J 188 -71.51 35.96 39.46
CA THR J 188 -71.24 36.85 40.60
C THR J 188 -71.86 38.23 40.41
N VAL J 189 -72.43 38.79 41.47
CA VAL J 189 -73.01 40.14 41.44
C VAL J 189 -72.55 40.97 42.64
N PRO J 190 -72.48 42.31 42.46
CA PRO J 190 -72.21 43.21 43.58
C PRO J 190 -73.33 43.16 44.62
N SER J 191 -72.98 43.27 45.91
CA SER J 191 -73.99 43.35 46.95
C SER J 191 -74.72 44.68 46.87
N SER J 192 -74.06 45.68 46.32
CA SER J 192 -74.67 46.99 46.13
C SER J 192 -75.83 46.88 45.16
N THR J 193 -75.75 45.91 44.25
CA THR J 193 -76.80 45.66 43.28
C THR J 193 -77.56 44.38 43.60
N TRP J 194 -77.40 43.86 44.81
CA TRP J 194 -78.07 42.63 45.20
C TRP J 194 -78.82 42.84 46.53
N PRO J 195 -79.99 42.18 46.69
CA PRO J 195 -80.68 41.37 45.68
C PRO J 195 -81.53 42.18 44.71
N SER J 196 -81.17 43.45 44.47
CA SER J 196 -81.92 44.29 43.56
C SER J 196 -81.87 43.76 42.13
N GLU J 197 -80.75 43.11 41.78
CA GLU J 197 -80.65 42.42 40.51
C GLU J 197 -81.15 41.00 40.62
N THR J 198 -81.98 40.58 39.68
CA THR J 198 -82.42 39.20 39.63
C THR J 198 -81.23 38.29 39.32
N VAL J 199 -81.19 37.14 39.97
CA VAL J 199 -80.21 36.11 39.62
C VAL J 199 -80.95 34.78 39.46
N THR J 200 -80.78 34.16 38.30
CA THR J 200 -81.57 32.99 37.95
C THR J 200 -80.83 32.05 37.01
N CYS J 201 -80.70 30.78 37.40
CA CYS J 201 -80.18 29.79 36.48
C CYS J 201 -81.32 29.09 35.73
N ASN J 202 -81.53 29.53 34.50
CA ASN J 202 -82.43 28.86 33.58
C ASN J 202 -81.75 27.65 33.01
N VAL J 203 -82.33 26.47 33.25
CA VAL J 203 -81.71 25.23 32.81
C VAL J 203 -82.70 24.36 32.05
N ALA J 204 -82.22 23.62 31.05
CA ALA J 204 -83.08 22.68 30.36
C ALA J 204 -82.32 21.41 30.01
N HIS J 205 -82.96 20.26 30.25
CA HIS J 205 -82.37 18.98 29.88
C HIS J 205 -83.29 18.16 28.97
N PRO J 206 -82.97 18.13 27.67
CA PRO J 206 -83.75 17.51 26.61
C PRO J 206 -84.00 16.00 26.74
N ALA J 207 -82.94 15.19 26.76
CA ALA J 207 -83.10 13.74 26.71
C ALA J 207 -83.84 13.21 27.92
N SER J 208 -83.74 13.95 29.02
CA SER J 208 -84.53 13.66 30.21
C SER J 208 -85.96 14.11 30.05
N SER J 209 -86.19 14.94 29.03
CA SER J 209 -87.47 15.59 28.79
C SER J 209 -87.88 16.41 30.01
N THR J 210 -86.95 17.22 30.52
CA THR J 210 -87.23 18.01 31.70
C THR J 210 -86.45 19.33 31.75
N LYS J 211 -87.17 20.43 31.57
CA LYS J 211 -86.64 21.75 31.89
C LYS J 211 -86.71 22.01 33.38
N VAL J 212 -85.75 22.79 33.90
CA VAL J 212 -85.82 23.31 35.26
C VAL J 212 -85.24 24.72 35.30
N ASP J 213 -86.05 25.69 35.68
CA ASP J 213 -85.59 27.08 35.75
C ASP J 213 -85.68 27.61 37.17
N LYS J 214 -84.52 27.87 37.78
CA LYS J 214 -84.48 28.25 39.19
C LYS J 214 -83.88 29.62 39.46
N LYS J 215 -84.71 30.56 39.91
CA LYS J 215 -84.23 31.84 40.38
C LYS J 215 -83.43 31.67 41.66
N ILE J 216 -82.35 32.43 41.80
CA ILE J 216 -81.61 32.44 43.06
C ILE J 216 -82.24 33.43 44.02
N VAL J 217 -83.20 32.92 44.79
CA VAL J 217 -83.78 33.69 45.87
C VAL J 217 -82.70 33.89 46.93
N PRO J 218 -82.76 35.00 47.67
CA PRO J 218 -81.73 35.35 48.66
C PRO J 218 -81.59 34.30 49.76
N ARG J 219 -80.37 34.12 50.25
CA ARG J 219 -79.99 33.21 51.35
C ARG J 219 -79.78 31.78 50.82
N ASP J 220 -80.70 31.29 50.03
CA ASP J 220 -80.56 29.97 49.41
C ASP J 220 -80.76 30.02 47.90
N ARG K 2 37.29 48.39 0.13
CA ARG K 2 36.76 48.96 1.36
C ARG K 2 36.00 47.88 2.15
N LEU K 3 35.38 46.97 1.40
CA LEU K 3 34.75 45.75 1.90
C LEU K 3 33.46 45.99 2.72
N GLU K 4 33.37 47.15 3.39
CA GLU K 4 32.21 47.49 4.21
C GLU K 4 30.90 47.24 3.50
N GLU K 5 30.59 48.10 2.53
CA GLU K 5 29.31 48.05 1.84
C GLU K 5 29.12 46.73 1.12
N CYS K 6 30.22 46.13 0.68
CA CYS K 6 30.14 44.88 -0.07
C CYS K 6 29.50 43.79 0.79
N ASN K 7 30.17 43.45 1.89
CA ASN K 7 29.63 42.38 2.71
C ASN K 7 28.52 42.86 3.64
N ILE K 8 28.32 44.17 3.70
CA ILE K 8 27.15 44.75 4.37
C ILE K 8 25.90 44.46 3.58
N LEU K 9 25.96 44.66 2.26
CA LEU K 9 24.83 44.36 1.42
C LEU K 9 24.66 42.86 1.29
N PHE K 10 25.77 42.14 1.28
CA PHE K 10 25.73 40.68 1.31
C PHE K 10 25.00 40.15 2.54
N GLU K 11 25.46 40.57 3.71
CA GLU K 11 24.93 40.09 4.97
C GLU K 11 23.49 40.59 5.09
N LEU K 12 23.24 41.75 4.50
CA LEU K 12 21.90 42.34 4.43
C LEU K 12 20.96 41.44 3.66
N LEU K 13 21.50 40.78 2.63
CA LEU K 13 20.70 39.82 1.89
C LEU K 13 20.66 38.48 2.62
N THR K 14 21.55 38.29 3.60
CA THR K 14 21.46 37.11 4.47
C THR K 14 20.42 37.36 5.56
N GLU K 15 19.99 38.60 5.68
CA GLU K 15 18.94 38.95 6.63
C GLU K 15 17.58 38.35 6.26
N ILE K 16 17.37 38.05 4.98
CA ILE K 16 16.01 37.89 4.45
C ILE K 16 15.68 36.50 3.88
N GLN K 17 14.50 35.98 4.23
CA GLN K 17 13.88 34.88 3.49
C GLN K 17 13.16 35.41 2.25
N ASP K 18 11.84 35.30 2.26
CA ASP K 18 11.03 35.81 1.16
C ASP K 18 9.59 36.03 1.62
N GLU K 19 8.95 37.09 1.11
CA GLU K 19 7.59 37.45 1.50
C GLU K 19 6.76 38.02 0.34
N ALA K 20 6.88 39.33 0.13
CA ALA K 20 6.03 40.04 -0.83
C ALA K 20 6.74 40.88 -1.91
N GLY K 21 7.72 41.74 -1.55
CA GLY K 21 8.26 41.92 -0.21
C GLY K 21 9.76 41.78 -0.25
N SER K 22 10.40 42.60 -1.07
CA SER K 22 11.84 42.49 -1.27
C SER K 22 12.51 43.85 -1.38
N MET K 23 12.46 44.42 -2.58
CA MET K 23 13.36 45.52 -2.94
C MET K 23 13.17 46.78 -2.08
N GLU K 24 11.91 47.10 -1.76
CA GLU K 24 11.62 48.26 -0.93
C GLU K 24 12.19 48.05 0.47
N LYS K 25 12.15 46.81 0.91
CA LYS K 25 12.64 46.42 2.22
C LYS K 25 14.17 46.34 2.23
N ILE K 26 14.73 46.13 1.04
CA ILE K 26 16.18 46.16 0.86
C ILE K 26 16.63 47.59 0.99
N VAL K 27 15.86 48.51 0.41
CA VAL K 27 16.13 49.92 0.56
C VAL K 27 15.95 50.32 2.01
N HIS K 28 15.02 49.66 2.68
CA HIS K 28 14.83 49.85 4.11
C HIS K 28 16.06 49.49 4.94
N LYS K 29 16.59 48.30 4.72
CA LYS K 29 17.75 47.86 5.46
C LYS K 29 18.96 48.71 5.07
N THR K 30 18.96 49.20 3.83
CA THR K 30 19.99 50.13 3.40
C THR K 30 19.87 51.46 4.15
N LEU K 31 18.65 51.85 4.48
CA LEU K 31 18.43 53.01 5.34
C LEU K 31 18.97 52.74 6.73
N GLN K 32 18.87 51.48 7.15
CA GLN K 32 19.46 51.09 8.43
C GLN K 32 20.96 51.31 8.37
N ARG K 33 21.58 50.84 7.30
CA ARG K 33 23.02 50.97 7.12
C ARG K 33 23.44 52.44 7.02
N LEU K 34 22.53 53.25 6.50
CA LEU K 34 22.72 54.70 6.51
C LEU K 34 22.74 55.25 7.92
N SER K 35 21.76 54.90 8.73
CA SER K 35 21.64 55.54 10.02
C SER K 35 22.66 54.95 10.99
N GLN K 36 23.30 53.86 10.54
CA GLN K 36 24.39 53.24 11.28
C GLN K 36 25.74 53.87 10.91
N LEU K 37 26.20 53.66 9.68
CA LEU K 37 27.51 54.22 9.28
C LEU K 37 27.56 55.74 9.31
N LEU K 38 26.39 56.39 9.16
CA LEU K 38 26.32 57.84 9.36
C LEU K 38 26.09 58.17 10.83
N ALA K 39 25.88 57.15 11.65
CA ALA K 39 25.57 57.32 13.08
C ALA K 39 24.37 58.24 13.28
N ALA K 40 23.40 58.16 12.38
CA ALA K 40 22.15 58.90 12.51
C ALA K 40 21.24 58.26 13.56
N ASP K 41 20.41 59.09 14.20
CA ASP K 41 19.38 58.59 15.11
C ASP K 41 18.35 57.74 14.38
N ARG K 42 18.10 58.09 13.12
CA ARG K 42 17.05 57.46 12.34
C ARG K 42 17.10 57.95 10.88
N CYS K 43 16.21 57.44 10.02
CA CYS K 43 16.19 57.79 8.59
C CYS K 43 14.79 57.68 7.99
N SER K 44 14.65 58.11 6.73
CA SER K 44 13.37 57.95 6.03
C SER K 44 13.47 58.01 4.49
N MET K 45 12.48 57.40 3.83
CA MET K 45 12.38 57.44 2.36
C MET K 45 10.96 57.67 1.84
N PHE K 46 10.86 58.45 0.77
CA PHE K 46 9.58 58.68 0.13
C PHE K 46 9.63 58.08 -1.27
N ILE K 47 8.59 57.38 -1.69
CA ILE K 47 8.47 57.03 -3.10
C ILE K 47 8.14 58.33 -3.82
N CYS K 48 8.59 58.46 -5.06
CA CYS K 48 8.28 59.65 -5.83
C CYS K 48 7.37 59.26 -7.00
N ARG K 49 6.44 58.36 -6.74
CA ARG K 49 5.76 57.66 -7.83
C ARG K 49 4.92 58.61 -8.67
N SER K 50 4.96 58.42 -9.99
CA SER K 50 4.34 59.34 -10.93
C SER K 50 2.82 59.27 -10.95
N ARG K 51 2.18 60.42 -11.15
CA ARG K 51 0.76 60.48 -11.48
C ARG K 51 0.43 61.85 -12.06
N ASN K 52 -0.51 61.87 -13.01
CA ASN K 52 -0.87 63.09 -13.73
C ASN K 52 0.34 63.66 -14.48
N GLY K 53 1.29 62.78 -14.80
CA GLY K 53 2.50 63.17 -15.51
C GLY K 53 3.52 63.78 -14.58
N ILE K 54 3.12 63.94 -13.32
CA ILE K 54 3.97 64.54 -12.31
C ILE K 54 4.32 63.54 -11.23
N PRO K 55 5.62 63.24 -11.07
CA PRO K 55 5.99 62.35 -9.97
C PRO K 55 5.64 63.00 -8.63
N GLU K 56 5.20 62.20 -7.68
CA GLU K 56 4.82 62.73 -6.37
C GLU K 56 5.57 62.00 -5.27
N VAL K 57 6.20 62.80 -4.40
CA VAL K 57 7.11 62.27 -3.41
C VAL K 57 6.31 61.88 -2.17
N ALA K 58 5.39 60.94 -2.35
CA ALA K 58 4.60 60.42 -1.24
C ALA K 58 5.51 59.68 -0.28
N THR K 59 5.32 59.91 1.02
CA THR K 59 6.15 59.27 2.03
C THR K 59 5.93 57.77 2.06
N ARG K 60 7.01 57.00 2.19
CA ARG K 60 6.85 55.57 2.36
C ARG K 60 7.45 55.13 3.69
N LEU K 61 8.72 54.77 3.67
CA LEU K 61 9.42 54.45 4.90
C LEU K 61 9.46 55.70 5.76
N LEU K 62 9.14 55.56 7.04
CA LEU K 62 9.06 56.69 7.96
C LEU K 62 9.42 56.24 9.36
N ASN K 63 10.09 57.12 10.10
CA ASN K 63 10.64 56.79 11.41
C ASN K 63 11.53 55.57 11.36
N VAL K 64 12.13 55.32 10.19
CA VAL K 64 13.14 54.28 10.08
C VAL K 64 14.29 54.70 10.98
N THR K 65 14.77 53.77 11.79
CA THR K 65 15.80 54.08 12.76
C THR K 65 17.07 53.60 12.06
N PRO K 66 18.16 53.32 12.79
CA PRO K 66 19.00 52.33 12.12
C PRO K 66 18.34 50.94 12.11
N THR K 67 17.03 50.90 12.35
CA THR K 67 16.29 49.66 12.52
C THR K 67 14.94 49.75 11.83
N SER K 68 13.90 49.55 12.65
CA SER K 68 12.50 49.81 12.32
C SER K 68 11.94 48.92 11.22
N LYS K 69 11.01 48.04 11.57
CA LYS K 69 10.43 47.12 10.59
C LYS K 69 9.64 47.84 9.52
N PHE K 70 9.55 47.22 8.35
CA PHE K 70 8.83 47.79 7.21
C PHE K 70 7.35 48.01 7.57
N GLU K 71 6.82 47.13 8.42
CA GLU K 71 5.47 47.33 8.96
C GLU K 71 5.39 48.54 9.88
N ASP K 72 6.47 48.82 10.60
CA ASP K 72 6.51 50.00 11.47
C ASP K 72 6.47 51.25 10.62
N ASN K 73 6.95 51.12 9.38
CA ASN K 73 7.08 52.25 8.49
C ASN K 73 6.03 52.26 7.38
N LEU K 74 5.17 51.24 7.35
CA LEU K 74 4.22 51.07 6.26
C LEU K 74 2.96 51.90 6.43
N VAL K 75 3.05 53.19 6.08
CA VAL K 75 1.91 54.09 6.14
C VAL K 75 0.90 53.82 5.02
N ASN K 76 -0.37 54.00 5.32
CA ASN K 76 -1.44 53.86 4.34
C ASN K 76 -1.30 54.93 3.26
N PRO K 77 -1.37 54.51 1.98
CA PRO K 77 -1.25 55.43 0.85
C PRO K 77 -2.29 56.56 0.88
N ASP K 78 -3.48 56.28 1.38
CA ASP K 78 -4.47 57.32 1.60
C ASP K 78 -4.03 58.29 2.70
N LYS K 79 -3.27 57.78 3.66
CA LYS K 79 -2.85 58.59 4.80
C LYS K 79 -1.41 59.10 4.69
N GLU K 80 -0.68 58.62 3.71
CA GLU K 80 0.72 59.02 3.56
C GLU K 80 0.84 60.49 3.19
N THR K 81 1.85 61.15 3.76
CA THR K 81 2.18 62.51 3.34
C THR K 81 2.67 62.47 1.90
N VAL K 82 2.22 63.40 1.09
CA VAL K 82 2.55 63.39 -0.34
C VAL K 82 3.04 64.75 -0.82
N PHE K 83 4.28 64.79 -1.30
CA PHE K 83 4.89 66.04 -1.76
C PHE K 83 4.89 66.22 -3.28
N PRO K 84 4.21 67.28 -3.75
CA PRO K 84 4.33 67.82 -5.11
C PRO K 84 5.71 68.44 -5.30
N LEU K 85 6.14 68.59 -6.56
CA LEU K 85 7.51 68.99 -6.86
C LEU K 85 7.90 70.33 -6.22
N ASP K 86 6.90 71.19 -5.99
CA ASP K 86 7.13 72.51 -5.39
C ASP K 86 7.26 72.51 -3.85
N ILE K 87 6.95 71.40 -3.20
CA ILE K 87 6.99 71.36 -1.74
C ILE K 87 8.04 70.42 -1.18
N GLY K 88 8.90 70.95 -0.30
CA GLY K 88 9.92 70.15 0.36
C GLY K 88 11.17 70.04 -0.48
N ILE K 89 12.28 69.65 0.14
CA ILE K 89 13.49 69.37 -0.63
C ILE K 89 13.36 67.95 -1.20
N ALA K 90 12.37 67.20 -0.74
CA ALA K 90 12.09 65.91 -1.35
C ALA K 90 11.65 66.13 -2.80
N GLY K 91 10.68 67.02 -2.96
CA GLY K 91 10.17 67.35 -4.29
C GLY K 91 11.08 68.30 -5.02
N TRP K 92 12.02 68.91 -4.29
CA TRP K 92 12.99 69.81 -4.89
C TRP K 92 14.15 69.05 -5.50
N VAL K 93 14.59 68.00 -4.81
CA VAL K 93 15.53 67.05 -5.40
C VAL K 93 14.83 66.32 -6.53
N ALA K 94 13.52 66.13 -6.38
CA ALA K 94 12.73 65.60 -7.48
C ALA K 94 12.66 66.61 -8.63
N HIS K 95 12.87 67.88 -8.31
CA HIS K 95 12.73 68.95 -9.29
C HIS K 95 14.07 69.40 -9.90
N THR K 96 15.18 68.96 -9.30
CA THR K 96 16.50 69.46 -9.68
C THR K 96 17.52 68.36 -9.91
N LYS K 97 17.46 67.31 -9.08
CA LYS K 97 18.32 66.13 -9.21
C LYS K 97 19.81 66.41 -9.03
N LYS K 98 20.16 67.62 -8.60
CA LYS K 98 21.54 67.89 -8.22
C LYS K 98 21.81 67.23 -6.86
N PHE K 99 23.02 66.74 -6.65
CA PHE K 99 23.39 66.22 -5.33
C PHE K 99 23.37 67.37 -4.32
N PHE K 100 22.79 67.14 -3.16
CA PHE K 100 22.56 68.22 -2.20
C PHE K 100 23.01 67.92 -0.79
N ASN K 101 24.19 68.40 -0.42
CA ASN K 101 24.49 68.61 0.99
C ASN K 101 23.54 69.69 1.48
N ILE K 102 22.90 69.47 2.62
CA ILE K 102 22.00 70.46 3.18
C ILE K 102 22.34 70.59 4.67
N PRO K 103 23.38 71.37 4.95
CA PRO K 103 23.98 71.51 6.29
C PRO K 103 22.99 71.99 7.33
N ASP K 104 22.02 72.79 6.89
CA ASP K 104 20.93 73.21 7.77
C ASP K 104 19.71 73.50 6.91
N VAL K 105 18.68 72.66 7.04
CA VAL K 105 17.45 72.84 6.26
C VAL K 105 16.79 74.16 6.65
N LYS K 106 17.09 74.62 7.87
CA LYS K 106 16.59 75.88 8.37
C LYS K 106 17.14 77.06 7.55
N LYS K 107 18.32 76.86 6.98
CA LYS K 107 18.96 77.89 6.17
C LYS K 107 19.01 77.48 4.71
N ASN K 108 19.50 76.26 4.46
CA ASN K 108 19.42 75.67 3.13
C ASN K 108 17.99 75.17 2.95
N ASN K 109 17.09 76.10 2.70
CA ASN K 109 15.65 75.85 2.81
C ASN K 109 15.03 75.06 1.65
N HIS K 110 13.81 75.45 1.28
CA HIS K 110 12.90 74.72 0.40
C HIS K 110 12.31 73.49 1.11
N PHE K 111 12.89 73.11 2.24
CA PHE K 111 12.49 71.92 2.98
C PHE K 111 11.10 72.04 3.59
N SER K 112 10.36 70.94 3.57
CA SER K 112 9.07 70.87 4.23
C SER K 112 9.21 70.23 5.61
N ASP K 113 9.00 71.03 6.64
CA ASP K 113 9.19 70.56 8.02
C ASP K 113 7.95 69.83 8.54
N TYR K 114 6.97 69.65 7.67
CA TYR K 114 5.79 68.85 7.99
C TYR K 114 6.18 67.40 8.22
N LEU K 115 7.33 67.02 7.72
CA LEU K 115 7.87 65.68 7.93
C LEU K 115 8.09 65.43 9.41
N ASP K 116 8.41 66.50 10.13
CA ASP K 116 8.52 66.44 11.58
C ASP K 116 7.17 66.13 12.21
N LYS K 117 6.10 66.59 11.56
CA LYS K 117 4.75 66.35 12.04
C LYS K 117 4.38 64.89 11.81
N LYS K 118 4.60 64.43 10.58
CA LYS K 118 4.23 63.07 10.19
C LYS K 118 5.06 62.00 10.91
N THR K 119 6.32 62.31 11.20
CA THR K 119 7.22 61.32 11.79
C THR K 119 7.35 61.46 13.30
N GLY K 120 7.22 62.69 13.80
CA GLY K 120 7.40 62.98 15.21
C GLY K 120 8.87 63.25 15.49
N TYR K 121 9.68 63.07 14.45
CA TYR K 121 11.10 63.39 14.48
C TYR K 121 11.33 64.91 14.40
N THR K 122 12.44 65.38 14.94
CA THR K 122 12.79 66.80 14.84
C THR K 122 13.92 67.04 13.83
N THR K 123 13.57 67.57 12.66
CA THR K 123 14.55 67.82 11.60
C THR K 123 15.50 68.96 11.95
N VAL K 124 16.77 68.80 11.59
CA VAL K 124 17.76 69.85 11.74
C VAL K 124 18.51 70.09 10.44
N ASN K 125 18.93 69.00 9.80
CA ASN K 125 19.69 69.06 8.56
C ASN K 125 19.48 67.81 7.71
N MET K 126 19.91 67.83 6.45
CA MET K 126 19.60 66.72 5.55
C MET K 126 20.61 66.68 4.39
N MET K 127 20.57 65.60 3.60
CA MET K 127 21.33 65.51 2.34
C MET K 127 20.54 64.64 1.38
N ALA K 128 20.79 64.74 0.07
CA ALA K 128 20.04 63.93 -0.89
C ALA K 128 20.70 63.74 -2.25
N ILE K 129 20.34 62.65 -2.93
CA ILE K 129 20.73 62.40 -4.31
C ILE K 129 19.49 61.86 -5.05
N PRO K 130 19.34 62.17 -6.35
CA PRO K 130 18.20 61.69 -7.17
C PRO K 130 18.11 60.17 -7.36
N ILE K 131 16.89 59.66 -7.44
CA ILE K 131 16.63 58.24 -7.66
C ILE K 131 15.46 58.01 -8.64
N THR K 132 15.75 57.38 -9.78
CA THR K 132 14.79 57.31 -10.87
C THR K 132 14.53 55.90 -11.44
N GLN K 133 13.26 55.62 -11.72
CA GLN K 133 12.85 54.48 -12.53
C GLN K 133 12.14 54.92 -13.81
N GLY K 134 12.63 54.44 -14.95
CA GLY K 134 12.10 54.88 -16.23
C GLY K 134 12.41 56.36 -16.36
N LYS K 135 11.55 57.08 -17.07
CA LYS K 135 11.63 58.54 -17.06
C LYS K 135 11.27 59.07 -15.68
N GLU K 136 10.47 58.29 -14.94
CA GLU K 136 9.91 58.73 -13.67
C GLU K 136 10.96 58.78 -12.55
N VAL K 137 10.77 59.69 -11.60
CA VAL K 137 11.52 59.65 -10.34
C VAL K 137 10.73 58.75 -9.38
N LEU K 138 11.40 57.96 -8.54
CA LEU K 138 10.66 57.09 -7.63
C LEU K 138 11.12 57.06 -6.17
N ALA K 139 12.12 57.84 -5.81
CA ALA K 139 12.57 57.83 -4.40
C ALA K 139 13.32 59.07 -3.95
N VAL K 140 13.22 59.34 -2.65
CA VAL K 140 13.97 60.39 -1.97
C VAL K 140 14.39 59.85 -0.60
N VAL K 141 15.62 60.14 -0.18
CA VAL K 141 16.19 59.52 1.02
C VAL K 141 16.85 60.54 1.96
N MET K 142 16.63 60.39 3.27
CA MET K 142 17.29 61.28 4.22
C MET K 142 17.72 60.61 5.53
N ALA K 143 18.93 60.96 5.96
CA ALA K 143 19.44 60.67 7.31
C ALA K 143 18.92 61.69 8.31
N LEU K 144 18.85 61.31 9.58
CA LEU K 144 18.21 62.14 10.60
C LEU K 144 18.96 62.14 11.94
N ASN K 145 19.19 63.33 12.51
CA ASN K 145 19.91 63.53 13.78
C ASN K 145 21.16 62.70 14.03
N LYS K 146 22.32 63.31 13.80
CA LYS K 146 23.61 62.72 14.16
C LYS K 146 23.70 62.52 15.68
N LEU K 147 24.26 61.40 16.10
CA LEU K 147 24.32 61.08 17.53
C LEU K 147 25.42 61.83 18.29
N ASN K 148 26.61 61.88 17.71
CA ASN K 148 27.78 62.36 18.44
C ASN K 148 28.10 63.84 18.24
N ALA K 149 27.56 64.43 17.19
CA ALA K 149 27.90 65.80 16.82
C ALA K 149 26.78 66.45 16.03
N SER K 150 26.85 67.76 15.87
CA SER K 150 25.84 68.49 15.12
C SER K 150 25.87 68.19 13.62
N GLU K 151 27.03 67.76 13.10
CA GLU K 151 27.17 67.60 11.65
C GLU K 151 28.23 66.59 11.21
N PHE K 152 28.09 66.12 9.98
CA PHE K 152 29.05 65.21 9.35
C PHE K 152 30.35 65.92 8.99
N SER K 153 31.45 65.18 9.05
CA SER K 153 32.66 65.56 8.31
C SER K 153 32.59 64.89 6.95
N LYS K 154 33.47 65.28 6.03
CA LYS K 154 33.28 65.01 4.61
C LYS K 154 33.16 63.53 4.20
N GLU K 155 33.90 62.66 4.87
CA GLU K 155 33.86 61.24 4.50
C GLU K 155 32.56 60.56 4.93
N ASP K 156 31.86 61.14 5.90
CA ASP K 156 30.50 60.71 6.16
C ASP K 156 29.59 61.06 5.00
N GLU K 157 29.87 62.19 4.33
CA GLU K 157 29.12 62.52 3.13
C GLU K 157 29.47 61.49 2.06
N GLU K 158 30.72 61.01 2.12
CA GLU K 158 31.15 59.93 1.24
C GLU K 158 30.38 58.64 1.50
N VAL K 159 30.11 58.34 2.77
CA VAL K 159 29.29 57.18 3.12
C VAL K 159 27.85 57.39 2.66
N PHE K 160 27.44 58.65 2.69
CA PHE K 160 26.07 59.02 2.33
C PHE K 160 25.85 58.71 0.85
N LYS K 161 26.82 59.10 0.03
CA LYS K 161 26.78 58.71 -1.38
C LYS K 161 26.93 57.19 -1.49
N LYS K 162 27.71 56.63 -0.56
CA LYS K 162 28.08 55.22 -0.61
C LYS K 162 26.87 54.32 -0.53
N TYR K 163 25.83 54.77 0.17
CA TYR K 163 24.62 53.95 0.25
C TYR K 163 23.40 54.53 -0.45
N LEU K 164 23.33 55.85 -0.62
CA LEU K 164 22.24 56.36 -1.45
C LEU K 164 22.42 55.95 -2.90
N ASN K 165 23.66 55.76 -3.34
CA ASN K 165 23.87 55.24 -4.69
C ASN K 165 23.27 53.85 -4.82
N PHE K 166 23.47 53.03 -3.78
CA PHE K 166 22.87 51.69 -3.77
C PHE K 166 21.36 51.75 -3.66
N ILE K 167 20.84 52.75 -2.95
CA ILE K 167 19.39 52.94 -2.86
C ILE K 167 18.84 53.28 -4.23
N SER K 168 19.63 54.01 -5.00
CA SER K 168 19.29 54.28 -6.38
C SER K 168 19.28 52.97 -7.15
N LEU K 169 20.24 52.11 -6.81
CA LEU K 169 20.38 50.83 -7.49
C LEU K 169 19.25 49.83 -7.23
N VAL K 170 18.63 49.90 -6.05
CA VAL K 170 17.65 48.89 -5.68
C VAL K 170 16.26 49.10 -6.29
N LEU K 171 15.73 50.32 -6.22
CA LEU K 171 14.39 50.59 -6.72
C LEU K 171 14.40 50.88 -8.22
N ARG K 172 15.04 49.99 -8.98
CA ARG K 172 15.10 50.11 -10.43
C ARG K 172 15.03 48.74 -11.09
N ARG L 2 15.68 55.66 22.32
CA ARG L 2 16.70 55.76 21.28
C ARG L 2 16.41 54.74 20.17
N LEU L 3 15.99 53.54 20.59
CA LEU L 3 15.49 52.47 19.71
C LEU L 3 16.56 51.85 18.79
N GLU L 4 17.63 52.61 18.50
CA GLU L 4 18.66 52.13 17.58
C GLU L 4 19.20 50.82 18.10
N GLU L 5 19.80 50.85 19.28
CA GLU L 5 20.44 49.68 19.86
C GLU L 5 19.44 48.54 20.02
N CYS L 6 18.20 48.91 20.33
CA CYS L 6 17.14 47.96 20.55
C CYS L 6 16.91 47.08 19.32
N ASN L 7 16.37 47.67 18.26
CA ASN L 7 16.04 46.83 17.12
C ASN L 7 17.22 46.58 16.19
N ILE L 8 18.36 47.20 16.48
CA ILE L 8 19.62 46.82 15.83
C ILE L 8 20.10 45.50 16.37
N LEU L 9 20.13 45.37 17.69
CA LEU L 9 20.51 44.09 18.28
C LEU L 9 19.44 43.05 18.00
N PHE L 10 18.20 43.51 17.85
CA PHE L 10 17.11 42.65 17.41
C PHE L 10 17.34 42.10 16.00
N GLU L 11 17.60 42.99 15.06
CA GLU L 11 17.71 42.62 13.66
C GLU L 11 18.97 41.78 13.51
N LEU L 12 19.93 42.07 14.38
CA LEU L 12 21.19 41.34 14.50
C LEU L 12 20.93 39.90 14.96
N LEU L 13 20.00 39.73 15.89
CA LEU L 13 19.64 38.39 16.32
C LEU L 13 18.78 37.68 15.29
N THR L 14 18.14 38.44 14.41
CA THR L 14 17.46 37.82 13.27
C THR L 14 18.50 37.29 12.28
N GLU L 15 19.57 38.06 12.07
CA GLU L 15 20.57 37.72 11.06
C GLU L 15 21.20 36.37 11.33
N ILE L 16 21.27 36.02 12.61
CA ILE L 16 21.79 34.74 13.02
C ILE L 16 20.83 33.61 12.61
N GLN L 17 21.40 32.50 12.18
CA GLN L 17 20.63 31.28 11.88
C GLN L 17 21.39 30.08 12.41
N ASP L 18 20.70 28.95 12.51
CA ASP L 18 21.30 27.75 13.11
C ASP L 18 22.41 27.14 12.25
N GLU L 19 23.50 26.75 12.91
CA GLU L 19 24.53 25.88 12.34
C GLU L 19 25.25 25.10 13.44
N ALA L 20 26.19 25.75 14.10
CA ALA L 20 27.01 25.11 15.13
C ALA L 20 26.82 25.66 16.57
N GLY L 21 26.89 26.97 16.80
CA GLY L 21 27.12 28.02 15.82
C GLY L 21 26.17 29.19 15.98
N SER L 22 26.44 30.05 16.95
CA SER L 22 25.56 31.18 17.20
C SER L 22 26.28 32.38 17.81
N MET L 23 26.60 32.27 19.11
CA MET L 23 26.96 33.41 19.93
C MET L 23 28.22 34.13 19.43
N GLU L 24 29.15 33.37 18.88
CA GLU L 24 30.39 33.96 18.36
C GLU L 24 30.09 34.83 17.14
N LYS L 25 29.26 34.32 16.24
CA LYS L 25 28.83 35.11 15.09
C LYS L 25 27.96 36.27 15.52
N ILE L 26 27.27 36.12 16.67
CA ILE L 26 26.48 37.20 17.21
C ILE L 26 27.40 38.35 17.61
N VAL L 27 28.51 38.01 18.26
CA VAL L 27 29.51 39.00 18.61
C VAL L 27 30.13 39.59 17.36
N HIS L 28 30.25 38.78 16.32
CA HIS L 28 30.73 39.23 15.02
C HIS L 28 29.84 40.35 14.45
N LYS L 29 28.54 40.08 14.44
CA LYS L 29 27.58 41.03 13.91
C LYS L 29 27.57 42.29 14.78
N THR L 30 27.82 42.09 16.08
CA THR L 30 27.91 43.23 16.98
C THR L 30 29.15 44.07 16.67
N LEU L 31 30.23 43.43 16.25
CA LEU L 31 31.41 44.16 15.81
C LEU L 31 31.07 44.94 14.55
N GLN L 32 30.19 44.37 13.73
CA GLN L 32 29.72 45.05 12.53
C GLN L 32 29.01 46.34 12.93
N ARG L 33 28.08 46.22 13.87
CA ARG L 33 27.31 47.37 14.34
C ARG L 33 28.20 48.42 15.00
N LEU L 34 29.26 47.93 15.65
CA LEU L 34 30.26 48.81 16.22
C LEU L 34 30.93 49.63 15.15
N SER L 35 31.43 48.98 14.11
CA SER L 35 32.21 49.69 13.12
C SER L 35 31.28 50.51 12.23
N GLN L 36 29.99 50.26 12.37
CA GLN L 36 28.98 51.08 11.70
C GLN L 36 28.64 52.36 12.47
N LEU L 37 27.99 52.26 13.63
CA LEU L 37 27.62 53.46 14.38
C LEU L 37 28.84 54.25 14.88
N LEU L 38 29.98 53.59 15.03
CA LEU L 38 31.23 54.29 15.30
C LEU L 38 31.85 54.81 14.02
N ALA L 39 31.28 54.43 12.87
CA ALA L 39 31.79 54.80 11.56
C ALA L 39 33.25 54.40 11.39
N ALA L 40 33.62 53.28 12.00
CA ALA L 40 34.96 52.75 11.87
C ALA L 40 35.15 52.07 10.53
N ASP L 41 36.39 52.02 10.05
CA ASP L 41 36.72 51.22 8.87
C ASP L 41 36.58 49.73 9.15
N ARG L 42 36.81 49.33 10.40
CA ARG L 42 36.85 47.92 10.78
C ARG L 42 36.96 47.74 12.30
N CYS L 43 36.98 46.49 12.77
CA CYS L 43 37.02 46.16 14.20
C CYS L 43 37.66 44.79 14.46
N SER L 44 37.83 44.43 15.74
CA SER L 44 38.32 43.09 16.09
C SER L 44 38.04 42.67 17.54
N MET L 45 38.04 41.36 17.79
CA MET L 45 37.86 40.81 19.14
C MET L 45 38.77 39.61 19.45
N PHE L 46 39.26 39.57 20.69
CA PHE L 46 40.06 38.45 21.14
C PHE L 46 39.32 37.71 22.25
N ILE L 47 39.32 36.39 22.21
CA ILE L 47 38.91 35.61 23.37
C ILE L 47 39.99 35.79 24.43
N CYS L 48 39.62 35.77 25.70
CA CYS L 48 40.61 35.89 26.75
C CYS L 48 40.63 34.60 27.58
N ARG L 49 40.56 33.47 26.88
CA ARG L 49 40.26 32.20 27.55
C ARG L 49 41.37 31.78 28.52
N SER L 50 40.97 31.28 29.69
CA SER L 50 41.92 30.97 30.76
C SER L 50 42.77 29.74 30.49
N ARG L 51 44.02 29.79 30.94
CA ARG L 51 44.87 28.61 31.01
C ARG L 51 46.05 28.87 31.95
N ASN L 52 46.47 27.83 32.67
CA ASN L 52 47.52 27.95 33.69
C ASN L 52 47.10 28.93 34.79
N GLY L 53 45.79 29.11 34.94
CA GLY L 53 45.24 30.00 35.95
C GLY L 53 45.26 31.43 35.46
N ILE L 54 45.81 31.62 34.27
CA ILE L 54 45.96 32.95 33.68
C ILE L 54 45.15 33.06 32.38
N PRO L 55 44.17 33.97 32.36
CA PRO L 55 43.45 34.18 31.10
C PRO L 55 44.40 34.68 30.02
N GLU L 56 44.19 34.23 28.78
CA GLU L 56 45.04 34.67 27.69
C GLU L 56 44.19 35.24 26.57
N VAL L 57 44.57 36.44 26.13
CA VAL L 57 43.76 37.21 25.20
C VAL L 57 44.12 36.82 23.77
N ALA L 58 43.93 35.54 23.46
CA ALA L 58 44.17 35.02 22.12
C ALA L 58 43.20 35.63 21.14
N THR L 59 43.71 36.01 19.97
CA THR L 59 42.87 36.65 18.96
C THR L 59 41.80 35.71 18.41
N ARG L 60 40.60 36.24 18.18
CA ARG L 60 39.58 35.46 17.49
C ARG L 60 39.15 36.16 16.21
N LEU L 61 38.12 36.98 16.33
CA LEU L 61 37.69 37.81 15.22
C LEU L 61 38.81 38.79 14.86
N LEU L 62 39.12 38.90 13.57
CA LEU L 62 40.24 39.72 13.11
C LEU L 62 39.95 40.30 11.74
N ASN L 63 40.41 41.53 11.52
CA ASN L 63 40.08 42.28 10.31
C ASN L 63 38.57 42.35 10.10
N VAL L 64 37.82 42.30 11.19
CA VAL L 64 36.39 42.48 11.11
C VAL L 64 36.14 43.90 10.65
N THR L 65 35.25 44.05 9.68
CA THR L 65 35.00 45.33 9.02
C THR L 65 33.72 45.81 9.73
N PRO L 66 32.99 46.79 9.16
CA PRO L 66 31.58 46.68 9.55
C PRO L 66 30.93 45.39 9.03
N THR L 67 31.75 44.46 8.54
CA THR L 67 31.35 43.12 8.14
C THR L 67 32.45 42.11 8.43
N SER L 68 33.10 41.68 7.35
CA SER L 68 34.11 40.64 7.37
C SER L 68 33.55 39.35 7.95
N LYS L 69 33.34 38.38 7.07
CA LYS L 69 32.61 37.16 7.39
C LYS L 69 33.26 36.41 8.56
N PHE L 70 32.44 35.82 9.41
CA PHE L 70 32.95 35.08 10.56
C PHE L 70 33.80 33.92 10.10
N GLU L 71 33.46 33.37 8.93
CA GLU L 71 34.24 32.32 8.32
C GLU L 71 35.63 32.83 7.95
N ASP L 72 35.69 34.09 7.54
CA ASP L 72 36.95 34.74 7.21
C ASP L 72 37.84 34.94 8.43
N ASN L 73 37.21 35.09 9.59
CA ASN L 73 37.92 35.45 10.81
C ASN L 73 38.35 34.26 11.67
N LEU L 74 38.05 33.05 11.22
CA LEU L 74 38.28 31.85 12.02
C LEU L 74 39.75 31.43 11.98
N VAL L 75 40.59 32.16 12.71
CA VAL L 75 42.01 31.86 12.78
C VAL L 75 42.28 30.59 13.57
N ASN L 76 43.27 29.81 13.13
CA ASN L 76 43.69 28.61 13.81
C ASN L 76 44.26 28.95 15.19
N PRO L 77 43.79 28.27 16.24
CA PRO L 77 44.27 28.50 17.60
C PRO L 77 45.78 28.32 17.75
N ASP L 78 46.36 27.41 16.99
CA ASP L 78 47.81 27.29 16.93
C ASP L 78 48.47 28.50 16.29
N LYS L 79 47.74 29.14 15.36
CA LYS L 79 48.29 30.27 14.61
C LYS L 79 47.81 31.61 15.14
N GLU L 80 46.81 31.61 16.02
CA GLU L 80 46.26 32.86 16.53
C GLU L 80 47.29 33.60 17.38
N THR L 81 47.29 34.92 17.28
CA THR L 81 48.08 35.74 18.18
C THR L 81 47.51 35.60 19.58
N VAL L 82 48.37 35.48 20.59
CA VAL L 82 47.92 35.25 21.95
C VAL L 82 48.59 36.20 22.94
N PHE L 83 47.81 37.06 23.56
CA PHE L 83 48.33 38.03 24.52
C PHE L 83 48.21 37.60 25.98
N PRO L 84 49.36 37.48 26.67
CA PRO L 84 49.45 37.37 28.14
C PRO L 84 49.09 38.70 28.79
N LEU L 85 48.75 38.67 30.08
CA LEU L 85 48.23 39.85 30.76
C LEU L 85 49.17 41.06 30.70
N ASP L 86 50.47 40.80 30.57
CA ASP L 86 51.47 41.85 30.52
C ASP L 86 51.68 42.48 29.13
N ILE L 87 51.09 41.90 28.09
CA ILE L 87 51.30 42.40 26.73
C ILE L 87 50.03 42.93 26.06
N GLY L 88 50.09 44.16 25.57
CA GLY L 88 48.99 44.77 24.85
C GLY L 88 47.98 45.40 25.79
N ILE L 89 47.12 46.27 25.28
CA ILE L 89 46.04 46.81 26.11
C ILE L 89 44.92 45.78 26.14
N ALA L 90 45.01 44.76 25.29
CA ALA L 90 44.07 43.67 25.39
C ALA L 90 44.25 42.94 26.73
N GLY L 91 45.51 42.60 27.01
CA GLY L 91 45.83 41.94 28.25
C GLY L 91 45.91 42.92 29.41
N TRP L 92 45.96 44.21 29.08
CA TRP L 92 46.00 45.24 30.11
C TRP L 92 44.59 45.54 30.63
N VAL L 93 43.62 45.58 29.73
CA VAL L 93 42.21 45.62 30.11
C VAL L 93 41.86 44.30 30.79
N ALA L 94 42.53 43.23 30.35
CA ALA L 94 42.38 41.96 31.05
C ALA L 94 43.01 42.04 32.45
N HIS L 95 43.93 42.99 32.63
CA HIS L 95 44.68 43.12 33.87
C HIS L 95 44.12 44.19 34.81
N THR L 96 43.23 45.04 34.30
CA THR L 96 42.77 46.21 35.02
C THR L 96 41.25 46.37 35.00
N LYS L 97 40.66 46.11 33.85
CA LYS L 97 39.20 46.11 33.68
C LYS L 97 38.52 47.46 33.93
N LYS L 98 39.31 48.52 34.06
CA LYS L 98 38.73 49.86 34.08
C LYS L 98 38.31 50.21 32.65
N PHE L 99 37.21 50.93 32.50
CA PHE L 99 36.80 51.37 31.16
C PHE L 99 37.86 52.31 30.61
N PHE L 100 38.24 52.10 29.35
CA PHE L 100 39.38 52.82 28.80
C PHE L 100 39.12 53.49 27.45
N ASN L 101 38.87 54.79 27.47
CA ASN L 101 39.09 55.60 26.29
C ASN L 101 40.60 55.59 26.05
N ILE L 102 41.00 55.35 24.80
CA ILE L 102 42.42 55.35 24.46
C ILE L 102 42.59 56.18 23.20
N PRO L 103 42.64 57.50 23.37
CA PRO L 103 42.62 58.50 22.30
C PRO L 103 43.75 58.32 21.32
N ASP L 104 44.89 57.83 21.81
CA ASP L 104 46.01 57.50 20.95
C ASP L 104 46.82 56.40 21.62
N VAL L 105 46.79 55.19 21.04
CA VAL L 105 47.54 54.07 21.58
C VAL L 105 49.03 54.36 21.53
N LYS L 106 49.41 55.24 20.61
CA LYS L 106 50.79 55.68 20.46
C LYS L 106 51.24 56.46 21.70
N LYS L 107 50.29 57.10 22.38
CA LYS L 107 50.57 57.86 23.59
C LYS L 107 49.97 57.17 24.81
N ASN L 108 48.69 56.84 24.73
CA ASN L 108 48.04 56.04 25.75
C ASN L 108 48.47 54.59 25.53
N ASN L 109 49.70 54.29 25.91
CA ASN L 109 50.38 53.08 25.49
C ASN L 109 49.93 51.79 26.17
N HIS L 110 50.91 50.92 26.44
CA HIS L 110 50.73 49.52 26.86
C HIS L 110 50.26 48.66 25.69
N PHE L 111 49.83 49.30 24.61
CA PHE L 111 49.27 48.60 23.46
C PHE L 111 50.31 47.80 22.71
N SER L 112 49.91 46.62 22.22
CA SER L 112 50.75 45.81 21.37
C SER L 112 50.38 46.02 19.91
N ASP L 113 51.29 46.61 19.14
CA ASP L 113 51.01 46.94 17.75
C ASP L 113 51.29 45.75 16.83
N TYR L 114 51.58 44.60 17.43
CA TYR L 114 51.72 43.35 16.69
C TYR L 114 50.39 42.97 16.05
N LEU L 115 49.31 43.52 16.59
CA LEU L 115 47.98 43.32 16.02
C LEU L 115 47.93 43.85 14.60
N ASP L 116 48.69 44.90 14.35
CA ASP L 116 48.84 45.44 13.01
C ASP L 116 49.52 44.42 12.10
N LYS L 117 50.40 43.61 12.69
CA LYS L 117 51.11 42.59 11.93
C LYS L 117 50.17 41.44 11.58
N LYS L 118 49.47 40.93 12.60
CA LYS L 118 48.57 39.80 12.42
C LYS L 118 47.37 40.14 11.54
N THR L 119 46.90 41.37 11.61
CA THR L 119 45.69 41.77 10.89
C THR L 119 46.01 42.47 9.57
N GLY L 120 47.12 43.18 9.51
CA GLY L 120 47.48 43.98 8.35
C GLY L 120 46.82 45.34 8.41
N TYR L 121 46.03 45.52 9.47
CA TYR L 121 45.43 46.81 9.79
C TYR L 121 46.46 47.78 10.37
N THR L 122 46.22 49.09 10.22
CA THR L 122 47.11 50.09 10.80
C THR L 122 46.46 50.79 12.01
N THR L 123 46.94 50.44 13.22
CA THR L 123 46.38 50.97 14.45
C THR L 123 46.70 52.46 14.66
N VAL L 124 45.74 53.20 15.18
CA VAL L 124 45.95 54.60 15.55
C VAL L 124 45.47 54.87 16.98
N ASN L 125 44.25 54.43 17.27
CA ASN L 125 43.64 54.64 18.58
C ASN L 125 42.64 53.53 18.92
N MET L 126 42.19 53.47 20.17
CA MET L 126 41.36 52.33 20.58
C MET L 126 40.53 52.69 21.82
N MET L 127 39.60 51.82 22.20
CA MET L 127 38.87 51.91 23.46
C MET L 127 38.55 50.50 23.94
N ALA L 128 38.20 50.33 25.21
CA ALA L 128 37.87 48.98 25.71
C ALA L 128 37.06 48.95 27.02
N ILE L 129 36.30 47.88 27.20
CA ILE L 129 35.62 47.58 28.47
C ILE L 129 35.80 46.08 28.74
N PRO L 130 35.91 45.67 30.02
CA PRO L 130 36.06 44.25 30.40
C PRO L 130 34.89 43.33 30.06
N ILE L 131 35.20 42.07 29.74
CA ILE L 131 34.19 41.04 29.46
C ILE L 131 34.56 39.70 30.10
N THR L 132 33.69 39.18 30.95
CA THR L 132 34.03 38.04 31.80
C THR L 132 32.96 36.96 31.92
N GLN L 133 33.41 35.71 32.12
CA GLN L 133 32.56 34.57 32.47
C GLN L 133 33.19 33.76 33.59
N GLY L 134 32.40 33.48 34.63
CA GLY L 134 32.93 32.81 35.80
C GLY L 134 33.96 33.72 36.42
N LYS L 135 34.97 33.14 37.06
CA LYS L 135 36.12 33.93 37.48
C LYS L 135 36.93 34.36 36.26
N GLU L 136 36.78 33.61 35.17
CA GLU L 136 37.59 33.80 33.97
C GLU L 136 37.22 35.06 33.19
N VAL L 137 38.20 35.66 32.53
CA VAL L 137 37.94 36.70 31.54
C VAL L 137 37.75 35.99 30.19
N LEU L 138 36.90 36.50 29.31
CA LEU L 138 36.69 35.80 28.03
C LEU L 138 36.75 36.64 26.76
N ALA L 139 36.81 37.96 26.87
CA ALA L 139 36.81 38.77 25.65
C ALA L 139 37.42 40.17 25.80
N VAL L 140 37.96 40.67 24.68
CA VAL L 140 38.44 42.04 24.55
C VAL L 140 38.03 42.54 23.16
N VAL L 141 37.56 43.79 23.06
CA VAL L 141 36.98 44.30 21.82
C VAL L 141 37.52 45.68 21.44
N MET L 142 37.78 45.90 20.14
CA MET L 142 38.29 47.19 19.70
C MET L 142 37.76 47.67 18.33
N ALA L 143 37.45 48.96 18.28
CA ALA L 143 37.17 49.68 17.03
C ALA L 143 38.46 50.06 16.32
N LEU L 144 38.41 50.22 15.00
CA LEU L 144 39.61 50.45 14.19
C LEU L 144 39.38 51.44 13.03
N ASN L 145 40.31 52.37 12.84
CA ASN L 145 40.25 53.45 11.84
C ASN L 145 38.89 54.12 11.60
N LYS L 146 38.70 55.30 12.17
CA LYS L 146 37.52 56.13 11.89
C LYS L 146 37.51 56.54 10.42
N LEU L 147 36.34 56.50 9.80
CA LEU L 147 36.23 56.79 8.37
C LEU L 147 36.27 58.29 8.05
N ASN L 148 35.55 59.08 8.83
CA ASN L 148 35.31 60.47 8.48
C ASN L 148 36.25 61.47 9.14
N ALA L 149 36.80 61.10 10.29
CA ALA L 149 37.57 62.02 11.09
C ALA L 149 38.63 61.31 11.92
N SER L 150 39.51 62.09 12.53
CA SER L 150 40.58 61.53 13.37
C SER L 150 40.09 60.86 14.65
N GLU L 151 38.96 61.32 15.19
CA GLU L 151 38.54 60.86 16.51
C GLU L 151 37.05 60.95 16.80
N PHE L 152 36.60 60.16 17.79
CA PHE L 152 35.22 60.19 18.27
C PHE L 152 34.93 61.44 19.09
N SER L 153 33.68 61.88 19.07
CA SER L 153 33.18 62.75 20.13
C SER L 153 32.42 61.87 21.12
N LYS L 154 31.97 62.46 22.22
CA LYS L 154 31.56 61.69 23.40
C LYS L 154 30.42 60.69 23.19
N GLU L 155 29.44 61.04 22.36
CA GLU L 155 28.31 60.14 22.14
C GLU L 155 28.70 58.91 21.33
N ASP L 156 29.76 59.00 20.54
CA ASP L 156 30.31 57.80 19.93
C ASP L 156 30.91 56.88 20.98
N GLU L 157 31.47 57.46 22.03
CA GLU L 157 31.95 56.65 23.15
C GLU L 157 30.75 56.01 23.82
N GLU L 158 29.63 56.73 23.79
CA GLU L 158 28.36 56.19 24.27
C GLU L 158 27.93 55.01 23.41
N VAL L 159 28.20 55.07 22.10
CA VAL L 159 27.92 53.95 21.21
C VAL L 159 28.85 52.78 21.53
N PHE L 160 30.07 53.12 21.94
CA PHE L 160 31.09 52.11 22.20
C PHE L 160 30.67 51.28 23.41
N LYS L 161 30.19 51.95 24.45
CA LYS L 161 29.58 51.25 25.56
C LYS L 161 28.31 50.55 25.09
N LYS L 162 27.62 51.18 24.14
CA LYS L 162 26.31 50.75 23.66
C LYS L 162 26.36 49.35 23.08
N TYR L 163 27.48 48.98 22.46
CA TYR L 163 27.55 47.63 21.93
C TYR L 163 28.64 46.74 22.55
N LEU L 164 29.65 47.32 23.16
CA LEU L 164 30.54 46.47 23.95
C LEU L 164 29.86 45.93 25.19
N ASN L 165 28.86 46.65 25.72
CA ASN L 165 28.08 46.07 26.81
C ASN L 165 27.32 44.84 26.32
N PHE L 166 26.88 44.88 25.07
CA PHE L 166 26.16 43.76 24.48
C PHE L 166 27.09 42.60 24.18
N ILE L 167 28.31 42.91 23.73
CA ILE L 167 29.31 41.87 23.52
C ILE L 167 29.65 41.24 24.86
N SER L 168 29.60 42.06 25.91
CA SER L 168 29.77 41.55 27.26
C SER L 168 28.63 40.59 27.55
N LEU L 169 27.43 40.94 27.10
CA LEU L 169 26.26 40.09 27.32
C LEU L 169 26.25 38.76 26.55
N VAL L 170 26.88 38.74 25.38
CA VAL L 170 26.75 37.56 24.51
C VAL L 170 27.68 36.39 24.88
N LEU L 171 28.96 36.67 25.13
CA LEU L 171 29.90 35.61 25.43
C LEU L 171 29.87 35.19 26.89
N ARG L 172 28.67 34.86 27.37
CA ARG L 172 28.47 34.43 28.75
C ARG L 172 27.37 33.38 28.84
#